data_7CSO
#
_entry.id   7CSO
#
_cell.length_a   144.444
_cell.length_b   144.444
_cell.length_c   290.518
_cell.angle_alpha   90.000
_cell.angle_beta   90.000
_cell.angle_gamma   120.000
#
_symmetry.space_group_name_H-M   'P 31 1 2'
#
loop_
_entity.id
_entity.type
_entity.pdbx_description
1 polymer 'Rho guanine nucleotide exchange factor 16'
2 non-polymer 'SULFATE ION'
3 water water
#
_entity_poly.entity_id   1
_entity_poly.type   'polypeptide(L)'
_entity_poly.pdbx_seq_one_letter_code
;GPGSGPRPAQLTWSQLPEVLESGVLDTLSTEERKRQEAIFEILTSEFSYLHSLSILVTEFLQSRELRATMTQTEHHHLFS
NILDVMSASQKFFEALEQRHKAQVCVEDISDILEDHAQHHFHPYIAYCSNEVYQQRTLQKLSNSNAAFRDVLKEIEKRPA
CGGLPMISFLILPMQRVTRLPLLTDTLCLKTQGHPERYKAASQALKAISKLVKQCNEGAHKMERTEQIYTLNMQLDFGKV
KSLPLISASRWLLKRGELFLLEESSIFRKIASRPTCYLFLFNDVLVVTKKKSEESYLVQDYAQLDHVQVRKLEPSEPLLP
GGSSRSSSVPYPFQVNLLHNSEGRQEQILLSSDSASDRARWITALTYKERQWQGITNKGELPQVEVTKAYFAKQADEITL
QQADIVLVLQEEDGWLHGERLRDGETGWFPESFAHSITSRVAVEGNVRRMERLRVETDV
;
_entity_poly.pdbx_strand_id   A,B,C,D
#
loop_
_chem_comp.id
_chem_comp.type
_chem_comp.name
_chem_comp.formula
SO4 non-polymer 'SULFATE ION' 'O4 S -2'
#
# COMPACT_ATOMS: atom_id res chain seq x y z
N GLN A 10 22.06 63.52 28.98
CA GLN A 10 22.75 64.78 29.22
C GLN A 10 23.94 64.61 30.17
N LEU A 11 23.77 63.97 31.33
CA LEU A 11 24.90 63.81 32.24
C LEU A 11 25.78 62.64 31.79
N THR A 12 27.07 62.90 31.72
CA THR A 12 28.07 61.86 31.47
C THR A 12 28.37 61.12 32.76
N TRP A 13 29.02 59.96 32.62
CA TRP A 13 29.36 59.14 33.77
C TRP A 13 30.09 59.94 34.82
N SER A 14 31.08 60.74 34.40
CA SER A 14 31.85 61.53 35.35
C SER A 14 31.01 62.60 36.04
N GLN A 15 29.78 62.86 35.57
CA GLN A 15 28.94 63.86 36.20
C GLN A 15 27.89 63.28 37.15
N LEU A 16 27.76 61.96 37.22
CA LEU A 16 26.74 61.35 38.06
C LEU A 16 26.98 61.68 39.53
N PRO A 17 25.94 61.88 40.34
CA PRO A 17 26.19 62.33 41.71
C PRO A 17 26.96 61.30 42.53
N GLU A 18 26.76 60.01 42.25
CA GLU A 18 27.47 59.01 43.02
C GLU A 18 28.97 59.01 42.70
N VAL A 19 29.34 59.22 41.43
CA VAL A 19 30.77 59.21 41.09
C VAL A 19 31.44 60.44 41.68
N LEU A 20 30.77 61.59 41.64
CA LEU A 20 31.31 62.79 42.29
C LEU A 20 31.44 62.57 43.79
N GLU A 21 30.43 61.93 44.40
CA GLU A 21 30.49 61.72 45.84
C GLU A 21 31.62 60.76 46.21
N SER A 22 31.87 59.76 45.39
CA SER A 22 32.89 58.76 45.67
C SER A 22 34.29 59.36 45.76
N GLY A 23 34.51 60.53 45.15
CA GLY A 23 35.84 61.10 45.11
C GLY A 23 36.82 60.35 44.23
N VAL A 24 36.35 59.35 43.48
CA VAL A 24 37.27 58.54 42.68
C VAL A 24 37.95 59.34 41.59
N LEU A 25 37.38 60.49 41.20
CA LEU A 25 37.92 61.24 40.07
C LEU A 25 39.26 61.86 40.38
N ASP A 26 39.56 62.12 41.66
CA ASP A 26 40.82 62.78 42.01
C ASP A 26 42.03 61.97 41.61
N THR A 27 41.90 60.64 41.58
CA THR A 27 43.04 59.77 41.28
C THR A 27 42.84 58.92 40.03
N LEU A 28 41.61 58.80 39.52
CA LEU A 28 41.34 57.99 38.35
C LEU A 28 42.18 58.44 37.16
N SER A 29 42.73 57.47 36.43
CA SER A 29 43.46 57.78 35.20
C SER A 29 42.49 58.21 34.10
N THR A 30 43.01 58.98 33.14
CA THR A 30 42.17 59.44 32.04
C THR A 30 41.69 58.26 31.20
N GLU A 31 42.51 57.21 31.08
CA GLU A 31 42.07 56.01 30.38
C GLU A 31 40.97 55.25 31.13
N GLU A 32 41.07 55.14 32.45
CA GLU A 32 39.99 54.45 33.16
C GLU A 32 38.73 55.30 33.18
N ARG A 33 38.87 56.62 33.26
CA ARG A 33 37.72 57.50 33.08
C ARG A 33 37.03 57.24 31.74
N LYS A 34 37.79 57.32 30.64
CA LYS A 34 37.18 57.11 29.33
C LYS A 34 36.56 55.72 29.20
N ARG A 35 37.14 54.70 29.83
CA ARG A 35 36.57 53.35 29.74
C ARG A 35 35.22 53.28 30.43
N GLN A 36 35.08 53.97 31.57
CA GLN A 36 33.79 54.04 32.28
C GLN A 36 32.77 54.81 31.46
N GLU A 37 33.20 55.87 30.77
CA GLU A 37 32.28 56.57 29.87
C GLU A 37 31.84 55.67 28.73
N ALA A 38 32.76 54.83 28.22
CA ALA A 38 32.40 53.92 27.15
C ALA A 38 31.38 52.90 27.63
N ILE A 39 31.57 52.37 28.84
CA ILE A 39 30.59 51.47 29.41
C ILE A 39 29.27 52.18 29.60
N PHE A 40 29.31 53.41 30.09
CA PHE A 40 28.08 54.14 30.39
C PHE A 40 27.28 54.40 29.13
N GLU A 41 27.95 54.71 28.01
CA GLU A 41 27.20 55.07 26.83
C GLU A 41 26.48 53.87 26.22
N ILE A 42 27.04 52.66 26.32
CA ILE A 42 26.30 51.47 25.93
C ILE A 42 25.03 51.35 26.76
N LEU A 43 25.11 51.67 28.06
CA LEU A 43 23.96 51.57 28.97
C LEU A 43 22.87 52.59 28.62
N THR A 44 23.24 53.86 28.46
CA THR A 44 22.21 54.87 28.27
C THR A 44 21.63 54.77 26.87
N SER A 45 22.44 54.39 25.87
CA SER A 45 21.90 54.30 24.52
C SER A 45 20.99 53.10 24.40
N GLU A 46 21.28 52.04 25.14
CA GLU A 46 20.37 50.90 25.16
C GLU A 46 19.03 51.28 25.79
N PHE A 47 19.04 52.03 26.89
CA PHE A 47 17.78 52.38 27.53
C PHE A 47 16.93 53.27 26.63
N SER A 48 17.56 54.28 26.03
CA SER A 48 16.86 55.16 25.10
C SER A 48 16.23 54.37 23.96
N TYR A 49 16.96 53.39 23.43
CA TYR A 49 16.42 52.51 22.39
C TYR A 49 15.27 51.67 22.93
N LEU A 50 15.49 51.03 24.09
CA LEU A 50 14.45 50.21 24.72
C LEU A 50 13.19 51.05 24.99
N HIS A 51 13.35 52.26 25.50
CA HIS A 51 12.20 53.11 25.74
C HIS A 51 11.43 53.39 24.45
N SER A 52 12.15 53.66 23.36
CA SER A 52 11.48 53.86 22.08
C SER A 52 10.77 52.59 21.62
N LEU A 53 11.35 51.43 21.84
CA LEU A 53 10.68 50.19 21.45
C LEU A 53 9.37 50.04 22.21
N SER A 54 9.33 50.45 23.48
CA SER A 54 8.11 50.25 24.24
C SER A 54 7.01 51.14 23.72
N ILE A 55 7.36 52.33 23.21
CA ILE A 55 6.36 53.17 22.55
C ILE A 55 5.84 52.49 21.29
N LEU A 56 6.75 51.93 20.48
CA LEU A 56 6.33 51.23 19.28
C LEU A 56 5.35 50.13 19.62
N VAL A 57 5.67 49.34 20.65
CA VAL A 57 4.83 48.23 21.09
C VAL A 57 3.49 48.72 21.61
N THR A 58 3.52 49.69 22.53
CA THR A 58 2.29 50.12 23.19
C THR A 58 1.37 50.86 22.24
N GLU A 59 1.92 51.79 21.45
CA GLU A 59 1.07 52.67 20.66
C GLU A 59 0.71 52.09 19.29
N PHE A 60 1.59 51.33 18.65
CA PHE A 60 1.27 50.83 17.32
C PHE A 60 0.94 49.35 17.33
N LEU A 61 1.86 48.50 17.81
CA LEU A 61 1.64 47.06 17.75
C LEU A 61 0.37 46.67 18.48
N GLN A 62 0.11 47.27 19.64
CA GLN A 62 -1.01 46.92 20.49
C GLN A 62 -2.22 47.84 20.28
N SER A 63 -2.24 48.63 19.21
CA SER A 63 -3.43 49.40 18.86
C SER A 63 -4.47 48.47 18.25
N ARG A 64 -5.60 48.28 18.96
CA ARG A 64 -6.70 47.49 18.40
C ARG A 64 -7.23 48.16 17.15
N GLU A 65 -7.35 49.47 17.20
CA GLU A 65 -7.94 50.20 16.09
C GLU A 65 -7.08 50.07 14.83
N LEU A 66 -5.75 50.06 14.95
CA LEU A 66 -4.86 49.89 13.76
C LEU A 66 -4.91 48.45 13.21
N ARG A 67 -5.08 47.45 14.07
CA ARG A 67 -5.16 46.04 13.63
C ARG A 67 -6.43 45.81 12.82
N ALA A 68 -7.49 46.54 13.14
CA ALA A 68 -8.79 46.37 12.46
C ALA A 68 -8.76 46.84 11.01
N THR A 69 -7.81 47.69 10.66
CA THR A 69 -7.68 48.22 9.27
C THR A 69 -6.95 47.20 8.44
N MET A 70 -6.32 46.24 9.08
CA MET A 70 -5.42 45.30 8.40
C MET A 70 -5.89 43.87 8.53
N THR A 71 -5.13 42.96 7.95
CA THR A 71 -5.34 41.52 8.12
C THR A 71 -4.25 41.04 9.07
N GLN A 72 -4.31 39.80 9.51
CA GLN A 72 -3.32 39.21 10.44
C GLN A 72 -1.98 39.03 9.75
N THR A 73 -2.00 38.88 8.44
CA THR A 73 -0.78 38.65 7.64
C THR A 73 -0.04 39.97 7.46
N GLU A 74 -0.78 41.05 7.24
CA GLU A 74 -0.20 42.40 7.10
C GLU A 74 0.38 42.86 8.44
N HIS A 75 -0.26 42.48 9.55
CA HIS A 75 0.21 42.83 10.89
C HIS A 75 1.51 42.10 11.16
N HIS A 76 1.57 40.83 10.80
CA HIS A 76 2.83 40.06 10.95
C HIS A 76 3.92 40.68 10.11
N HIS A 77 3.63 41.03 8.87
CA HIS A 77 4.73 41.60 8.09
C HIS A 77 5.10 43.00 8.59
N LEU A 78 4.16 43.77 9.13
CA LEU A 78 4.45 45.16 9.56
C LEU A 78 5.27 45.17 10.85
N PHE A 79 4.93 44.32 11.78
CA PHE A 79 5.58 44.34 13.09
C PHE A 79 6.50 43.15 13.32
N SER A 80 6.37 42.08 12.56
CA SER A 80 7.33 40.98 12.62
C SER A 80 7.48 40.50 14.06
N ASN A 81 8.70 40.22 14.50
CA ASN A 81 8.95 39.73 15.84
C ASN A 81 9.47 40.84 16.77
N ILE A 82 8.88 42.04 16.68
CA ILE A 82 9.31 43.18 17.49
C ILE A 82 9.25 42.87 18.99
N LEU A 83 8.30 42.03 19.42
CA LEU A 83 8.19 41.68 20.83
C LEU A 83 9.41 40.89 21.31
N ASP A 84 9.89 39.95 20.49
CA ASP A 84 11.14 39.24 20.79
C ASP A 84 12.34 40.17 20.73
N VAL A 85 12.32 41.19 19.87
CA VAL A 85 13.44 42.13 19.85
C VAL A 85 13.45 42.96 21.13
N MET A 86 12.28 43.44 21.55
CA MET A 86 12.19 44.22 22.78
C MET A 86 12.56 43.38 24.00
N SER A 87 12.15 42.11 24.01
CA SER A 87 12.46 41.27 25.16
C SER A 87 13.97 41.03 25.27
N ALA A 88 14.65 40.79 24.15
CA ALA A 88 16.10 40.64 24.19
C ALA A 88 16.79 41.93 24.61
N SER A 89 16.31 43.06 24.12
CA SER A 89 16.87 44.34 24.54
C SER A 89 16.64 44.53 26.03
N GLN A 90 15.44 44.17 26.51
CA GLN A 90 15.16 44.38 27.93
C GLN A 90 16.10 43.55 28.81
N LYS A 91 16.27 42.26 28.49
CA LYS A 91 17.14 41.42 29.33
C LYS A 91 18.59 41.88 29.27
N PHE A 92 19.01 42.41 28.12
CA PHE A 92 20.37 42.93 27.95
C PHE A 92 20.57 44.20 28.77
N PHE A 93 19.64 45.15 28.67
CA PHE A 93 19.72 46.36 29.48
C PHE A 93 19.76 46.04 30.96
N GLU A 94 18.91 45.12 31.41
CA GLU A 94 18.82 44.82 32.84
C GLU A 94 20.14 44.25 33.36
N ALA A 95 20.80 43.40 32.56
CA ALA A 95 22.11 42.88 32.95
C ALA A 95 23.12 44.02 33.09
N LEU A 96 23.15 44.92 32.11
CA LEU A 96 24.03 46.08 32.19
C LEU A 96 23.69 46.94 33.39
N GLU A 97 22.41 47.10 33.68
CA GLU A 97 22.06 48.04 34.73
C GLU A 97 22.41 47.49 36.10
N GLN A 98 22.51 46.16 36.26
CA GLN A 98 22.94 45.64 37.55
C GLN A 98 24.41 45.90 37.77
N ARG A 99 25.22 45.84 36.73
CA ARG A 99 26.65 46.19 36.88
C ARG A 99 26.80 47.66 37.27
N HIS A 100 26.07 48.57 36.62
CA HIS A 100 26.15 50.02 36.91
C HIS A 100 25.68 50.35 38.33
N LYS A 101 24.59 49.76 38.78
CA LYS A 101 24.01 50.05 40.11
C LYS A 101 24.95 49.63 41.24
N ALA A 102 25.58 48.47 41.13
CA ALA A 102 26.43 47.89 42.20
C ALA A 102 27.71 48.64 42.53
N GLN A 103 28.40 49.19 41.53
CA GLN A 103 29.72 49.81 41.78
C GLN A 103 29.84 51.16 41.09
N VAL A 104 30.57 52.09 41.67
CA VAL A 104 30.82 53.41 41.04
C VAL A 104 31.64 53.19 39.78
N CYS A 105 32.63 52.32 39.84
CA CYS A 105 33.44 52.00 38.64
C CYS A 105 33.15 50.56 38.25
N VAL A 106 32.61 50.36 37.05
CA VAL A 106 32.24 49.00 36.59
C VAL A 106 33.52 48.30 36.12
N GLU A 107 33.73 47.10 36.64
CA GLU A 107 34.95 46.35 36.30
C GLU A 107 34.84 45.92 34.85
N ASP A 108 33.70 45.35 34.44
CA ASP A 108 33.65 44.85 33.08
C ASP A 108 32.21 44.58 32.69
N ILE A 109 31.91 44.73 31.39
CA ILE A 109 30.65 44.30 30.82
C ILE A 109 30.83 43.41 29.60
N SER A 110 32.08 43.12 29.20
CA SER A 110 32.30 42.39 27.96
C SER A 110 31.70 40.98 27.98
N ASP A 111 31.64 40.33 29.16
CA ASP A 111 30.96 39.04 29.21
C ASP A 111 29.49 39.17 28.84
N ILE A 112 28.85 40.26 29.27
CA ILE A 112 27.46 40.50 28.92
C ILE A 112 27.31 40.70 27.42
N LEU A 113 28.19 41.53 26.84
CA LEU A 113 28.13 41.81 25.40
C LEU A 113 28.32 40.55 24.59
N GLU A 114 29.37 39.78 24.89
CA GLU A 114 29.61 38.55 24.12
C GLU A 114 28.44 37.59 24.27
N ASP A 115 28.06 37.31 25.52
CA ASP A 115 27.00 36.35 25.78
C ASP A 115 25.72 36.69 24.99
N HIS A 116 25.23 37.92 25.15
CA HIS A 116 23.97 38.26 24.48
C HIS A 116 24.12 38.27 22.97
N ALA A 117 25.25 38.76 22.46
CA ALA A 117 25.45 38.70 21.02
C ALA A 117 25.51 37.27 20.52
N GLN A 118 26.03 36.34 21.33
CA GLN A 118 26.10 34.94 20.88
C GLN A 118 24.80 34.18 21.12
N HIS A 119 24.13 34.43 22.24
CA HIS A 119 23.07 33.54 22.69
C HIS A 119 21.69 34.15 22.81
N HIS A 120 21.56 35.47 22.74
CA HIS A 120 20.26 36.08 22.98
C HIS A 120 19.81 37.09 21.95
N PHE A 121 20.61 37.36 20.92
CA PHE A 121 20.25 38.38 19.94
C PHE A 121 19.77 37.79 18.62
N HIS A 122 19.50 36.48 18.59
CA HIS A 122 18.97 35.89 17.37
C HIS A 122 17.73 36.62 16.82
N PRO A 123 16.79 37.11 17.64
CA PRO A 123 15.65 37.82 17.04
C PRO A 123 16.02 39.02 16.20
N TYR A 124 17.21 39.60 16.37
CA TYR A 124 17.63 40.66 15.46
C TYR A 124 17.75 40.16 14.03
N ILE A 125 18.16 38.91 13.85
CA ILE A 125 18.35 38.37 12.51
C ILE A 125 17.02 38.28 11.78
N ALA A 126 15.98 37.78 12.45
CA ALA A 126 14.70 37.66 11.77
C ALA A 126 14.12 39.04 11.49
N TYR A 127 14.19 39.93 12.47
CA TYR A 127 13.66 41.28 12.29
C TYR A 127 14.33 41.97 11.10
N CYS A 128 15.66 41.97 11.07
CA CYS A 128 16.36 42.61 9.95
C CYS A 128 16.04 41.93 8.65
N SER A 129 15.98 40.61 8.65
CA SER A 129 15.69 39.84 7.42
C SER A 129 14.30 40.16 6.87
N ASN A 130 13.34 40.56 7.72
CA ASN A 130 11.97 40.85 7.31
C ASN A 130 11.81 42.25 6.69
N GLU A 131 12.82 43.09 6.71
CA GLU A 131 12.70 44.50 6.24
C GLU A 131 11.96 44.69 4.92
N VAL A 132 12.28 43.90 3.90
CA VAL A 132 11.64 44.03 2.56
C VAL A 132 10.12 43.97 2.69
N TYR A 133 9.59 43.04 3.46
CA TYR A 133 8.13 42.85 3.57
C TYR A 133 7.50 43.94 4.42
N GLN A 134 8.17 44.39 5.47
CA GLN A 134 7.70 45.51 6.30
C GLN A 134 7.55 46.75 5.42
N GLN A 135 8.52 46.98 4.55
CA GLN A 135 8.49 48.14 3.65
C GLN A 135 7.34 48.00 2.65
N ARG A 136 7.20 46.84 2.01
CA ARG A 136 6.14 46.66 1.01
C ARG A 136 4.77 46.73 1.67
N THR A 137 4.66 46.21 2.88
CA THR A 137 3.36 46.19 3.59
C THR A 137 2.97 47.61 3.96
N LEU A 138 3.92 48.40 4.45
CA LEU A 138 3.64 49.81 4.81
C LEU A 138 3.30 50.61 3.54
N GLN A 139 4.00 50.35 2.45
CA GLN A 139 3.74 51.08 1.20
C GLN A 139 2.30 50.80 0.75
N LYS A 140 1.92 49.54 0.73
CA LYS A 140 0.58 49.18 0.25
C LYS A 140 -0.49 49.76 1.16
N LEU A 141 -0.29 49.67 2.46
CA LEU A 141 -1.29 50.19 3.42
C LEU A 141 -1.41 51.70 3.24
N SER A 142 -0.29 52.38 3.09
CA SER A 142 -0.29 53.85 2.91
C SER A 142 -0.95 54.24 1.60
N ASN A 143 -0.63 53.54 0.53
CA ASN A 143 -1.19 53.83 -0.80
C ASN A 143 -2.66 53.47 -0.95
N SER A 144 -3.10 52.34 -0.40
CA SER A 144 -4.46 51.85 -0.71
C SER A 144 -5.41 51.65 0.47
N ASN A 145 -5.00 51.95 1.70
CA ASN A 145 -5.89 51.65 2.85
C ASN A 145 -6.22 52.95 3.57
N ALA A 146 -7.39 53.49 3.31
CA ALA A 146 -7.72 54.80 3.88
C ALA A 146 -7.92 54.72 5.38
N ALA A 147 -8.57 53.66 5.86
CA ALA A 147 -8.76 53.49 7.31
C ALA A 147 -7.42 53.42 8.02
N PHE A 148 -6.42 52.76 7.43
CA PHE A 148 -5.08 52.68 8.03
C PHE A 148 -4.48 54.08 8.13
N ARG A 149 -4.59 54.88 7.09
CA ARG A 149 -4.00 56.23 7.08
C ARG A 149 -4.62 57.08 8.18
N ASP A 150 -5.92 56.93 8.40
CA ASP A 150 -6.60 57.74 9.41
C ASP A 150 -6.18 57.34 10.82
N VAL A 151 -6.29 56.06 11.15
CA VAL A 151 -5.88 55.61 12.46
C VAL A 151 -4.41 55.91 12.70
N LEU A 152 -3.57 55.65 11.70
CA LEU A 152 -2.14 55.92 11.86
C LEU A 152 -1.91 57.38 12.17
N LYS A 153 -2.59 58.27 11.45
CA LYS A 153 -2.42 59.70 11.65
C LYS A 153 -2.84 60.12 13.05
N GLU A 154 -3.92 59.51 13.58
CA GLU A 154 -4.35 59.87 14.93
C GLU A 154 -3.39 59.36 15.98
N ILE A 155 -2.82 58.16 15.80
CA ILE A 155 -1.86 57.66 16.79
C ILE A 155 -0.63 58.55 16.84
N GLU A 156 -0.18 59.03 15.68
CA GLU A 156 1.07 59.76 15.63
C GLU A 156 0.94 61.14 16.27
N LYS A 157 -0.28 61.69 16.38
CA LYS A 157 -0.46 62.93 17.13
C LYS A 157 -0.31 62.74 18.63
N ARG A 158 -0.41 61.52 19.13
CA ARG A 158 -0.35 61.30 20.57
C ARG A 158 1.01 61.74 21.10
N PRO A 159 1.05 62.44 22.22
CA PRO A 159 2.34 62.88 22.78
C PRO A 159 3.36 61.77 22.96
N ALA A 160 2.91 60.55 23.24
CA ALA A 160 3.86 59.48 23.55
C ALA A 160 4.84 59.25 22.41
N CYS A 161 4.45 59.59 21.18
CA CYS A 161 5.31 59.38 20.02
C CYS A 161 6.40 60.42 19.89
N GLY A 162 6.28 61.54 20.59
CA GLY A 162 7.31 62.58 20.56
C GLY A 162 7.51 63.21 19.21
N GLY A 163 6.48 63.25 18.37
CA GLY A 163 6.60 63.79 17.02
C GLY A 163 7.19 62.85 15.99
N LEU A 164 7.46 61.61 16.36
CA LEU A 164 8.10 60.76 15.37
C LEU A 164 7.07 59.85 14.70
N PRO A 165 7.22 59.55 13.41
CA PRO A 165 6.29 58.66 12.73
C PRO A 165 6.61 57.19 13.03
N MET A 166 5.62 56.33 12.75
CA MET A 166 5.77 54.89 13.02
C MET A 166 7.00 54.30 12.35
N ILE A 167 7.30 54.72 11.11
CA ILE A 167 8.42 54.13 10.37
C ILE A 167 9.75 54.37 11.09
N SER A 168 9.90 55.52 11.75
CA SER A 168 11.17 55.75 12.44
C SER A 168 11.33 54.83 13.64
N PHE A 169 10.23 54.43 14.27
CA PHE A 169 10.31 53.42 15.33
C PHE A 169 10.65 52.04 14.76
N LEU A 170 10.05 51.70 13.61
CA LEU A 170 10.19 50.35 13.05
C LEU A 170 11.63 50.04 12.63
N ILE A 171 12.41 51.07 12.27
CA ILE A 171 13.77 50.79 11.83
C ILE A 171 14.78 50.91 12.97
N LEU A 172 14.33 51.19 14.19
CA LEU A 172 15.27 51.34 15.30
C LEU A 172 16.10 50.09 15.54
N PRO A 173 15.57 48.87 15.47
CA PRO A 173 16.43 47.71 15.69
C PRO A 173 17.53 47.56 14.67
N MET A 174 17.28 47.87 13.39
CA MET A 174 18.36 47.80 12.42
C MET A 174 19.43 48.84 12.74
N GLN A 175 19.02 50.04 13.14
CA GLN A 175 20.00 51.06 13.50
C GLN A 175 20.76 50.67 14.75
N ARG A 176 20.08 50.13 15.75
CA ARG A 176 20.73 49.77 16.99
C ARG A 176 21.78 48.70 16.79
N VAL A 177 21.45 47.62 16.06
CA VAL A 177 22.38 46.51 15.99
C VAL A 177 23.64 46.92 15.25
N THR A 178 23.54 47.82 14.27
CA THR A 178 24.74 48.24 13.54
C THR A 178 25.56 49.25 14.31
N ARG A 179 25.04 49.75 15.43
CA ARG A 179 25.81 50.65 16.26
C ARG A 179 26.57 49.94 17.37
N LEU A 180 26.09 48.77 17.81
CA LEU A 180 26.78 48.04 18.86
C LEU A 180 28.26 47.76 18.55
N PRO A 181 28.67 47.36 17.34
CA PRO A 181 30.12 47.17 17.13
C PRO A 181 30.90 48.47 17.25
N LEU A 182 30.32 49.62 16.86
CA LEU A 182 31.02 50.88 17.05
C LEU A 182 31.21 51.17 18.53
N LEU A 183 30.19 50.91 19.33
CA LEU A 183 30.30 51.15 20.77
C LEU A 183 31.21 50.14 21.42
N THR A 184 31.18 48.88 20.96
CA THR A 184 32.09 47.88 21.50
C THR A 184 33.53 48.15 21.07
N ASP A 185 33.73 48.69 19.87
CA ASP A 185 35.11 48.99 19.45
C ASP A 185 35.70 50.09 20.33
N THR A 186 34.92 51.14 20.61
CA THR A 186 35.38 52.16 21.54
C THR A 186 35.76 51.56 22.89
N LEU A 187 34.92 50.67 23.40
CA LEU A 187 35.21 50.02 24.68
C LEU A 187 36.52 49.25 24.64
N CYS A 188 36.78 48.54 23.53
CA CYS A 188 38.07 47.85 23.38
C CYS A 188 39.23 48.82 23.49
N LEU A 189 39.16 49.91 22.73
CA LEU A 189 40.20 50.93 22.71
C LEU A 189 40.49 51.46 24.12
N LYS A 190 39.45 51.75 24.88
CA LYS A 190 39.61 52.30 26.21
C LYS A 190 39.94 51.24 27.26
N THR A 191 40.07 49.98 26.85
CA THR A 191 40.43 48.88 27.75
C THR A 191 41.85 48.38 27.53
N GLN A 192 42.59 49.00 26.61
CA GLN A 192 43.93 48.51 26.25
C GLN A 192 44.86 48.41 27.45
N GLY A 193 44.62 49.22 28.49
CA GLY A 193 45.51 49.23 29.66
C GLY A 193 45.30 48.01 30.54
N HIS A 194 44.29 47.20 30.25
CA HIS A 194 43.97 46.04 31.12
C HIS A 194 44.03 44.77 30.28
N PRO A 195 45.13 44.01 30.33
CA PRO A 195 45.30 42.86 29.45
C PRO A 195 44.19 41.80 29.35
N GLU A 196 43.69 41.32 30.48
CA GLU A 196 42.71 40.21 30.40
C GLU A 196 41.34 40.75 29.96
N ARG A 197 41.08 42.01 30.24
CA ARG A 197 39.74 42.54 29.92
C ARG A 197 39.78 43.04 28.47
N TYR A 198 40.97 43.29 27.94
CA TYR A 198 41.06 43.67 26.51
C TYR A 198 40.71 42.44 25.69
N LYS A 199 41.19 41.30 26.14
CA LYS A 199 40.90 40.05 25.43
C LYS A 199 39.39 39.87 25.43
N ALA A 200 38.77 40.04 26.59
CA ALA A 200 37.33 39.82 26.67
C ALA A 200 36.58 40.82 25.81
N ALA A 201 36.97 42.10 25.86
CA ALA A 201 36.34 43.11 25.02
C ALA A 201 36.50 42.77 23.53
N SER A 202 37.67 42.25 23.15
CA SER A 202 37.90 41.93 21.75
C SER A 202 37.03 40.76 21.29
N GLN A 203 36.93 39.71 22.13
CA GLN A 203 35.97 38.64 21.89
C GLN A 203 34.56 39.18 21.75
N ALA A 204 34.17 40.10 22.65
CA ALA A 204 32.88 40.76 22.50
C ALA A 204 32.76 41.42 21.13
N LEU A 205 33.83 42.07 20.67
CA LEU A 205 33.75 42.77 19.39
C LEU A 205 33.51 41.82 18.24
N LYS A 206 34.23 40.70 18.20
CA LYS A 206 34.00 39.66 17.19
C LYS A 206 32.59 39.10 17.25
N ALA A 207 32.09 38.82 18.45
CA ALA A 207 30.75 38.25 18.56
C ALA A 207 29.70 39.21 18.00
N ILE A 208 29.75 40.48 18.42
CA ILE A 208 28.75 41.44 17.95
C ILE A 208 28.90 41.67 16.45
N SER A 209 30.13 41.71 15.96
CA SER A 209 30.33 41.93 14.53
C SER A 209 29.81 40.76 13.72
N LYS A 210 29.96 39.54 14.25
CA LYS A 210 29.41 38.37 13.58
C LYS A 210 27.88 38.47 13.52
N LEU A 211 27.24 38.85 14.63
CA LEU A 211 25.79 39.00 14.65
C LEU A 211 25.32 40.01 13.61
N VAL A 212 25.97 41.17 13.52
CA VAL A 212 25.54 42.18 12.56
C VAL A 212 25.67 41.64 11.15
N LYS A 213 26.72 40.86 10.89
CA LYS A 213 26.95 40.28 9.57
C LYS A 213 25.79 39.36 9.18
N GLN A 214 25.38 38.47 10.09
CA GLN A 214 24.29 37.57 9.71
C GLN A 214 22.95 38.32 9.62
N CYS A 215 22.78 39.42 10.35
CA CYS A 215 21.65 40.31 10.09
C CYS A 215 21.71 40.86 8.67
N ASN A 216 22.88 41.35 8.28
CA ASN A 216 23.04 41.98 6.96
C ASN A 216 22.88 40.97 5.83
N GLU A 217 23.47 39.79 5.96
CA GLU A 217 23.24 38.73 5.00
C GLU A 217 21.78 38.29 4.96
N GLY A 218 21.08 38.24 6.08
CA GLY A 218 19.68 37.76 5.98
C GLY A 218 18.78 38.70 5.23
N ALA A 219 18.96 39.99 5.45
CA ALA A 219 18.15 41.01 4.78
C ALA A 219 18.43 41.01 3.28
N HIS A 220 19.68 40.82 2.91
CA HIS A 220 20.08 40.76 1.49
C HIS A 220 19.46 39.54 0.80
N LYS A 221 19.56 38.36 1.42
CA LYS A 221 18.95 37.14 0.85
C LYS A 221 17.46 37.32 0.62
N MET A 222 16.75 37.83 1.61
CA MET A 222 15.28 37.96 1.50
C MET A 222 14.89 38.95 0.42
N GLU A 223 15.61 40.05 0.31
CA GLU A 223 15.29 41.09 -0.69
C GLU A 223 15.60 40.59 -2.08
N ARG A 224 16.69 39.88 -2.24
CA ARG A 224 17.11 39.38 -3.56
C ARG A 224 16.17 38.28 -4.01
N THR A 225 15.78 37.40 -3.08
CA THR A 225 14.86 36.29 -3.39
C THR A 225 13.52 36.89 -3.80
N GLU A 226 13.07 37.90 -3.07
CA GLU A 226 11.76 38.52 -3.39
C GLU A 226 11.83 39.17 -4.75
N GLN A 227 12.90 39.90 -5.04
CA GLN A 227 13.04 40.62 -6.31
C GLN A 227 13.14 39.63 -7.48
N ILE A 228 13.90 38.57 -7.32
CA ILE A 228 14.11 37.61 -8.42
C ILE A 228 12.77 36.97 -8.76
N TYR A 229 11.97 36.64 -7.76
CA TYR A 229 10.63 36.06 -7.98
C TYR A 229 9.65 37.07 -8.57
N THR A 230 9.68 38.30 -8.09
CA THR A 230 8.79 39.35 -8.63
C THR A 230 9.18 39.64 -10.08
N LEU A 231 10.47 39.75 -10.37
CA LEU A 231 10.96 40.07 -11.73
C LEU A 231 10.81 38.88 -12.69
N ASN A 232 10.96 37.67 -12.18
CA ASN A 232 10.78 36.46 -13.01
C ASN A 232 9.33 36.46 -13.43
N MET A 233 8.47 37.02 -12.60
CA MET A 233 7.10 37.07 -13.06
C MET A 233 6.87 38.24 -14.01
N GLN A 234 7.45 39.41 -13.71
CA GLN A 234 7.14 40.60 -14.51
C GLN A 234 7.83 40.59 -15.89
N LEU A 235 8.95 39.90 -16.03
CA LEU A 235 9.71 39.95 -17.28
C LEU A 235 9.24 38.84 -18.19
N ASP A 236 8.77 39.23 -19.36
CA ASP A 236 8.14 38.37 -20.36
C ASP A 236 9.16 38.07 -21.46
N PHE A 237 9.68 36.84 -21.48
CA PHE A 237 10.67 36.40 -22.45
C PHE A 237 10.03 35.81 -23.71
N GLY A 238 8.78 36.15 -24.01
CA GLY A 238 8.01 35.39 -24.97
C GLY A 238 8.51 35.50 -26.40
N LYS A 239 9.10 36.63 -26.77
CA LYS A 239 9.53 36.85 -28.14
C LYS A 239 11.05 36.77 -28.32
N VAL A 240 11.75 36.19 -27.35
CA VAL A 240 13.19 35.99 -27.43
C VAL A 240 13.48 34.60 -26.92
N LYS A 241 14.69 34.12 -27.18
CA LYS A 241 15.09 32.84 -26.65
C LYS A 241 15.00 32.88 -25.13
N SER A 242 14.54 31.79 -24.53
CA SER A 242 14.16 31.80 -23.13
C SER A 242 15.38 31.82 -22.22
N LEU A 243 15.26 32.54 -21.12
CA LEU A 243 16.34 32.70 -20.17
C LEU A 243 15.77 32.49 -18.78
N PRO A 244 16.11 31.40 -18.11
CA PRO A 244 15.60 31.21 -16.75
C PRO A 244 16.12 32.33 -15.87
N LEU A 245 15.26 33.19 -15.33
CA LEU A 245 15.79 34.32 -14.54
C LEU A 245 16.01 33.90 -13.09
N ILE A 246 15.41 32.80 -12.65
CA ILE A 246 15.49 32.41 -11.23
C ILE A 246 16.82 31.77 -10.94
N SER A 247 17.48 32.27 -9.91
CA SER A 247 18.78 31.74 -9.48
C SER A 247 18.92 32.10 -8.02
N ALA A 248 19.59 31.25 -7.27
CA ALA A 248 19.85 31.57 -5.88
C ALA A 248 20.92 32.64 -5.72
N SER A 249 21.71 32.92 -6.76
CA SER A 249 22.79 33.89 -6.66
C SER A 249 22.50 35.22 -7.34
N ARG A 250 21.59 35.23 -8.30
CA ARG A 250 21.30 36.45 -9.08
C ARG A 250 20.65 37.56 -8.25
N TRP A 251 21.17 38.76 -8.39
CA TRP A 251 20.59 39.96 -7.73
C TRP A 251 20.60 41.15 -8.69
N LEU A 252 19.73 42.12 -8.48
CA LEU A 252 19.56 43.30 -9.33
C LEU A 252 20.61 44.36 -8.99
N LEU A 253 21.42 44.76 -9.97
CA LEU A 253 22.35 45.88 -9.77
C LEU A 253 21.66 47.22 -9.96
N LYS A 254 20.81 47.35 -10.99
CA LYS A 254 20.21 48.62 -11.38
C LYS A 254 19.08 48.36 -12.36
N ARG A 255 18.05 49.19 -12.29
CA ARG A 255 16.95 49.15 -13.24
C ARG A 255 16.57 50.60 -13.55
N GLY A 256 15.98 50.81 -14.72
CA GLY A 256 15.53 52.15 -15.04
C GLY A 256 15.22 52.32 -16.50
N GLU A 257 14.54 53.42 -16.79
CA GLU A 257 14.18 53.79 -18.15
C GLU A 257 15.25 54.68 -18.76
N LEU A 258 15.54 54.46 -20.02
CA LEU A 258 16.42 55.33 -20.79
C LEU A 258 15.78 55.64 -22.13
N PHE A 259 16.18 56.78 -22.70
CA PHE A 259 15.71 57.15 -24.03
C PHE A 259 16.51 56.39 -25.08
N LEU A 260 15.82 55.82 -26.06
CA LEU A 260 16.49 55.19 -27.21
C LEU A 260 16.96 56.23 -28.21
N LEU A 261 18.22 56.16 -28.57
CA LEU A 261 18.74 56.94 -29.67
C LEU A 261 18.76 56.08 -30.92
N GLU A 262 18.74 56.77 -32.05
CA GLU A 262 18.91 56.15 -33.35
C GLU A 262 19.83 57.07 -34.11
N GLU A 263 21.00 56.59 -34.53
CA GLU A 263 21.95 57.52 -35.22
C GLU A 263 21.42 57.92 -36.62
N SER A 264 20.43 57.20 -37.17
CA SER A 264 19.85 57.52 -38.50
C SER A 264 19.03 58.79 -38.45
N SER A 265 18.72 59.27 -37.24
CA SER A 265 17.99 60.55 -37.08
C SER A 265 18.96 61.59 -36.49
N ILE A 266 19.03 62.78 -37.10
CA ILE A 266 19.92 63.89 -36.63
C ILE A 266 18.96 65.01 -36.25
N PHE A 267 17.69 64.74 -36.47
CA PHE A 267 16.66 65.77 -36.22
C PHE A 267 15.75 65.15 -35.18
N ARG A 268 16.29 64.97 -33.98
CA ARG A 268 15.54 64.33 -32.89
C ARG A 268 14.60 65.31 -32.22
N LYS A 269 13.52 64.79 -31.66
CA LYS A 269 12.53 65.62 -30.96
C LYS A 269 12.57 65.29 -29.48
N ILE A 270 12.01 66.14 -28.64
CA ILE A 270 11.94 65.91 -27.18
C ILE A 270 10.49 65.59 -26.80
N ALA A 271 9.65 65.21 -27.76
CA ALA A 271 8.30 64.73 -27.47
C ALA A 271 8.14 63.36 -28.09
N SER A 272 7.41 62.48 -27.39
CA SER A 272 7.23 61.10 -27.84
C SER A 272 8.56 60.42 -28.12
N ARG A 273 9.53 60.63 -27.23
CA ARG A 273 10.83 59.99 -27.35
C ARG A 273 10.69 58.50 -27.07
N PRO A 274 11.17 57.63 -27.97
CA PRO A 274 11.18 56.20 -27.65
C PRO A 274 12.03 55.90 -26.42
N THR A 275 11.65 54.85 -25.70
CA THR A 275 12.37 54.47 -24.49
C THR A 275 12.67 52.98 -24.53
N CYS A 276 13.63 52.57 -23.71
CA CYS A 276 13.69 51.17 -23.31
C CYS A 276 13.96 51.15 -21.81
N TYR A 277 13.77 49.98 -21.21
CA TYR A 277 13.85 49.83 -19.76
C TYR A 277 14.83 48.70 -19.47
N LEU A 278 15.88 49.02 -18.73
CA LEU A 278 16.96 48.09 -18.47
C LEU A 278 16.77 47.46 -17.11
N PHE A 279 17.02 46.15 -17.05
CA PHE A 279 17.21 45.43 -15.79
C PHE A 279 18.61 44.85 -15.83
N LEU A 280 19.50 45.40 -15.02
CA LEU A 280 20.88 44.95 -14.96
C LEU A 280 21.07 44.13 -13.68
N PHE A 281 21.41 42.87 -13.86
CA PHE A 281 21.65 41.95 -12.74
C PHE A 281 23.16 41.72 -12.63
N ASN A 282 23.60 41.08 -11.57
CA ASN A 282 25.04 40.90 -11.36
C ASN A 282 25.71 40.15 -12.51
N ASP A 283 24.99 39.28 -13.20
CA ASP A 283 25.60 38.51 -14.28
C ASP A 283 24.91 38.64 -15.64
N VAL A 284 23.85 39.44 -15.76
CA VAL A 284 23.11 39.50 -17.01
C VAL A 284 22.42 40.87 -17.15
N LEU A 285 22.47 41.43 -18.35
CA LEU A 285 21.74 42.65 -18.72
C LEU A 285 20.52 42.28 -19.53
N VAL A 286 19.34 42.71 -19.10
CA VAL A 286 18.11 42.44 -19.81
C VAL A 286 17.54 43.76 -20.33
N VAL A 287 17.27 43.82 -21.63
CA VAL A 287 16.75 45.00 -22.31
C VAL A 287 15.27 44.79 -22.58
N THR A 288 14.43 45.70 -22.10
CA THR A 288 12.99 45.51 -22.20
C THR A 288 12.31 46.79 -22.69
N LYS A 289 11.06 46.61 -23.07
CA LYS A 289 10.12 47.71 -23.28
C LYS A 289 9.03 47.54 -22.24
N LYS A 290 8.78 48.60 -21.47
CA LYS A 290 7.78 48.51 -20.41
C LYS A 290 6.37 48.56 -21.00
N LYS A 291 5.53 47.59 -20.61
CA LYS A 291 4.14 47.52 -21.05
C LYS A 291 3.14 47.91 -19.98
N SER A 292 3.49 47.74 -18.71
CA SER A 292 2.70 48.20 -17.57
C SER A 292 3.62 48.19 -16.37
N GLU A 293 3.09 48.58 -15.20
CA GLU A 293 3.93 48.58 -14.01
C GLU A 293 4.38 47.18 -13.65
N GLU A 294 3.61 46.17 -14.06
CA GLU A 294 3.81 44.78 -13.68
C GLU A 294 4.24 43.91 -14.85
N SER A 295 4.65 44.49 -15.97
CA SER A 295 4.96 43.70 -17.16
C SER A 295 5.94 44.43 -18.06
N TYR A 296 7.07 43.78 -18.35
CA TYR A 296 8.10 44.31 -19.24
C TYR A 296 8.39 43.25 -20.29
N LEU A 297 8.31 43.63 -21.57
CA LEU A 297 8.53 42.68 -22.66
C LEU A 297 10.01 42.70 -23.03
N VAL A 298 10.66 41.54 -22.95
CA VAL A 298 12.10 41.46 -23.18
C VAL A 298 12.37 41.60 -24.67
N GLN A 299 13.31 42.48 -25.03
CA GLN A 299 13.79 42.65 -26.41
C GLN A 299 15.08 41.89 -26.67
N ASP A 300 15.97 41.88 -25.68
CA ASP A 300 17.29 41.29 -25.85
C ASP A 300 17.88 41.17 -24.47
N TYR A 301 19.03 40.51 -24.40
CA TYR A 301 19.76 40.39 -23.15
C TYR A 301 21.14 39.87 -23.51
N ALA A 302 22.04 39.98 -22.54
CA ALA A 302 23.38 39.45 -22.74
C ALA A 302 24.00 39.25 -21.38
N GLN A 303 24.83 38.20 -21.28
CA GLN A 303 25.68 38.02 -20.11
C GLN A 303 26.50 39.28 -19.85
N LEU A 304 26.56 39.72 -18.58
CA LEU A 304 27.30 40.93 -18.26
C LEU A 304 28.75 40.83 -18.71
N ASP A 305 29.31 39.62 -18.60
CA ASP A 305 30.65 39.31 -19.12
C ASP A 305 30.84 39.72 -20.57
N HIS A 306 29.77 39.81 -21.35
CA HIS A 306 29.83 40.11 -22.78
C HIS A 306 29.19 41.46 -23.10
N VAL A 307 29.25 42.39 -22.14
CA VAL A 307 28.71 43.73 -22.32
C VAL A 307 29.87 44.72 -22.27
N GLN A 308 29.90 45.64 -23.21
CA GLN A 308 30.80 46.78 -23.16
C GLN A 308 29.96 48.05 -23.17
N VAL A 309 30.50 49.12 -22.61
CA VAL A 309 29.80 50.39 -22.55
C VAL A 309 30.83 51.50 -22.73
N ARG A 310 30.39 52.61 -23.33
CA ARG A 310 31.19 53.82 -23.40
C ARG A 310 30.27 55.02 -23.59
N LYS A 311 30.74 56.17 -23.14
CA LYS A 311 30.05 57.41 -23.45
C LYS A 311 30.07 57.66 -24.94
N LEU A 312 29.10 58.42 -25.41
CA LEU A 312 29.06 58.90 -26.77
C LEU A 312 29.35 60.40 -26.78
N GLU A 313 29.98 60.85 -27.86
CA GLU A 313 30.37 62.26 -27.90
C GLU A 313 29.25 63.12 -28.46
N PRO A 314 29.09 64.34 -27.93
CA PRO A 314 28.17 65.32 -28.55
C PRO A 314 28.52 65.59 -30.00
N SER A 315 27.58 66.25 -30.68
CA SER A 315 27.75 66.59 -32.09
C SER A 315 28.87 67.62 -32.27
N GLU A 316 29.55 67.54 -33.43
CA GLU A 316 30.71 68.39 -33.67
C GLU A 316 30.26 69.82 -33.98
N PRO A 317 30.95 70.84 -33.40
CA PRO A 317 30.55 72.25 -33.62
C PRO A 317 30.65 72.74 -35.06
N LEU A 318 30.29 74.01 -35.26
CA LEU A 318 30.37 74.67 -36.56
C LEU A 318 29.49 73.96 -37.59
N SER A 326 21.41 73.41 -27.74
CA SER A 326 20.88 72.44 -26.74
C SER A 326 20.62 71.10 -27.43
N SER A 327 21.18 70.01 -26.88
CA SER A 327 21.03 68.70 -27.56
C SER A 327 19.79 67.97 -27.05
N SER A 328 19.08 67.29 -27.95
CA SER A 328 17.95 66.41 -27.55
C SER A 328 18.56 65.17 -26.95
N VAL A 329 19.90 65.06 -26.99
CA VAL A 329 20.65 63.91 -26.42
C VAL A 329 21.61 64.48 -25.39
N PRO A 330 21.10 64.84 -24.20
CA PRO A 330 21.95 65.44 -23.21
C PRO A 330 23.19 64.62 -22.79
N TYR A 331 23.03 63.38 -22.30
CA TYR A 331 24.14 62.57 -21.78
C TYR A 331 24.06 61.19 -22.40
N PRO A 332 24.54 61.04 -23.63
CA PRO A 332 24.38 59.77 -24.35
C PRO A 332 25.49 58.78 -24.03
N PHE A 333 25.16 57.50 -24.19
CA PHE A 333 26.16 56.46 -24.09
C PHE A 333 25.67 55.27 -24.89
N GLN A 334 26.57 54.30 -25.07
CA GLN A 334 26.35 53.20 -25.97
C GLN A 334 26.65 51.90 -25.25
N VAL A 335 25.76 50.93 -25.41
CA VAL A 335 25.96 49.60 -24.86
C VAL A 335 26.17 48.65 -26.00
N ASN A 336 27.27 47.91 -25.96
CA ASN A 336 27.52 46.87 -26.96
C ASN A 336 27.32 45.51 -26.31
N LEU A 337 26.44 44.71 -26.89
CA LEU A 337 26.30 43.32 -26.51
C LEU A 337 27.22 42.52 -27.44
N LEU A 338 28.31 41.98 -26.89
CA LEU A 338 29.22 41.21 -27.72
C LEU A 338 28.64 39.86 -28.09
N HIS A 339 27.61 39.40 -27.35
CA HIS A 339 27.04 38.07 -27.56
C HIS A 339 25.62 38.12 -26.96
N ASN A 340 24.64 38.44 -27.80
CA ASN A 340 23.30 38.71 -27.29
C ASN A 340 22.49 37.43 -27.23
N SER A 341 21.18 37.56 -27.07
CA SER A 341 20.31 36.42 -26.82
C SER A 341 20.30 35.42 -27.99
N GLU A 342 20.71 35.85 -29.18
CA GLU A 342 20.86 34.99 -30.34
C GLU A 342 22.33 34.67 -30.65
N GLY A 343 23.23 34.91 -29.70
CA GLY A 343 24.64 34.69 -30.00
C GLY A 343 25.24 35.60 -31.05
N ARG A 344 24.63 36.77 -31.29
CA ARG A 344 25.09 37.72 -32.28
C ARG A 344 25.40 39.05 -31.59
N GLN A 345 25.94 40.01 -32.34
CA GLN A 345 26.36 41.27 -31.75
C GLN A 345 25.29 42.33 -31.97
N GLU A 346 25.14 43.22 -31.00
CA GLU A 346 24.17 44.30 -31.07
C GLU A 346 24.73 45.50 -30.35
N GLN A 347 24.29 46.68 -30.75
CA GLN A 347 24.59 47.90 -30.03
C GLN A 347 23.30 48.62 -29.72
N ILE A 348 23.29 49.31 -28.58
CA ILE A 348 22.14 50.07 -28.11
C ILE A 348 22.62 51.46 -27.77
N LEU A 349 21.99 52.48 -28.35
CA LEU A 349 22.37 53.86 -28.14
C LEU A 349 21.34 54.49 -27.21
N LEU A 350 21.82 55.02 -26.10
CA LEU A 350 20.94 55.45 -25.01
C LEU A 350 21.30 56.88 -24.60
N SER A 351 20.33 57.54 -23.99
CA SER A 351 20.51 58.88 -23.45
C SER A 351 19.79 59.00 -22.11
N SER A 352 20.50 59.46 -21.10
CA SER A 352 19.81 59.90 -19.89
C SER A 352 19.82 61.41 -19.84
N ASP A 353 18.96 61.94 -19.00
CA ASP A 353 18.80 63.38 -18.95
C ASP A 353 19.65 63.99 -17.84
N SER A 354 20.48 63.17 -17.19
CA SER A 354 21.34 63.55 -16.09
C SER A 354 22.75 62.98 -16.28
N ALA A 355 23.76 63.78 -15.96
CA ALA A 355 25.13 63.25 -15.99
C ALA A 355 25.33 62.19 -14.93
N SER A 356 24.84 62.41 -13.71
CA SER A 356 25.00 61.39 -12.68
C SER A 356 24.26 60.10 -13.04
N ASP A 357 23.09 60.21 -13.68
CA ASP A 357 22.38 59.00 -14.12
C ASP A 357 23.24 58.19 -15.09
N ARG A 358 23.84 58.85 -16.09
CA ARG A 358 24.71 58.12 -17.02
C ARG A 358 25.87 57.48 -16.27
N ALA A 359 26.50 58.24 -15.37
CA ALA A 359 27.63 57.69 -14.63
C ALA A 359 27.22 56.49 -13.79
N ARG A 360 26.02 56.51 -13.23
CA ARG A 360 25.56 55.36 -12.45
C ARG A 360 25.31 54.16 -13.34
N TRP A 361 24.76 54.39 -14.53
CA TRP A 361 24.61 53.27 -15.47
C TRP A 361 25.96 52.70 -15.85
N ILE A 362 26.94 53.56 -16.17
CA ILE A 362 28.23 53.03 -16.61
C ILE A 362 28.93 52.30 -15.47
N THR A 363 28.81 52.82 -14.25
CA THR A 363 29.41 52.14 -13.11
C THR A 363 28.79 50.76 -12.90
N ALA A 364 27.46 50.68 -12.95
CA ALA A 364 26.81 49.38 -12.80
C ALA A 364 27.17 48.44 -13.95
N LEU A 365 27.28 48.94 -15.18
CA LEU A 365 27.55 48.08 -16.32
C LEU A 365 28.98 47.57 -16.34
N THR A 366 29.88 48.20 -15.59
CA THR A 366 31.25 47.74 -15.47
C THR A 366 31.50 47.07 -14.11
N TYR A 367 30.43 46.73 -13.40
CA TYR A 367 30.50 45.96 -12.17
C TYR A 367 31.53 44.82 -12.21
N LYS A 368 31.57 44.06 -13.31
CA LYS A 368 32.50 42.92 -13.38
C LYS A 368 33.96 43.38 -13.43
N GLU A 369 34.27 44.43 -14.17
CA GLU A 369 35.66 44.89 -14.35
C GLU A 369 36.31 45.45 -13.08
N ASN A 377 45.14 49.67 -1.09
CA ASN A 377 44.91 50.95 -1.75
C ASN A 377 43.93 51.81 -0.94
N LYS A 378 43.16 51.14 -0.06
CA LYS A 378 41.99 51.79 0.55
C LYS A 378 42.36 53.03 1.37
N GLY A 379 43.55 53.03 1.98
CA GLY A 379 43.96 54.18 2.78
C GLY A 379 44.16 55.47 1.99
N GLU A 380 44.31 55.39 0.67
CA GLU A 380 44.46 56.58 -0.16
C GLU A 380 43.13 57.11 -0.68
N LEU A 381 42.03 56.45 -0.35
CA LEU A 381 40.75 56.93 -0.85
C LEU A 381 40.27 58.11 0.00
N PRO A 382 39.61 59.09 -0.61
CA PRO A 382 39.02 60.19 0.19
C PRO A 382 37.89 59.67 1.06
N GLN A 383 37.85 60.16 2.30
CA GLN A 383 36.82 59.83 3.26
C GLN A 383 35.87 61.00 3.44
N VAL A 384 34.63 60.66 3.77
CA VAL A 384 33.56 61.63 3.91
C VAL A 384 32.71 61.14 5.07
N GLU A 385 32.10 62.07 5.81
CA GLU A 385 31.29 61.74 6.97
C GLU A 385 29.86 62.21 6.72
N VAL A 386 28.89 61.35 7.03
CA VAL A 386 27.50 61.58 6.69
C VAL A 386 26.88 62.54 7.69
N THR A 387 26.29 63.64 7.20
CA THR A 387 25.73 64.65 8.08
C THR A 387 24.25 64.44 8.39
N LYS A 388 23.48 63.89 7.45
CA LYS A 388 22.08 63.52 7.70
C LYS A 388 21.82 62.14 7.08
N ALA A 389 20.91 61.41 7.71
CA ALA A 389 20.55 60.08 7.24
C ALA A 389 20.13 60.13 5.78
N TYR A 390 20.48 59.11 5.03
CA TYR A 390 20.04 58.98 3.65
C TYR A 390 19.49 57.58 3.46
N PHE A 391 18.27 57.48 2.91
CA PHE A 391 17.60 56.21 2.67
C PHE A 391 17.59 55.91 1.16
N ALA A 392 18.20 54.78 0.79
CA ALA A 392 18.30 54.38 -0.61
C ALA A 392 16.94 54.35 -1.29
N LYS A 393 16.88 54.95 -2.48
CA LYS A 393 15.67 54.96 -3.28
C LYS A 393 15.73 54.02 -4.48
N GLN A 394 16.91 53.49 -4.78
CA GLN A 394 17.14 52.64 -5.95
C GLN A 394 18.11 51.55 -5.55
N ALA A 395 18.16 50.49 -6.37
CA ALA A 395 19.00 49.33 -6.08
C ALA A 395 20.50 49.66 -6.04
N ASP A 396 20.96 50.70 -6.74
CA ASP A 396 22.39 51.03 -6.71
C ASP A 396 22.73 52.09 -5.67
N GLU A 397 21.79 52.44 -4.81
CA GLU A 397 22.04 53.42 -3.76
C GLU A 397 22.29 52.72 -2.44
N ILE A 398 22.91 53.45 -1.50
CA ILE A 398 23.21 52.92 -0.18
C ILE A 398 22.48 53.74 0.88
N THR A 399 21.90 53.05 1.86
CA THR A 399 21.27 53.70 3.01
C THR A 399 22.34 54.01 4.05
N LEU A 400 22.38 55.25 4.51
CA LEU A 400 23.45 55.71 5.39
C LEU A 400 22.85 56.35 6.65
N GLN A 401 23.47 56.09 7.78
CA GLN A 401 23.10 56.71 9.04
C GLN A 401 23.97 57.92 9.31
N GLN A 402 23.41 58.89 10.03
CA GLN A 402 24.22 60.02 10.45
C GLN A 402 25.51 59.52 11.12
N ALA A 403 26.62 60.20 10.83
CA ALA A 403 27.96 59.93 11.31
C ALA A 403 28.62 58.72 10.63
N ASP A 404 27.96 58.02 9.71
CA ASP A 404 28.66 56.97 8.97
C ASP A 404 29.85 57.55 8.22
N ILE A 405 30.93 56.77 8.15
CA ILE A 405 32.13 57.12 7.39
C ILE A 405 32.08 56.36 6.09
N VAL A 406 32.42 57.03 4.98
CA VAL A 406 32.32 56.43 3.65
C VAL A 406 33.61 56.72 2.90
N LEU A 407 34.19 55.69 2.29
CA LEU A 407 35.31 55.84 1.38
C LEU A 407 34.78 56.19 0.00
N VAL A 408 35.27 57.27 -0.58
CA VAL A 408 34.71 57.75 -1.84
C VAL A 408 35.45 57.11 -3.00
N LEU A 409 34.70 56.40 -3.86
CA LEU A 409 35.26 55.76 -5.03
C LEU A 409 35.04 56.55 -6.31
N GLN A 410 34.06 57.44 -6.33
CA GLN A 410 33.71 58.18 -7.53
C GLN A 410 32.82 59.34 -7.14
N GLU A 411 32.92 60.42 -7.91
CA GLU A 411 32.09 61.60 -7.70
C GLU A 411 31.57 62.06 -9.05
N GLU A 412 30.27 62.34 -9.14
CA GLU A 412 29.68 62.78 -10.41
C GLU A 412 28.45 63.62 -10.12
N ASP A 413 28.52 64.92 -10.44
CA ASP A 413 27.31 65.73 -10.59
C ASP A 413 26.39 65.61 -9.36
N GLY A 414 26.99 65.84 -8.19
CA GLY A 414 26.23 65.85 -6.95
C GLY A 414 25.98 64.49 -6.33
N TRP A 415 26.56 63.43 -6.89
CA TRP A 415 26.39 62.10 -6.36
C TRP A 415 27.75 61.47 -6.11
N LEU A 416 27.86 60.76 -4.99
CA LEU A 416 29.07 60.03 -4.62
C LEU A 416 28.82 58.53 -4.64
N HIS A 417 29.81 57.78 -5.11
CA HIS A 417 29.80 56.34 -5.05
C HIS A 417 30.80 55.92 -3.97
N GLY A 418 30.33 55.28 -2.92
CA GLY A 418 31.19 55.05 -1.78
C GLY A 418 31.05 53.66 -1.19
N GLU A 419 32.06 53.31 -0.41
CA GLU A 419 32.09 52.10 0.41
C GLU A 419 32.00 52.52 1.87
N ARG A 420 30.99 52.02 2.58
CA ARG A 420 30.88 52.35 4.00
C ARG A 420 31.97 51.65 4.81
N LEU A 421 32.55 52.39 5.74
CA LEU A 421 33.68 51.88 6.51
C LEU A 421 33.31 50.66 7.35
N ARG A 422 32.21 50.74 8.10
CA ARG A 422 31.90 49.72 9.09
C ARG A 422 31.74 48.34 8.48
N ASP A 423 31.03 48.25 7.34
CA ASP A 423 30.64 46.95 6.80
C ASP A 423 30.95 46.74 5.32
N GLY A 424 31.46 47.74 4.61
CA GLY A 424 31.83 47.55 3.21
C GLY A 424 30.71 47.61 2.21
N GLU A 425 29.48 47.92 2.63
CA GLU A 425 28.41 48.15 1.67
C GLU A 425 28.77 49.30 0.75
N THR A 426 28.26 49.22 -0.47
CA THR A 426 28.67 50.11 -1.54
C THR A 426 27.45 50.61 -2.28
N GLY A 427 27.46 51.89 -2.61
CA GLY A 427 26.36 52.44 -3.38
C GLY A 427 26.51 53.95 -3.54
N TRP A 428 25.55 54.50 -4.25
CA TRP A 428 25.49 55.91 -4.52
C TRP A 428 24.65 56.64 -3.47
N PHE A 429 25.05 57.87 -3.18
CA PHE A 429 24.28 58.75 -2.30
C PHE A 429 24.62 60.18 -2.66
N PRO A 430 23.73 61.13 -2.34
CA PRO A 430 23.99 62.52 -2.74
C PRO A 430 25.13 63.12 -1.94
N GLU A 431 26.02 63.83 -2.64
CA GLU A 431 27.12 64.53 -2.00
C GLU A 431 26.65 65.49 -0.91
N SER A 432 25.48 66.11 -1.14
CA SER A 432 24.85 66.99 -0.17
C SER A 432 24.80 66.42 1.24
N PHE A 433 24.76 65.09 1.38
CA PHE A 433 24.52 64.46 2.67
C PHE A 433 25.80 64.14 3.44
N ALA A 434 26.96 64.59 2.97
CA ALA A 434 28.19 64.29 3.68
C ALA A 434 29.13 65.49 3.60
N HIS A 435 30.17 65.45 4.43
CA HIS A 435 31.22 66.44 4.40
C HIS A 435 32.58 65.75 4.43
N SER A 436 33.57 66.39 3.83
CA SER A 436 34.90 65.81 3.71
C SER A 436 35.56 65.63 5.07
N ILE A 437 36.43 64.64 5.15
CA ILE A 437 37.35 64.49 6.28
C ILE A 437 38.73 64.70 5.72
N THR A 438 39.35 65.80 6.13
CA THR A 438 40.62 66.21 5.58
C THR A 438 41.78 65.97 6.54
N SER A 439 41.52 65.90 7.84
CA SER A 439 42.53 65.58 8.83
C SER A 439 43.26 64.28 8.50
N ARG A 440 44.59 64.34 8.44
CA ARG A 440 45.37 63.13 8.21
C ARG A 440 45.24 62.15 9.37
N VAL A 441 45.22 62.67 10.61
CA VAL A 441 45.15 61.80 11.78
C VAL A 441 43.78 61.10 11.88
N ALA A 442 42.70 61.83 11.57
CA ALA A 442 41.39 61.18 11.55
C ALA A 442 41.30 60.15 10.42
N VAL A 443 41.77 60.52 9.23
CA VAL A 443 41.71 59.62 8.07
C VAL A 443 42.48 58.33 8.37
N GLU A 444 43.71 58.46 8.87
CA GLU A 444 44.49 57.29 9.23
C GLU A 444 43.81 56.49 10.35
N GLY A 445 43.20 57.19 11.32
CA GLY A 445 42.48 56.50 12.39
C GLY A 445 41.32 55.69 11.87
N ASN A 446 40.53 56.27 10.97
CA ASN A 446 39.37 55.55 10.43
C ASN A 446 39.79 54.29 9.71
N VAL A 447 40.94 54.32 9.02
CA VAL A 447 41.41 53.13 8.32
C VAL A 447 41.73 52.01 9.31
N ARG A 448 42.39 52.34 10.41
CA ARG A 448 42.67 51.32 11.42
C ARG A 448 41.39 50.75 12.01
N ARG A 449 40.46 51.62 12.38
CA ARG A 449 39.17 51.13 12.85
C ARG A 449 38.51 50.19 11.83
N MET A 450 38.87 50.32 10.54
CA MET A 450 38.19 49.53 9.52
C MET A 450 38.53 48.04 9.64
N GLU A 451 39.81 47.69 9.83
CA GLU A 451 40.13 46.27 9.98
C GLU A 451 39.68 45.76 11.34
N ARG A 452 39.65 46.64 12.34
CA ARG A 452 39.13 46.23 13.62
C ARG A 452 37.68 45.78 13.48
N LEU A 453 36.91 46.44 12.61
CA LEU A 453 35.49 46.19 12.46
C LEU A 453 35.17 45.11 11.42
N ARG A 454 36.03 44.86 10.45
CA ARG A 454 35.61 44.00 9.34
C ARG A 454 35.75 42.53 9.70
N VAL A 455 34.83 41.74 9.15
CA VAL A 455 34.70 40.31 9.44
C VAL A 455 35.31 39.50 8.29
N GLN B 10 10.75 0.77 -3.77
CA GLN B 10 10.13 -0.54 -3.89
C GLN B 10 11.11 -1.67 -3.53
N LEU B 11 12.39 -1.55 -3.94
CA LEU B 11 13.43 -2.47 -3.47
C LEU B 11 13.87 -2.16 -2.05
N THR B 12 13.88 -3.20 -1.22
CA THR B 12 14.42 -3.20 0.12
C THR B 12 15.95 -3.31 0.06
N TRP B 13 16.59 -3.14 1.21
CA TRP B 13 18.05 -3.18 1.24
C TRP B 13 18.57 -4.52 0.79
N SER B 14 17.92 -5.62 1.21
CA SER B 14 18.42 -6.95 0.91
C SER B 14 18.15 -7.36 -0.54
N GLN B 15 17.44 -6.53 -1.29
CA GLN B 15 17.22 -6.75 -2.70
C GLN B 15 18.08 -5.86 -3.59
N LEU B 16 18.90 -5.04 -2.98
CA LEU B 16 19.79 -4.15 -3.75
C LEU B 16 20.77 -5.03 -4.51
N PRO B 17 21.00 -4.77 -5.80
CA PRO B 17 21.86 -5.60 -6.63
C PRO B 17 23.27 -5.84 -6.07
N GLU B 18 23.83 -4.85 -5.41
CA GLU B 18 25.20 -4.94 -4.88
C GLU B 18 25.23 -5.74 -3.57
N VAL B 19 24.13 -5.78 -2.83
CA VAL B 19 24.12 -6.61 -1.60
C VAL B 19 23.95 -8.07 -2.00
N LEU B 20 23.23 -8.31 -3.09
CA LEU B 20 23.06 -9.68 -3.59
C LEU B 20 24.38 -10.13 -4.20
N GLU B 21 25.11 -9.23 -4.84
CA GLU B 21 26.40 -9.57 -5.47
C GLU B 21 27.44 -9.83 -4.39
N SER B 22 27.37 -9.11 -3.29
CA SER B 22 28.42 -9.20 -2.25
C SER B 22 28.37 -10.57 -1.60
N GLY B 23 27.24 -11.23 -1.73
CA GLY B 23 27.11 -12.48 -1.00
C GLY B 23 27.05 -12.29 0.51
N VAL B 24 26.83 -11.07 0.98
CA VAL B 24 26.89 -10.85 2.42
C VAL B 24 25.71 -11.47 3.14
N LEU B 25 24.58 -11.65 2.43
CA LEU B 25 23.38 -12.19 3.05
C LEU B 25 23.57 -13.61 3.55
N ASP B 26 24.59 -14.33 3.07
CA ASP B 26 24.80 -15.70 3.53
C ASP B 26 25.22 -15.75 5.00
N THR B 27 26.01 -14.77 5.43
CA THR B 27 26.60 -14.80 6.76
C THR B 27 26.09 -13.70 7.69
N LEU B 28 25.20 -12.83 7.21
CA LEU B 28 24.82 -11.65 7.98
C LEU B 28 23.82 -12.00 9.07
N SER B 29 24.04 -11.42 10.27
CA SER B 29 23.08 -11.51 11.36
C SER B 29 21.69 -11.09 10.88
N THR B 30 20.65 -11.64 11.52
CA THR B 30 19.33 -11.06 11.34
C THR B 30 19.28 -9.65 11.92
N GLU B 31 19.97 -9.43 13.05
CA GLU B 31 19.94 -8.12 13.67
C GLU B 31 20.68 -7.08 12.82
N GLU B 32 21.80 -7.46 12.21
CA GLU B 32 22.55 -6.50 11.39
C GLU B 32 21.85 -6.21 10.07
N ARG B 33 21.24 -7.23 9.45
CA ARG B 33 20.35 -6.98 8.32
C ARG B 33 19.25 -5.98 8.69
N LYS B 34 18.68 -6.10 9.88
CA LYS B 34 17.57 -5.22 10.30
C LYS B 34 18.13 -3.81 10.54
N ARG B 35 19.35 -3.70 11.00
CA ARG B 35 19.97 -2.38 11.15
C ARG B 35 20.24 -1.73 9.79
N GLN B 36 20.79 -2.49 8.84
CA GLN B 36 20.98 -1.95 7.50
C GLN B 36 19.66 -1.46 6.91
N GLU B 37 18.59 -2.23 7.12
CA GLU B 37 17.28 -1.82 6.61
C GLU B 37 16.84 -0.51 7.23
N ALA B 38 17.02 -0.38 8.56
CA ALA B 38 16.63 0.85 9.25
C ALA B 38 17.43 2.05 8.74
N ILE B 39 18.72 1.85 8.49
CA ILE B 39 19.52 2.91 7.87
C ILE B 39 18.98 3.22 6.48
N PHE B 40 18.70 2.18 5.70
CA PHE B 40 18.28 2.39 4.32
C PHE B 40 16.98 3.16 4.26
N GLU B 41 16.06 2.89 5.20
CA GLU B 41 14.77 3.56 5.15
C GLU B 41 14.90 5.05 5.39
N ILE B 42 15.83 5.46 6.26
CA ILE B 42 16.04 6.89 6.43
C ILE B 42 16.50 7.51 5.13
N LEU B 43 17.34 6.79 4.38
CA LEU B 43 17.84 7.30 3.11
C LEU B 43 16.72 7.35 2.05
N THR B 44 15.98 6.25 1.86
CA THR B 44 14.97 6.26 0.80
C THR B 44 13.82 7.21 1.13
N SER B 45 13.35 7.22 2.37
CA SER B 45 12.28 8.15 2.70
C SER B 45 12.74 9.61 2.60
N GLU B 46 14.02 9.88 2.85
CA GLU B 46 14.53 11.24 2.65
C GLU B 46 14.53 11.61 1.18
N PHE B 47 14.80 10.64 0.30
CA PHE B 47 14.80 10.95 -1.13
C PHE B 47 13.39 11.20 -1.65
N SER B 48 12.45 10.30 -1.33
CA SER B 48 11.04 10.52 -1.65
C SER B 48 10.60 11.93 -1.28
N TYR B 49 10.92 12.34 -0.05
CA TYR B 49 10.53 13.64 0.47
C TYR B 49 11.20 14.77 -0.32
N LEU B 50 12.51 14.65 -0.50
CA LEU B 50 13.25 15.66 -1.23
C LEU B 50 12.71 15.80 -2.65
N HIS B 51 12.38 14.68 -3.28
CA HIS B 51 11.82 14.71 -4.62
C HIS B 51 10.46 15.42 -4.63
N SER B 52 9.65 15.20 -3.59
CA SER B 52 8.38 15.89 -3.49
C SER B 52 8.59 17.39 -3.31
N LEU B 53 9.59 17.79 -2.50
CA LEU B 53 9.91 19.21 -2.38
C LEU B 53 10.26 19.81 -3.72
N SER B 54 11.03 19.09 -4.55
CA SER B 54 11.45 19.69 -5.82
C SER B 54 10.25 19.94 -6.73
N ILE B 55 9.22 19.11 -6.64
CA ILE B 55 7.99 19.36 -7.38
C ILE B 55 7.27 20.60 -6.82
N LEU B 56 7.22 20.72 -5.49
CA LEU B 56 6.60 21.89 -4.88
C LEU B 56 7.30 23.17 -5.33
N VAL B 57 8.63 23.12 -5.41
CA VAL B 57 9.39 24.30 -5.80
C VAL B 57 9.24 24.57 -7.28
N THR B 58 9.34 23.53 -8.10
CA THR B 58 9.29 23.71 -9.55
C THR B 58 7.90 24.12 -10.04
N GLU B 59 6.86 23.46 -9.57
CA GLU B 59 5.54 23.63 -10.18
C GLU B 59 4.71 24.71 -9.52
N PHE B 60 4.94 25.00 -8.25
CA PHE B 60 4.13 25.98 -7.53
C PHE B 60 4.93 27.22 -7.15
N LEU B 61 6.03 27.04 -6.39
CA LEU B 61 6.78 28.19 -5.93
C LEU B 61 7.28 29.03 -7.10
N GLN B 62 7.70 28.38 -8.17
CA GLN B 62 8.30 29.06 -9.32
C GLN B 62 7.32 29.22 -10.48
N SER B 63 6.03 29.01 -10.27
CA SER B 63 5.05 29.34 -11.30
C SER B 63 4.94 30.84 -11.42
N ARG B 64 5.36 31.38 -12.57
CA ARG B 64 5.18 32.81 -12.82
C ARG B 64 3.71 33.17 -12.76
N GLU B 65 2.87 32.31 -13.36
CA GLU B 65 1.45 32.60 -13.51
C GLU B 65 0.72 32.58 -12.17
N LEU B 66 1.11 31.67 -11.27
CA LEU B 66 0.50 31.65 -9.95
C LEU B 66 0.94 32.86 -9.13
N ARG B 67 2.22 33.19 -9.18
CA ARG B 67 2.71 34.36 -8.47
C ARG B 67 2.02 35.63 -8.94
N ALA B 68 1.67 35.69 -10.24
CA ALA B 68 0.98 36.86 -10.78
C ALA B 68 -0.40 37.06 -10.18
N THR B 69 -1.00 36.02 -9.60
CA THR B 69 -2.34 36.17 -9.03
C THR B 69 -2.31 36.78 -7.63
N MET B 70 -1.15 37.02 -7.04
CA MET B 70 -1.04 37.35 -5.63
C MET B 70 0.00 38.45 -5.45
N THR B 71 0.20 38.91 -4.22
CA THR B 71 1.24 39.88 -3.92
C THR B 71 2.56 39.21 -3.53
N GLN B 72 3.63 40.00 -3.47
CA GLN B 72 4.90 39.42 -3.04
C GLN B 72 4.88 39.08 -1.56
N THR B 73 4.02 39.75 -0.78
CA THR B 73 3.85 39.41 0.61
C THR B 73 3.05 38.11 0.78
N GLU B 74 1.96 37.95 0.03
CA GLU B 74 1.17 36.71 0.07
C GLU B 74 2.00 35.49 -0.36
N HIS B 75 2.88 35.68 -1.32
CA HIS B 75 3.70 34.59 -1.81
C HIS B 75 4.68 34.16 -0.71
N HIS B 76 5.21 35.14 0.03
CA HIS B 76 6.12 34.84 1.16
C HIS B 76 5.39 34.05 2.24
N HIS B 77 4.18 34.44 2.58
CA HIS B 77 3.50 33.68 3.64
C HIS B 77 3.05 32.31 3.15
N LEU B 78 2.76 32.17 1.86
CA LEU B 78 2.30 30.89 1.35
C LEU B 78 3.41 29.85 1.28
N PHE B 79 4.59 30.25 0.80
CA PHE B 79 5.71 29.33 0.61
C PHE B 79 6.80 29.47 1.67
N SER B 80 6.86 30.60 2.37
CA SER B 80 7.69 30.70 3.58
C SER B 80 9.15 30.42 3.16
N ASN B 81 9.92 29.68 3.97
CA ASN B 81 11.32 29.44 3.63
C ASN B 81 11.53 28.05 3.03
N ILE B 82 10.62 27.60 2.15
CA ILE B 82 10.69 26.26 1.58
C ILE B 82 11.99 26.04 0.83
N LEU B 83 12.56 27.09 0.22
CA LEU B 83 13.84 26.91 -0.46
C LEU B 83 14.93 26.51 0.52
N ASP B 84 14.92 27.12 1.71
CA ASP B 84 15.92 26.77 2.74
C ASP B 84 15.67 25.39 3.31
N VAL B 85 14.40 24.98 3.45
CA VAL B 85 14.10 23.62 3.88
C VAL B 85 14.62 22.61 2.86
N MET B 86 14.35 22.87 1.58
CA MET B 86 14.77 21.92 0.54
C MET B 86 16.28 21.78 0.50
N SER B 87 17.03 22.87 0.75
CA SER B 87 18.46 22.72 0.62
C SER B 87 19.05 22.05 1.85
N ALA B 88 18.44 22.23 3.02
CA ALA B 88 18.84 21.45 4.19
C ALA B 88 18.54 19.97 3.98
N SER B 89 17.38 19.66 3.39
CA SER B 89 17.07 18.26 3.09
C SER B 89 18.07 17.69 2.09
N GLN B 90 18.45 18.48 1.09
CA GLN B 90 19.36 18.03 0.06
C GLN B 90 20.76 17.75 0.59
N LYS B 91 21.30 18.63 1.45
CA LYS B 91 22.61 18.36 2.03
C LYS B 91 22.56 17.18 2.98
N PHE B 92 21.41 17.01 3.65
CA PHE B 92 21.20 15.86 4.51
C PHE B 92 21.21 14.58 3.69
N PHE B 93 20.39 14.52 2.65
CA PHE B 93 20.36 13.35 1.79
C PHE B 93 21.75 13.06 1.22
N GLU B 94 22.49 14.09 0.82
CA GLU B 94 23.79 13.85 0.19
C GLU B 94 24.79 13.27 1.18
N ALA B 95 24.71 13.66 2.46
CA ALA B 95 25.58 13.04 3.45
C ALA B 95 25.20 11.57 3.65
N LEU B 96 23.90 11.27 3.77
CA LEU B 96 23.47 9.88 3.89
C LEU B 96 23.83 9.07 2.66
N GLU B 97 23.56 9.62 1.47
CA GLU B 97 23.87 8.91 0.24
C GLU B 97 25.36 8.61 0.12
N GLN B 98 26.22 9.43 0.71
CA GLN B 98 27.63 9.13 0.51
C GLN B 98 28.03 7.95 1.38
N ARG B 99 27.44 7.81 2.57
CA ARG B 99 27.69 6.59 3.35
C ARG B 99 27.07 5.39 2.68
N HIS B 100 25.88 5.56 2.10
CA HIS B 100 25.24 4.47 1.40
C HIS B 100 26.12 3.94 0.27
N LYS B 101 26.76 4.85 -0.49
CA LYS B 101 27.49 4.39 -1.69
C LYS B 101 28.79 3.68 -1.32
N ALA B 102 29.40 4.05 -0.19
CA ALA B 102 30.80 3.67 0.05
C ALA B 102 30.93 2.19 0.41
N GLN B 103 29.93 1.62 1.06
CA GLN B 103 30.01 0.25 1.57
C GLN B 103 28.69 -0.46 1.39
N VAL B 104 28.75 -1.78 1.26
CA VAL B 104 27.52 -2.61 1.14
C VAL B 104 26.80 -2.52 2.47
N CYS B 105 27.51 -2.76 3.55
CA CYS B 105 26.92 -2.56 4.88
C CYS B 105 27.44 -1.24 5.43
N VAL B 106 26.54 -0.27 5.62
CA VAL B 106 26.92 1.01 6.20
C VAL B 106 27.27 0.82 7.67
N GLU B 107 28.40 1.39 8.10
CA GLU B 107 28.81 1.26 9.49
C GLU B 107 27.92 2.11 10.40
N ASP B 108 27.74 3.39 10.07
CA ASP B 108 26.95 4.27 10.93
C ASP B 108 26.49 5.50 10.16
N ILE B 109 25.33 6.03 10.58
CA ILE B 109 24.85 7.33 10.13
C ILE B 109 24.46 8.24 11.30
N SER B 110 24.58 7.76 12.54
CA SER B 110 24.06 8.53 13.67
C SER B 110 24.76 9.89 13.78
N ASP B 111 26.07 9.92 13.50
CA ASP B 111 26.79 11.20 13.56
C ASP B 111 26.17 12.22 12.62
N ILE B 112 25.77 11.79 11.42
CA ILE B 112 25.12 12.70 10.49
C ILE B 112 23.77 13.17 11.04
N LEU B 113 22.96 12.24 11.55
CA LEU B 113 21.66 12.60 12.13
C LEU B 113 21.82 13.63 13.24
N GLU B 114 22.74 13.37 14.17
CA GLU B 114 22.94 14.30 15.27
C GLU B 114 23.40 15.65 14.76
N ASP B 115 24.39 15.65 13.87
CA ASP B 115 24.98 16.89 13.39
C ASP B 115 23.94 17.77 12.70
N HIS B 116 23.11 17.18 11.85
CA HIS B 116 22.16 18.00 11.11
C HIS B 116 21.00 18.43 11.99
N ALA B 117 20.54 17.55 12.88
CA ALA B 117 19.54 17.95 13.86
C ALA B 117 20.03 19.16 14.67
N GLN B 118 21.31 19.16 15.05
CA GLN B 118 21.80 20.22 15.90
C GLN B 118 22.16 21.48 15.12
N HIS B 119 22.63 21.36 13.88
CA HIS B 119 23.35 22.46 13.24
C HIS B 119 22.82 22.88 11.88
N HIS B 120 21.92 22.11 11.26
CA HIS B 120 21.53 22.40 9.89
C HIS B 120 20.02 22.39 9.67
N PHE B 121 19.23 22.12 10.70
CA PHE B 121 17.78 21.98 10.53
C PHE B 121 17.02 23.19 11.09
N HIS B 122 17.71 24.27 11.44
CA HIS B 122 17.00 25.49 11.80
C HIS B 122 15.93 25.90 10.79
N PRO B 123 16.09 25.73 9.47
CA PRO B 123 14.98 26.08 8.56
C PRO B 123 13.67 25.41 8.92
N TYR B 124 13.72 24.20 9.49
CA TYR B 124 12.47 23.54 9.86
C TYR B 124 11.74 24.31 10.93
N ILE B 125 12.49 24.98 11.82
CA ILE B 125 11.85 25.73 12.89
C ILE B 125 11.05 26.91 12.34
N ALA B 126 11.63 27.66 11.41
CA ALA B 126 10.87 28.81 10.89
C ALA B 126 9.72 28.33 10.03
N TYR B 127 9.92 27.27 9.25
CA TYR B 127 8.85 26.74 8.39
C TYR B 127 7.65 26.30 9.22
N CYS B 128 7.89 25.50 10.27
CA CYS B 128 6.79 25.08 11.15
C CYS B 128 6.20 26.28 11.89
N SER B 129 7.04 27.23 12.28
CA SER B 129 6.54 28.40 12.97
C SER B 129 5.57 29.20 12.10
N ASN B 130 5.78 29.21 10.78
CA ASN B 130 4.96 30.01 9.87
C ASN B 130 3.63 29.35 9.52
N GLU B 131 3.40 28.12 9.99
CA GLU B 131 2.22 27.35 9.56
C GLU B 131 0.94 28.19 9.63
N VAL B 132 0.68 28.83 10.77
CA VAL B 132 -0.56 29.59 10.92
C VAL B 132 -0.74 30.61 9.81
N TYR B 133 0.32 31.21 9.30
CA TYR B 133 0.23 32.25 8.27
C TYR B 133 0.03 31.56 6.92
N GLN B 134 0.78 30.50 6.66
CA GLN B 134 0.54 29.68 5.48
C GLN B 134 -0.92 29.25 5.38
N GLN B 135 -1.50 28.81 6.49
CA GLN B 135 -2.90 28.42 6.51
C GLN B 135 -3.81 29.58 6.11
N ARG B 136 -3.68 30.72 6.77
CA ARG B 136 -4.63 31.83 6.51
C ARG B 136 -4.47 32.34 5.08
N THR B 137 -3.23 32.42 4.61
CA THR B 137 -3.00 32.89 3.23
C THR B 137 -3.74 31.99 2.24
N LEU B 138 -3.61 30.67 2.38
CA LEU B 138 -4.26 29.75 1.42
C LEU B 138 -5.77 29.95 1.48
N GLN B 139 -6.36 29.96 2.67
CA GLN B 139 -7.82 30.17 2.84
C GLN B 139 -8.28 31.44 2.11
N LYS B 140 -7.63 32.57 2.35
CA LYS B 140 -8.08 33.84 1.75
C LYS B 140 -7.96 33.76 0.22
N LEU B 141 -6.87 33.22 -0.28
CA LEU B 141 -6.69 33.09 -1.74
C LEU B 141 -7.76 32.16 -2.31
N SER B 142 -8.10 31.12 -1.57
CA SER B 142 -9.06 30.12 -2.07
C SER B 142 -10.50 30.65 -2.05
N ASN B 143 -10.80 31.61 -1.20
CA ASN B 143 -12.18 32.10 -1.06
C ASN B 143 -12.36 33.46 -1.69
N SER B 144 -11.31 34.07 -2.23
CA SER B 144 -11.43 35.47 -2.70
C SER B 144 -10.71 35.69 -4.03
N ASN B 145 -9.77 34.84 -4.39
CA ASN B 145 -8.96 35.11 -5.60
C ASN B 145 -9.33 34.13 -6.69
N ALA B 146 -10.16 34.60 -7.62
CA ALA B 146 -10.61 33.71 -8.68
C ALA B 146 -9.46 33.32 -9.60
N ALA B 147 -8.58 34.27 -9.90
CA ALA B 147 -7.43 33.97 -10.74
C ALA B 147 -6.53 32.93 -10.09
N PHE B 148 -6.28 33.06 -8.78
CA PHE B 148 -5.51 32.04 -8.07
C PHE B 148 -6.15 30.66 -8.20
N ARG B 149 -7.46 30.54 -7.95
CA ARG B 149 -8.13 29.23 -8.02
C ARG B 149 -7.97 28.59 -9.41
N ASP B 150 -8.15 29.39 -10.47
CA ASP B 150 -8.07 28.86 -11.82
C ASP B 150 -6.66 28.40 -12.16
N VAL B 151 -5.65 29.20 -11.81
CA VAL B 151 -4.26 28.82 -12.08
C VAL B 151 -3.89 27.59 -11.28
N LEU B 152 -4.19 27.59 -9.97
CA LEU B 152 -3.86 26.46 -9.12
C LEU B 152 -4.46 25.17 -9.66
N LYS B 153 -5.68 25.18 -10.18
CA LYS B 153 -6.34 23.97 -10.74
C LYS B 153 -5.58 23.41 -11.95
N GLU B 154 -5.10 24.29 -12.81
CA GLU B 154 -4.35 23.86 -14.01
C GLU B 154 -2.98 23.24 -13.67
N ILE B 155 -2.30 23.72 -12.64
CA ILE B 155 -0.98 23.16 -12.25
C ILE B 155 -1.22 21.80 -11.63
N GLU B 156 -2.32 21.64 -10.90
CA GLU B 156 -2.62 20.38 -10.20
C GLU B 156 -3.08 19.30 -11.18
N LYS B 157 -3.46 19.67 -12.40
CA LYS B 157 -3.85 18.70 -13.45
C LYS B 157 -2.58 18.24 -14.16
N ARG B 158 -1.50 18.98 -14.00
CA ARG B 158 -0.23 18.63 -14.65
C ARG B 158 0.27 17.32 -14.07
N PRO B 159 0.83 16.45 -14.91
CA PRO B 159 1.36 15.18 -14.45
C PRO B 159 2.44 15.24 -13.37
N ALA B 160 3.24 16.30 -13.30
CA ALA B 160 4.32 16.28 -12.32
C ALA B 160 3.80 16.26 -10.89
N CYS B 161 2.56 16.67 -10.66
CA CYS B 161 2.00 16.68 -9.31
C CYS B 161 1.52 15.31 -8.85
N GLY B 162 1.39 14.34 -9.76
CA GLY B 162 0.94 13.01 -9.36
C GLY B 162 -0.44 12.99 -8.77
N GLY B 163 -1.33 13.88 -9.22
CA GLY B 163 -2.67 13.93 -8.67
C GLY B 163 -2.78 14.51 -7.27
N LEU B 164 -1.71 15.08 -6.71
CA LEU B 164 -1.79 15.60 -5.35
C LEU B 164 -1.95 17.11 -5.32
N PRO B 165 -2.74 17.65 -4.39
CA PRO B 165 -2.96 19.10 -4.35
C PRO B 165 -1.81 19.81 -3.65
N MET B 166 -1.69 21.11 -3.96
CA MET B 166 -0.58 21.91 -3.42
C MET B 166 -0.47 21.79 -1.89
N ILE B 167 -1.61 21.80 -1.19
CA ILE B 167 -1.57 21.81 0.27
C ILE B 167 -0.82 20.59 0.81
N SER B 168 -0.94 19.44 0.14
CA SER B 168 -0.27 18.23 0.64
C SER B 168 1.24 18.32 0.45
N PHE B 169 1.71 19.06 -0.57
CA PHE B 169 3.14 19.33 -0.67
C PHE B 169 3.58 20.30 0.42
N LEU B 170 2.77 21.32 0.71
CA LEU B 170 3.17 22.36 1.66
C LEU B 170 3.37 21.81 3.06
N ILE B 171 2.64 20.77 3.47
CA ILE B 171 2.79 20.23 4.82
C ILE B 171 3.82 19.11 4.90
N LEU B 172 4.46 18.73 3.80
CA LEU B 172 5.49 17.69 3.87
C LEU B 172 6.58 17.97 4.88
N PRO B 173 7.11 19.19 5.01
CA PRO B 173 8.20 19.37 5.98
C PRO B 173 7.75 19.11 7.40
N MET B 174 6.51 19.44 7.78
CA MET B 174 6.12 19.16 9.16
C MET B 174 5.96 17.66 9.36
N GLN B 175 5.43 16.96 8.34
CA GLN B 175 5.31 15.51 8.45
C GLN B 175 6.68 14.86 8.48
N ARG B 176 7.64 15.40 7.73
CA ARG B 176 8.95 14.78 7.65
C ARG B 176 9.67 14.90 8.99
N VAL B 177 9.74 16.11 9.53
CA VAL B 177 10.54 16.32 10.71
C VAL B 177 10.00 15.50 11.87
N THR B 178 8.68 15.30 11.94
CA THR B 178 8.14 14.55 13.07
C THR B 178 8.24 13.04 12.86
N ARG B 179 8.51 12.61 11.63
CA ARG B 179 8.78 11.19 11.40
C ARG B 179 10.23 10.82 11.70
N LEU B 180 11.14 11.78 11.65
CA LEU B 180 12.55 11.49 11.90
C LEU B 180 12.81 10.86 13.27
N PRO B 181 12.17 11.27 14.37
CA PRO B 181 12.47 10.59 15.65
C PRO B 181 12.00 9.15 15.66
N LEU B 182 10.91 8.81 14.96
CA LEU B 182 10.46 7.43 14.89
C LEU B 182 11.47 6.57 14.13
N LEU B 183 11.94 7.05 12.97
CA LEU B 183 12.96 6.33 12.22
C LEU B 183 14.26 6.24 13.00
N THR B 184 14.62 7.30 13.72
CA THR B 184 15.85 7.24 14.50
C THR B 184 15.69 6.30 15.68
N ASP B 185 14.50 6.28 16.29
CA ASP B 185 14.26 5.34 17.39
C ASP B 185 14.33 3.90 16.90
N THR B 186 13.72 3.62 15.73
CA THR B 186 13.88 2.30 15.10
C THR B 186 15.34 1.94 14.94
N LEU B 187 16.14 2.89 14.45
CA LEU B 187 17.56 2.62 14.24
C LEU B 187 18.25 2.28 15.57
N CYS B 188 17.87 2.96 16.66
CA CYS B 188 18.42 2.65 17.98
C CYS B 188 18.13 1.22 18.39
N LEU B 189 16.87 0.81 18.29
CA LEU B 189 16.49 -0.55 18.65
C LEU B 189 17.31 -1.59 17.90
N LYS B 190 17.71 -1.29 16.68
CA LYS B 190 18.41 -2.31 15.86
C LYS B 190 19.93 -2.17 16.00
N THR B 191 20.39 -1.25 16.84
CA THR B 191 21.81 -1.03 17.07
C THR B 191 22.24 -1.52 18.46
N GLN B 192 21.36 -2.24 19.14
CA GLN B 192 21.66 -2.65 20.54
C GLN B 192 22.86 -3.62 20.60
N GLY B 193 23.10 -4.37 19.53
CA GLY B 193 24.21 -5.34 19.49
C GLY B 193 25.57 -4.67 19.34
N HIS B 194 25.59 -3.36 19.26
CA HIS B 194 26.86 -2.62 19.05
C HIS B 194 26.85 -1.45 20.01
N PRO B 195 27.47 -1.59 21.19
CA PRO B 195 27.42 -0.56 22.22
C PRO B 195 27.84 0.87 21.91
N GLU B 196 28.93 1.06 21.18
CA GLU B 196 29.40 2.45 20.98
C GLU B 196 28.49 3.15 19.96
N ARG B 197 27.96 2.37 19.03
CA ARG B 197 27.09 2.96 18.01
C ARG B 197 25.71 3.13 18.63
N TYR B 198 25.37 2.35 19.66
CA TYR B 198 24.08 2.56 20.34
C TYR B 198 24.13 3.89 21.08
N LYS B 199 25.26 4.19 21.69
CA LYS B 199 25.41 5.50 22.34
C LYS B 199 25.19 6.58 21.28
N ALA B 200 25.91 6.52 20.16
CA ALA B 200 25.79 7.55 19.14
C ALA B 200 24.36 7.63 18.61
N ALA B 201 23.74 6.47 18.36
CA ALA B 201 22.37 6.47 17.89
C ALA B 201 21.43 7.12 18.89
N SER B 202 21.62 6.87 20.18
CA SER B 202 20.68 7.38 21.20
C SER B 202 20.81 8.90 21.33
N GLN B 203 22.03 9.38 21.17
CA GLN B 203 22.34 10.82 21.17
C GLN B 203 21.66 11.51 19.99
N ALA B 204 21.59 10.84 18.85
CA ALA B 204 20.89 11.36 17.66
C ALA B 204 19.38 11.48 17.89
N LEU B 205 18.78 10.51 18.57
CA LEU B 205 17.33 10.55 18.89
C LEU B 205 17.07 11.76 19.78
N LYS B 206 17.96 12.01 20.72
CA LYS B 206 17.78 13.15 21.66
C LYS B 206 17.85 14.46 20.87
N ALA B 207 18.81 14.58 19.98
CA ALA B 207 18.94 15.80 19.17
C ALA B 207 17.77 16.00 18.22
N ILE B 208 17.31 14.94 17.56
CA ILE B 208 16.17 15.04 16.62
C ILE B 208 14.92 15.41 17.41
N SER B 209 14.78 14.84 18.59
CA SER B 209 13.61 15.07 19.46
C SER B 209 13.59 16.53 19.95
N LYS B 210 14.76 17.07 20.26
CA LYS B 210 14.90 18.47 20.69
C LYS B 210 14.58 19.36 19.51
N LEU B 211 15.13 19.02 18.35
CA LEU B 211 14.75 19.80 17.17
C LEU B 211 13.24 19.81 16.97
N VAL B 212 12.60 18.64 17.05
CA VAL B 212 11.15 18.58 16.80
C VAL B 212 10.40 19.40 17.84
N LYS B 213 10.85 19.35 19.08
CA LYS B 213 10.14 20.08 20.16
C LYS B 213 10.27 21.57 19.92
N GLN B 214 11.41 22.01 19.42
CA GLN B 214 11.49 23.45 19.17
C GLN B 214 10.72 23.86 17.91
N CYS B 215 10.56 22.96 16.93
CA CYS B 215 9.60 23.20 15.87
C CYS B 215 8.20 23.36 16.43
N ASN B 216 7.82 22.48 17.35
CA ASN B 216 6.48 22.49 17.90
C ASN B 216 6.24 23.71 18.78
N GLU B 217 7.20 24.02 19.65
CA GLU B 217 7.12 25.25 20.45
C GLU B 217 7.09 26.50 19.56
N GLY B 218 7.85 26.49 18.48
CA GLY B 218 7.80 27.62 17.56
C GLY B 218 6.43 27.81 16.95
N ALA B 219 5.78 26.71 16.55
CA ALA B 219 4.48 26.83 15.89
C ALA B 219 3.43 27.31 16.88
N HIS B 220 3.49 26.84 18.11
CA HIS B 220 2.51 27.24 19.14
C HIS B 220 2.65 28.72 19.48
N LYS B 221 3.87 29.22 19.60
CA LYS B 221 4.10 30.65 19.93
C LYS B 221 3.49 31.55 18.86
N MET B 222 3.79 31.28 17.61
CA MET B 222 3.29 32.13 16.50
C MET B 222 1.76 32.09 16.45
N GLU B 223 1.17 30.91 16.61
CA GLU B 223 -0.30 30.76 16.55
C GLU B 223 -0.96 31.53 17.69
N ARG B 224 -0.43 31.41 18.90
CA ARG B 224 -1.04 32.06 20.07
C ARG B 224 -0.88 33.57 19.99
N THR B 225 0.25 34.06 19.50
CA THR B 225 0.49 35.50 19.34
C THR B 225 -0.48 36.04 18.28
N GLU B 226 -0.60 35.36 17.15
CA GLU B 226 -1.55 35.79 16.11
C GLU B 226 -2.94 35.86 16.71
N GLN B 227 -3.37 34.79 17.38
CA GLN B 227 -4.74 34.71 17.94
C GLN B 227 -4.95 35.75 19.04
N ILE B 228 -3.98 35.94 19.92
CA ILE B 228 -4.20 36.87 21.05
C ILE B 228 -4.34 38.28 20.50
N TYR B 229 -3.57 38.63 19.47
CA TYR B 229 -3.69 39.97 18.90
C TYR B 229 -4.92 40.08 18.02
N THR B 230 -5.31 39.02 17.34
CA THR B 230 -6.51 39.07 16.49
C THR B 230 -7.76 39.16 17.37
N LEU B 231 -7.81 38.34 18.41
CA LEU B 231 -8.98 38.35 19.29
C LEU B 231 -8.98 39.58 20.19
N ASN B 232 -7.79 40.09 20.54
CA ASN B 232 -7.76 41.35 21.29
C ASN B 232 -8.48 42.45 20.52
N MET B 233 -8.34 42.45 19.19
CA MET B 233 -9.01 43.46 18.37
C MET B 233 -10.50 43.16 18.22
N GLN B 234 -10.86 41.89 18.08
CA GLN B 234 -12.23 41.52 17.77
C GLN B 234 -13.16 41.59 18.99
N LEU B 235 -12.64 41.37 20.19
CA LEU B 235 -13.46 41.32 21.39
C LEU B 235 -13.58 42.71 21.99
N ASP B 236 -14.80 43.20 22.06
CA ASP B 236 -15.12 44.55 22.49
C ASP B 236 -15.58 44.49 23.95
N PHE B 237 -14.76 45.03 24.85
CA PHE B 237 -15.07 45.05 26.28
C PHE B 237 -15.76 46.33 26.74
N GLY B 238 -16.24 47.16 25.80
CA GLY B 238 -16.71 48.49 26.17
C GLY B 238 -17.78 48.52 27.25
N LYS B 239 -18.68 47.53 27.26
CA LYS B 239 -19.82 47.53 28.16
C LYS B 239 -19.59 46.75 29.46
N VAL B 240 -18.37 46.28 29.72
CA VAL B 240 -18.05 45.56 30.94
C VAL B 240 -16.76 46.12 31.52
N LYS B 241 -16.46 45.73 32.75
CA LYS B 241 -15.15 46.01 33.34
C LYS B 241 -14.08 45.63 32.32
N SER B 242 -13.18 46.55 32.04
CA SER B 242 -12.18 46.25 31.04
C SER B 242 -11.29 45.11 31.53
N LEU B 243 -10.81 44.34 30.58
CA LEU B 243 -9.94 43.23 30.92
C LEU B 243 -8.89 43.17 29.83
N PRO B 244 -7.61 43.34 30.18
CA PRO B 244 -6.55 43.26 29.16
C PRO B 244 -6.46 41.83 28.67
N LEU B 245 -6.67 41.64 27.38
CA LEU B 245 -6.60 40.31 26.81
C LEU B 245 -5.18 39.93 26.40
N ILE B 246 -4.34 40.91 26.05
CA ILE B 246 -3.00 40.64 25.58
C ILE B 246 -2.12 40.13 26.73
N SER B 247 -1.39 39.07 26.45
CA SER B 247 -0.53 38.34 27.37
C SER B 247 0.35 37.43 26.54
N ALA B 248 1.54 37.11 27.03
CA ALA B 248 2.41 36.18 26.27
C ALA B 248 2.10 34.74 26.66
N SER B 249 1.32 34.56 27.72
CA SER B 249 0.98 33.20 28.21
C SER B 249 -0.41 32.76 27.71
N ARG B 250 -1.36 33.68 27.58
CA ARG B 250 -2.74 33.33 27.23
C ARG B 250 -2.91 32.62 25.89
N TRP B 251 -3.67 31.55 25.90
CA TRP B 251 -3.99 30.85 24.63
C TRP B 251 -5.45 30.42 24.64
N LEU B 252 -6.01 30.15 23.47
CA LEU B 252 -7.41 29.80 23.31
C LEU B 252 -7.58 28.28 23.38
N LEU B 253 -8.35 27.80 24.37
CA LEU B 253 -8.71 26.39 24.43
C LEU B 253 -9.83 26.04 23.44
N LYS B 254 -10.83 26.91 23.31
CA LYS B 254 -12.03 26.58 22.55
C LYS B 254 -12.86 27.84 22.37
N ARG B 255 -13.54 27.91 21.23
CA ARG B 255 -14.45 28.99 20.94
C ARG B 255 -15.65 28.40 20.22
N GLY B 256 -16.79 29.06 20.33
CA GLY B 256 -17.92 28.63 19.53
C GLY B 256 -19.23 29.16 20.05
N GLU B 257 -20.25 28.96 19.22
CA GLU B 257 -21.61 29.41 19.47
C GLU B 257 -22.38 28.35 20.23
N LEU B 258 -23.20 28.79 21.18
CA LEU B 258 -24.09 27.90 21.91
C LEU B 258 -25.46 28.54 21.94
N PHE B 259 -26.50 27.70 22.11
CA PHE B 259 -27.84 28.21 22.27
C PHE B 259 -28.04 28.67 23.71
N LEU B 260 -28.68 29.81 23.86
CA LEU B 260 -28.92 30.37 25.17
C LEU B 260 -30.24 29.82 25.68
N LEU B 261 -30.23 29.32 26.93
CA LEU B 261 -31.44 28.81 27.56
C LEU B 261 -32.05 29.82 28.51
N GLU B 262 -33.36 29.90 28.45
CA GLU B 262 -34.22 30.62 29.38
C GLU B 262 -35.17 29.64 30.02
N GLU B 263 -34.91 29.33 31.28
CA GLU B 263 -35.80 28.49 32.08
C GLU B 263 -37.16 29.14 32.35
N SER B 264 -37.35 30.41 31.96
CA SER B 264 -38.57 31.15 32.25
C SER B 264 -39.74 30.80 31.32
N SER B 265 -39.49 30.08 30.21
CA SER B 265 -40.62 29.52 29.50
C SER B 265 -40.35 28.06 29.14
N ILE B 266 -41.46 27.32 29.06
CA ILE B 266 -41.50 25.89 28.88
C ILE B 266 -41.55 25.53 27.41
N PHE B 267 -42.03 26.46 26.58
CA PHE B 267 -42.45 26.19 25.22
C PHE B 267 -41.40 26.74 24.26
N ARG B 268 -40.23 26.13 24.31
CA ARG B 268 -39.14 26.55 23.47
C ARG B 268 -39.42 26.19 22.01
N LYS B 269 -38.80 26.94 21.12
CA LYS B 269 -38.87 26.66 19.69
C LYS B 269 -37.51 26.22 19.20
N ILE B 270 -37.50 25.72 17.97
CA ILE B 270 -36.30 25.16 17.38
C ILE B 270 -35.77 26.06 16.27
N ALA B 271 -36.47 27.19 16.03
CA ALA B 271 -36.15 28.19 15.03
C ALA B 271 -35.85 29.53 15.71
N SER B 272 -34.91 30.29 15.16
CA SER B 272 -34.59 31.62 15.67
C SER B 272 -34.17 31.58 17.14
N ARG B 273 -33.39 30.59 17.50
CA ARG B 273 -32.97 30.44 18.89
C ARG B 273 -31.89 31.46 19.24
N PRO B 274 -32.08 32.24 20.31
CA PRO B 274 -31.00 33.12 20.79
C PRO B 274 -29.72 32.35 21.06
N THR B 275 -28.59 33.02 20.86
CA THR B 275 -27.28 32.38 21.02
C THR B 275 -26.35 33.25 21.86
N CYS B 276 -25.25 32.64 22.28
CA CYS B 276 -24.13 33.42 22.77
C CYS B 276 -22.89 32.78 22.18
N TYR B 277 -21.77 33.47 22.30
CA TYR B 277 -20.53 32.99 21.68
C TYR B 277 -19.43 33.03 22.73
N LEU B 278 -18.83 31.88 23.00
CA LEU B 278 -17.84 31.77 24.06
C LEU B 278 -16.43 31.78 23.49
N PHE B 279 -15.53 32.42 24.22
CA PHE B 279 -14.09 32.31 24.00
C PHE B 279 -13.49 31.82 25.31
N LEU B 280 -13.03 30.59 25.32
CA LEU B 280 -12.46 29.97 26.51
C LEU B 280 -10.94 29.95 26.35
N PHE B 281 -10.28 30.82 27.08
CA PHE B 281 -8.83 30.86 27.17
C PHE B 281 -8.39 29.98 28.34
N ASN B 282 -7.07 29.72 28.39
CA ASN B 282 -6.53 28.83 29.41
C ASN B 282 -6.75 29.35 30.82
N ASP B 283 -6.93 30.66 30.99
CA ASP B 283 -7.10 31.20 32.32
C ASP B 283 -8.37 32.03 32.49
N VAL B 284 -9.16 32.23 31.44
CA VAL B 284 -10.37 33.06 31.57
C VAL B 284 -11.40 32.62 30.56
N LEU B 285 -12.66 32.58 30.99
CA LEU B 285 -13.82 32.37 30.12
C LEU B 285 -14.43 33.73 29.76
N VAL B 286 -14.62 33.99 28.47
CA VAL B 286 -15.26 35.24 28.03
C VAL B 286 -16.57 34.90 27.30
N VAL B 287 -17.67 35.50 27.76
CA VAL B 287 -19.01 35.31 27.19
C VAL B 287 -19.33 36.49 26.28
N THR B 288 -19.64 36.24 25.01
CA THR B 288 -19.93 37.35 24.09
C THR B 288 -21.20 37.08 23.29
N LYS B 289 -21.65 38.14 22.62
CA LYS B 289 -22.60 38.06 21.51
C LYS B 289 -21.85 38.41 20.22
N LYS B 290 -21.96 37.55 19.22
CA LYS B 290 -21.36 37.84 17.93
C LYS B 290 -22.10 39.01 17.28
N LYS B 291 -21.38 40.05 16.90
CA LYS B 291 -22.01 41.17 16.20
C LYS B 291 -21.72 41.16 14.71
N SER B 292 -20.59 40.60 14.30
CA SER B 292 -20.17 40.53 12.90
C SER B 292 -18.99 39.57 12.87
N GLU B 293 -18.46 39.34 11.67
CA GLU B 293 -17.36 38.39 11.56
C GLU B 293 -16.14 38.85 12.34
N GLU B 294 -15.91 40.15 12.46
CA GLU B 294 -14.74 40.64 13.18
C GLU B 294 -15.06 41.30 14.50
N SER B 295 -16.28 41.15 15.03
CA SER B 295 -16.66 41.88 16.23
C SER B 295 -17.51 41.03 17.16
N TYR B 296 -17.08 40.90 18.41
CA TYR B 296 -17.80 40.17 19.44
C TYR B 296 -17.94 41.05 20.67
N LEU B 297 -19.16 41.32 21.10
CA LEU B 297 -19.40 42.18 22.25
C LEU B 297 -19.38 41.33 23.52
N VAL B 298 -18.48 41.68 24.45
CA VAL B 298 -18.35 40.93 25.69
C VAL B 298 -19.54 41.23 26.60
N GLN B 299 -20.20 40.17 27.06
CA GLN B 299 -21.28 40.28 28.04
C GLN B 299 -20.78 40.09 29.47
N ASP B 300 -19.81 39.21 29.68
CA ASP B 300 -19.33 38.85 31.01
C ASP B 300 -18.07 38.01 30.85
N TYR B 301 -17.38 37.77 31.96
CA TYR B 301 -16.23 36.87 31.95
C TYR B 301 -15.92 36.46 33.38
N ALA B 302 -15.07 35.44 33.51
CA ALA B 302 -14.61 34.99 34.81
C ALA B 302 -13.30 34.22 34.64
N GLN B 303 -12.39 34.38 35.60
CA GLN B 303 -11.23 33.50 35.71
C GLN B 303 -11.69 32.05 35.64
N LEU B 304 -10.96 31.22 34.91
CA LEU B 304 -11.37 29.83 34.77
C LEU B 304 -11.34 29.10 36.11
N ASP B 305 -10.48 29.56 37.01
CA ASP B 305 -10.49 29.17 38.43
C ASP B 305 -11.85 29.31 39.05
N HIS B 306 -12.71 30.16 38.52
CA HIS B 306 -13.94 30.57 39.20
C HIS B 306 -15.16 30.18 38.39
N VAL B 307 -14.99 29.14 37.58
CA VAL B 307 -16.02 28.64 36.69
C VAL B 307 -16.31 27.19 37.07
N GLN B 308 -17.59 26.89 37.25
CA GLN B 308 -18.04 25.51 37.40
C GLN B 308 -19.00 25.20 36.27
N VAL B 309 -19.02 23.93 35.87
CA VAL B 309 -19.93 23.49 34.83
C VAL B 309 -20.53 22.16 35.24
N ARG B 310 -21.75 21.91 34.80
CA ARG B 310 -22.38 20.60 34.91
C ARG B 310 -23.42 20.43 33.80
N LYS B 311 -23.66 19.19 33.41
CA LYS B 311 -24.78 18.87 32.56
C LYS B 311 -26.10 19.21 33.25
N LEU B 312 -27.11 19.47 32.44
CA LEU B 312 -28.47 19.58 32.97
C LEU B 312 -29.25 18.34 32.56
N GLU B 313 -30.23 17.93 33.46
CA GLU B 313 -31.03 16.75 33.16
C GLU B 313 -32.29 17.14 32.40
N PRO B 314 -32.80 16.22 31.58
CA PRO B 314 -34.07 16.47 30.87
C PRO B 314 -35.23 16.65 31.84
N SER B 315 -36.34 17.15 31.29
CA SER B 315 -37.57 17.28 32.05
C SER B 315 -38.19 15.90 32.29
N GLU B 316 -38.85 15.76 33.45
CA GLU B 316 -39.46 14.49 33.82
C GLU B 316 -40.62 14.15 32.87
N PRO B 317 -41.05 12.88 32.83
CA PRO B 317 -42.03 12.48 31.81
C PRO B 317 -43.48 12.48 32.24
N LEU B 318 -43.84 13.21 33.30
CA LEU B 318 -45.22 13.25 33.81
C LEU B 318 -45.61 11.96 34.53
N LEU B 319 -45.39 10.80 33.91
CA LEU B 319 -45.52 9.49 34.57
C LEU B 319 -46.88 9.32 35.27
N SER B 327 -37.50 16.88 22.55
CA SER B 327 -36.94 17.96 23.38
C SER B 327 -36.12 18.97 22.56
N SER B 328 -36.50 20.25 22.67
CA SER B 328 -35.88 21.35 21.91
C SER B 328 -34.57 21.83 22.50
N VAL B 329 -34.16 21.31 23.66
CA VAL B 329 -32.82 21.57 24.21
C VAL B 329 -32.19 20.21 24.48
N PRO B 330 -31.63 19.59 23.44
CA PRO B 330 -31.28 18.17 23.54
C PRO B 330 -30.07 17.91 24.41
N TYR B 331 -29.07 18.80 24.43
CA TYR B 331 -27.87 18.58 25.24
C TYR B 331 -27.57 19.82 26.07
N PRO B 332 -28.36 20.09 27.09
CA PRO B 332 -28.17 21.30 27.90
C PRO B 332 -27.06 21.13 28.93
N PHE B 333 -26.51 22.26 29.34
CA PHE B 333 -25.55 22.29 30.43
C PHE B 333 -25.50 23.70 31.00
N GLN B 334 -24.92 23.80 32.19
CA GLN B 334 -24.95 25.02 32.97
C GLN B 334 -23.54 25.42 33.33
N VAL B 335 -23.22 26.70 33.13
CA VAL B 335 -21.94 27.28 33.47
C VAL B 335 -22.18 28.26 34.62
N ASN B 336 -21.49 28.06 35.73
CA ASN B 336 -21.65 28.96 36.87
C ASN B 336 -20.38 29.80 36.94
N LEU B 337 -20.55 31.12 36.95
CA LEU B 337 -19.44 32.04 37.18
C LEU B 337 -19.45 32.35 38.67
N LEU B 338 -18.45 31.83 39.40
CA LEU B 338 -18.47 32.03 40.84
C LEU B 338 -18.08 33.45 41.19
N HIS B 339 -17.30 34.09 40.33
CA HIS B 339 -16.80 35.44 40.57
C HIS B 339 -16.66 36.08 39.19
N ASN B 340 -17.62 36.91 38.78
CA ASN B 340 -17.70 37.35 37.39
C ASN B 340 -17.02 38.72 37.18
N SER B 341 -17.31 39.36 36.03
CA SER B 341 -16.88 40.74 35.74
C SER B 341 -16.94 41.68 36.94
N GLU B 342 -18.06 41.65 37.66
CA GLU B 342 -18.35 42.55 38.77
C GLU B 342 -18.12 41.90 40.12
N GLY B 343 -17.35 40.81 40.17
CA GLY B 343 -17.16 40.05 41.40
C GLY B 343 -18.40 39.40 41.96
N ARG B 344 -19.41 39.12 41.14
CA ARG B 344 -20.69 38.58 41.56
C ARG B 344 -20.86 37.19 40.94
N GLN B 345 -21.94 36.51 41.30
CA GLN B 345 -22.24 35.18 40.78
C GLN B 345 -23.25 35.27 39.63
N GLU B 346 -23.04 34.46 38.61
CA GLU B 346 -23.94 34.38 37.47
C GLU B 346 -24.05 32.93 37.03
N GLN B 347 -25.26 32.52 36.63
CA GLN B 347 -25.49 31.19 36.07
C GLN B 347 -25.82 31.38 34.60
N ILE B 348 -25.23 30.59 33.73
CA ILE B 348 -25.53 30.66 32.30
C ILE B 348 -26.01 29.29 31.85
N LEU B 349 -27.22 29.24 31.30
CA LEU B 349 -27.81 28.00 30.84
C LEU B 349 -27.65 27.92 29.32
N LEU B 350 -27.04 26.84 28.86
CA LEU B 350 -26.65 26.70 27.46
C LEU B 350 -27.12 25.36 26.94
N SER B 351 -27.15 25.23 25.62
CA SER B 351 -27.49 23.97 25.00
C SER B 351 -26.77 23.84 23.68
N SER B 352 -26.34 22.62 23.39
CA SER B 352 -25.81 22.28 22.09
C SER B 352 -26.75 21.30 21.42
N ASP B 353 -26.77 21.31 20.10
CA ASP B 353 -27.53 20.31 19.38
C ASP B 353 -26.77 19.00 19.23
N SER B 354 -25.56 18.91 19.80
CA SER B 354 -24.63 17.80 19.61
C SER B 354 -24.14 17.31 20.96
N ALA B 355 -24.19 15.99 21.16
CA ALA B 355 -23.65 15.42 22.38
C ALA B 355 -22.14 15.59 22.43
N SER B 356 -21.46 15.38 21.31
CA SER B 356 -20.00 15.56 21.33
C SER B 356 -19.62 17.02 21.60
N ASP B 357 -20.36 17.98 21.02
CA ASP B 357 -20.04 19.38 21.28
C ASP B 357 -20.17 19.71 22.76
N ARG B 358 -21.26 19.27 23.39
CA ARG B 358 -21.41 19.50 24.83
C ARG B 358 -20.23 18.90 25.59
N ALA B 359 -19.91 17.64 25.30
CA ALA B 359 -18.79 17.00 25.99
C ALA B 359 -17.49 17.75 25.74
N ARG B 360 -17.30 18.30 24.54
CA ARG B 360 -16.06 19.01 24.28
C ARG B 360 -16.02 20.32 25.07
N TRP B 361 -17.17 20.99 25.22
CA TRP B 361 -17.22 22.18 26.05
C TRP B 361 -16.94 21.84 27.52
N ILE B 362 -17.54 20.77 28.02
CA ILE B 362 -17.34 20.45 29.43
C ILE B 362 -15.88 20.09 29.68
N THR B 363 -15.28 19.34 28.76
CA THR B 363 -13.87 18.99 28.88
C THR B 363 -13.00 20.23 28.88
N ALA B 364 -13.24 21.13 27.93
CA ALA B 364 -12.46 22.36 27.89
C ALA B 364 -12.69 23.22 29.13
N LEU B 365 -13.94 23.33 29.59
CA LEU B 365 -14.22 24.16 30.75
C LEU B 365 -13.68 23.56 32.04
N THR B 366 -13.29 22.28 32.05
CA THR B 366 -12.70 21.65 33.22
C THR B 366 -11.20 21.46 33.05
N TYR B 367 -10.61 22.16 32.08
CA TYR B 367 -9.16 22.12 31.83
C TYR B 367 -8.32 22.22 33.10
N LYS B 368 -8.64 23.17 33.99
CA LYS B 368 -7.83 23.36 35.21
C LYS B 368 -7.90 22.14 36.12
N GLU B 369 -9.06 21.49 36.20
CA GLU B 369 -9.23 20.36 37.10
C GLU B 369 -8.50 19.11 36.59
N ARG B 370 -8.18 19.04 35.31
CA ARG B 370 -7.55 17.87 34.70
C ARG B 370 -6.03 17.96 34.66
N ASN B 377 -0.29 6.34 35.41
CA ASN B 377 -1.40 5.46 35.04
C ASN B 377 -1.64 5.42 33.53
N LYS B 378 -0.70 5.99 32.76
CA LYS B 378 -0.88 6.12 31.32
C LYS B 378 -0.89 4.77 30.60
N GLY B 379 -0.29 3.75 31.20
CA GLY B 379 -0.24 2.44 30.58
C GLY B 379 -1.53 1.65 30.63
N GLU B 380 -2.55 2.15 31.32
CA GLU B 380 -3.84 1.48 31.39
C GLU B 380 -4.89 2.13 30.48
N LEU B 381 -4.51 3.15 29.70
CA LEU B 381 -5.40 3.85 28.77
C LEU B 381 -5.51 3.09 27.45
N PRO B 382 -6.71 3.04 26.88
CA PRO B 382 -6.86 2.41 25.57
C PRO B 382 -6.05 3.16 24.52
N GLN B 383 -5.45 2.37 23.64
CA GLN B 383 -4.64 2.93 22.55
C GLN B 383 -5.41 2.75 21.25
N VAL B 384 -5.18 3.64 20.30
CA VAL B 384 -5.82 3.63 19.00
C VAL B 384 -4.74 4.04 18.02
N GLU B 385 -4.80 3.51 16.81
CA GLU B 385 -3.83 3.86 15.78
C GLU B 385 -4.55 4.61 14.67
N VAL B 386 -3.98 5.75 14.26
CA VAL B 386 -4.60 6.59 13.24
C VAL B 386 -4.47 5.91 11.89
N THR B 387 -5.61 5.77 11.20
CA THR B 387 -5.66 5.07 9.91
C THR B 387 -5.77 6.03 8.74
N LYS B 388 -5.87 7.33 9.00
CA LYS B 388 -6.15 8.32 7.98
C LYS B 388 -5.87 9.69 8.56
N ALA B 389 -5.10 10.51 7.85
CA ALA B 389 -4.66 11.80 8.38
C ALA B 389 -5.86 12.69 8.70
N TYR B 390 -5.87 13.27 9.89
CA TYR B 390 -6.94 14.17 10.30
C TYR B 390 -6.37 15.56 10.55
N PHE B 391 -7.00 16.56 9.96
CA PHE B 391 -6.59 17.95 10.07
C PHE B 391 -7.56 18.71 10.96
N ALA B 392 -7.02 19.24 12.06
CA ALA B 392 -7.80 19.97 13.04
C ALA B 392 -8.54 21.14 12.40
N LYS B 393 -9.78 21.32 12.83
CA LYS B 393 -10.66 22.39 12.38
C LYS B 393 -10.97 23.40 13.46
N GLN B 394 -10.59 23.09 14.70
CA GLN B 394 -10.93 23.89 15.85
C GLN B 394 -9.75 23.81 16.81
N ALA B 395 -9.68 24.84 17.67
CA ALA B 395 -8.62 24.95 18.65
C ALA B 395 -8.51 23.73 19.57
N ASP B 396 -9.61 23.03 19.83
CA ASP B 396 -9.56 21.90 20.75
C ASP B 396 -9.36 20.57 20.03
N GLU B 397 -9.07 20.59 18.73
CA GLU B 397 -8.83 19.36 17.99
C GLU B 397 -7.33 19.21 17.77
N ILE B 398 -6.93 18.00 17.39
CA ILE B 398 -5.52 17.67 17.16
C ILE B 398 -5.36 17.19 15.71
N THR B 399 -4.29 17.66 15.07
CA THR B 399 -3.93 17.16 13.75
C THR B 399 -3.11 15.88 13.90
N LEU B 400 -3.52 14.83 13.20
CA LEU B 400 -2.97 13.50 13.36
C LEU B 400 -2.47 12.97 12.02
N GLN B 401 -1.25 12.45 11.99
CA GLN B 401 -0.75 11.76 10.81
C GLN B 401 -1.21 10.31 10.83
N GLN B 402 -1.27 9.70 9.65
CA GLN B 402 -1.47 8.26 9.58
C GLN B 402 -0.37 7.55 10.36
N ALA B 403 -0.74 6.49 11.07
CA ALA B 403 0.10 5.61 11.91
C ALA B 403 0.46 6.23 13.25
N ASP B 404 0.12 7.49 13.51
CA ASP B 404 0.21 8.03 14.87
C ASP B 404 -0.50 7.11 15.85
N ILE B 405 0.08 7.00 17.04
CA ILE B 405 -0.59 6.24 18.14
C ILE B 405 -1.16 7.28 19.11
N VAL B 406 -2.39 7.10 19.56
CA VAL B 406 -3.09 8.04 20.43
C VAL B 406 -3.62 7.29 21.66
N LEU B 407 -3.28 7.82 22.84
CA LEU B 407 -3.83 7.36 24.12
C LEU B 407 -5.20 7.98 24.36
N VAL B 408 -6.24 7.15 24.43
CA VAL B 408 -7.62 7.64 24.46
C VAL B 408 -8.00 8.02 25.88
N LEU B 409 -8.31 9.30 26.07
CA LEU B 409 -8.76 9.85 27.34
C LEU B 409 -10.26 9.87 27.47
N GLN B 410 -10.97 9.96 26.35
CA GLN B 410 -12.41 10.14 26.41
C GLN B 410 -13.01 9.84 25.04
N GLU B 411 -14.21 9.29 25.08
CA GLU B 411 -15.02 8.90 23.94
C GLU B 411 -16.41 9.48 24.09
N GLU B 412 -16.87 10.18 23.06
CA GLU B 412 -18.23 10.70 23.10
C GLU B 412 -18.77 10.87 21.69
N ASP B 413 -19.80 10.10 21.34
CA ASP B 413 -20.63 10.39 20.16
C ASP B 413 -19.79 10.45 18.89
N GLY B 414 -18.97 9.42 18.69
CA GLY B 414 -18.10 9.42 17.53
C GLY B 414 -16.91 10.36 17.59
N TRP B 415 -16.57 10.85 18.78
CA TRP B 415 -15.40 11.70 18.92
C TRP B 415 -14.50 11.18 20.03
N LEU B 416 -13.21 11.25 19.80
CA LEU B 416 -12.21 10.80 20.77
C LEU B 416 -11.39 11.98 21.25
N HIS B 417 -11.13 12.02 22.55
CA HIS B 417 -10.19 12.96 23.15
C HIS B 417 -8.95 12.17 23.55
N GLY B 418 -7.79 12.57 23.04
CA GLY B 418 -6.61 11.74 23.17
C GLY B 418 -5.30 12.49 23.26
N GLU B 419 -4.29 11.77 23.74
CA GLU B 419 -2.92 12.24 23.83
C GLU B 419 -2.08 11.45 22.83
N ARG B 420 -1.43 12.17 21.89
CA ARG B 420 -0.55 11.52 20.93
C ARG B 420 0.72 11.02 21.61
N LEU B 421 1.14 9.80 21.30
CA LEU B 421 2.28 9.15 21.99
C LEU B 421 3.62 9.84 21.78
N ARG B 422 3.88 10.28 20.56
CA ARG B 422 5.24 10.77 20.29
C ARG B 422 5.53 12.06 21.05
N ASP B 423 4.58 12.99 21.11
CA ASP B 423 4.88 14.34 21.55
C ASP B 423 3.97 14.87 22.64
N GLY B 424 2.95 14.12 23.05
CA GLY B 424 2.08 14.55 24.14
C GLY B 424 0.97 15.51 23.76
N GLU B 425 0.85 15.88 22.49
CA GLU B 425 -0.26 16.73 22.07
C GLU B 425 -1.60 16.05 22.36
N THR B 426 -2.53 16.81 22.94
CA THR B 426 -3.88 16.34 23.22
C THR B 426 -4.90 17.06 22.34
N GLY B 427 -6.04 16.43 22.14
CA GLY B 427 -7.06 17.04 21.33
C GLY B 427 -8.12 16.05 20.92
N TRP B 428 -9.14 16.58 20.27
CA TRP B 428 -10.29 15.80 19.86
C TRP B 428 -10.15 15.45 18.38
N PHE B 429 -10.68 14.29 18.02
CA PHE B 429 -10.68 13.85 16.61
C PHE B 429 -11.74 12.78 16.44
N PRO B 430 -12.25 12.60 15.22
CA PRO B 430 -13.30 11.59 15.00
C PRO B 430 -12.80 10.16 15.20
N GLU B 431 -13.66 9.33 15.79
CA GLU B 431 -13.34 7.92 16.02
C GLU B 431 -13.03 7.19 14.71
N SER B 432 -13.74 7.54 13.63
CA SER B 432 -13.60 6.85 12.35
C SER B 432 -12.22 7.01 11.71
N PHE B 433 -11.39 7.91 12.23
CA PHE B 433 -10.06 8.09 11.71
C PHE B 433 -9.03 7.20 12.40
N ALA B 434 -9.47 6.26 13.24
CA ALA B 434 -8.52 5.42 13.95
C ALA B 434 -9.17 4.09 14.32
N HIS B 435 -8.32 3.11 14.62
CA HIS B 435 -8.74 1.75 14.94
C HIS B 435 -8.11 1.33 16.25
N SER B 436 -8.86 0.57 17.05
CA SER B 436 -8.38 0.14 18.36
C SER B 436 -7.12 -0.72 18.23
N ILE B 437 -6.32 -0.74 19.31
CA ILE B 437 -5.16 -1.61 19.38
C ILE B 437 -5.44 -2.73 20.39
N THR B 438 -5.94 -3.86 19.88
CA THR B 438 -6.27 -4.99 20.75
C THR B 438 -5.05 -5.54 21.46
N SER B 439 -3.94 -5.67 20.73
CA SER B 439 -2.84 -6.53 21.14
C SER B 439 -2.25 -6.09 22.47
N ARG B 440 -2.11 -7.04 23.40
CA ARG B 440 -1.46 -6.74 24.68
C ARG B 440 -0.01 -6.33 24.47
N VAL B 441 0.72 -7.07 23.61
CA VAL B 441 2.15 -6.79 23.40
C VAL B 441 2.33 -5.49 22.62
N ALA B 442 1.41 -5.19 21.72
CA ALA B 442 1.45 -3.89 21.01
C ALA B 442 1.27 -2.74 22.00
N VAL B 443 0.26 -2.81 22.84
CA VAL B 443 0.00 -1.66 23.76
C VAL B 443 1.22 -1.45 24.64
N GLU B 444 1.78 -2.50 25.22
CA GLU B 444 2.90 -2.32 26.18
C GLU B 444 4.14 -1.79 25.47
N GLY B 445 4.39 -2.26 24.25
CA GLY B 445 5.53 -1.78 23.45
C GLY B 445 5.39 -0.32 23.10
N ASN B 446 4.19 0.10 22.76
CA ASN B 446 3.95 1.52 22.42
C ASN B 446 4.29 2.31 23.68
N VAL B 447 3.92 1.79 24.84
CA VAL B 447 4.15 2.54 26.11
C VAL B 447 5.64 2.72 26.29
N ARG B 448 6.42 1.68 26.02
CA ARG B 448 7.90 1.76 26.14
C ARG B 448 8.46 2.75 25.11
N ARG B 449 7.90 2.76 23.90
CA ARG B 449 8.36 3.70 22.86
C ARG B 449 8.14 5.13 23.36
N MET B 450 7.03 5.36 24.07
CA MET B 450 6.76 6.71 24.61
C MET B 450 7.90 7.13 25.54
N GLU B 451 8.33 6.28 26.45
CA GLU B 451 9.41 6.75 27.32
C GLU B 451 10.65 7.11 26.51
N ARG B 452 11.00 6.28 25.51
CA ARG B 452 12.18 6.57 24.69
C ARG B 452 12.05 7.89 23.94
N LEU B 453 10.84 8.24 23.49
CA LEU B 453 10.65 9.42 22.61
C LEU B 453 10.37 10.72 23.35
N ARG B 454 10.12 10.68 24.65
CA ARG B 454 9.72 11.92 25.37
C ARG B 454 10.96 12.70 25.81
N VAL B 455 10.94 14.01 25.59
CA VAL B 455 12.09 14.90 25.94
C VAL B 455 12.10 15.14 27.45
N GLN C 10 -2.02 0.84 -13.01
CA GLN C 10 -2.25 2.07 -12.27
C GLN C 10 -2.94 3.12 -13.14
N LEU C 11 -3.22 2.77 -14.40
CA LEU C 11 -3.91 3.67 -15.32
C LEU C 11 -5.39 3.34 -15.32
N THR C 12 -6.22 4.37 -15.18
CA THR C 12 -7.66 4.24 -15.14
C THR C 12 -8.26 4.32 -16.54
N TRP C 13 -9.50 3.84 -16.68
CA TRP C 13 -10.17 3.87 -17.97
C TRP C 13 -10.16 5.28 -18.56
N SER C 14 -10.39 6.29 -17.73
CA SER C 14 -10.50 7.65 -18.24
C SER C 14 -9.14 8.26 -18.57
N GLN C 15 -8.04 7.59 -18.22
CA GLN C 15 -6.70 8.02 -18.60
C GLN C 15 -6.16 7.31 -19.84
N LEU C 16 -6.88 6.34 -20.39
CA LEU C 16 -6.37 5.59 -21.53
C LEU C 16 -6.23 6.51 -22.74
N PRO C 17 -5.16 6.36 -23.51
CA PRO C 17 -4.92 7.30 -24.63
C PRO C 17 -6.07 7.39 -25.61
N GLU C 18 -6.79 6.29 -25.89
CA GLU C 18 -7.87 6.34 -26.88
C GLU C 18 -9.09 7.06 -26.32
N VAL C 19 -9.36 6.95 -25.02
CA VAL C 19 -10.54 7.66 -24.51
C VAL C 19 -10.27 9.14 -24.46
N LEU C 20 -9.05 9.54 -24.11
CA LEU C 20 -8.64 10.93 -24.23
C LEU C 20 -8.70 11.38 -25.68
N GLU C 21 -8.11 10.58 -26.59
CA GLU C 21 -8.11 10.92 -28.01
C GLU C 21 -9.53 11.10 -28.55
N SER C 22 -10.48 10.32 -28.05
CA SER C 22 -11.82 10.29 -28.62
C SER C 22 -12.60 11.54 -28.26
N GLY C 23 -12.28 12.18 -27.14
CA GLY C 23 -13.04 13.31 -26.65
C GLY C 23 -14.32 12.98 -25.91
N VAL C 24 -14.63 11.71 -25.65
CA VAL C 24 -15.93 11.40 -25.03
C VAL C 24 -16.04 11.95 -23.61
N LEU C 25 -14.92 12.22 -22.94
CA LEU C 25 -15.00 12.68 -21.55
C LEU C 25 -15.71 14.02 -21.41
N ASP C 26 -15.77 14.81 -22.48
CA ASP C 26 -16.36 16.15 -22.38
C ASP C 26 -17.86 16.11 -22.14
N THR C 27 -18.53 15.06 -22.63
CA THR C 27 -19.99 14.97 -22.57
C THR C 27 -20.47 13.70 -21.88
N LEU C 28 -19.58 12.89 -21.32
CA LEU C 28 -19.97 11.61 -20.77
C LEU C 28 -20.64 11.76 -19.40
N SER C 29 -21.72 11.00 -19.21
CA SER C 29 -22.31 10.80 -17.88
C SER C 29 -21.24 10.49 -16.85
N THR C 30 -21.36 11.09 -15.66
CA THR C 30 -20.61 10.54 -14.54
C THR C 30 -21.03 9.09 -14.31
N GLU C 31 -22.31 8.80 -14.52
CA GLU C 31 -22.84 7.45 -14.36
C GLU C 31 -22.23 6.49 -15.37
N GLU C 32 -22.05 6.93 -16.62
CA GLU C 32 -21.47 6.05 -17.63
C GLU C 32 -19.95 5.94 -17.52
N ARG C 33 -19.28 7.00 -17.09
CA ARG C 33 -17.86 6.89 -16.75
C ARG C 33 -17.64 5.76 -15.76
N LYS C 34 -18.46 5.74 -14.69
CA LYS C 34 -18.27 4.74 -13.64
C LYS C 34 -18.60 3.35 -14.13
N ARG C 35 -19.56 3.22 -15.05
CA ARG C 35 -19.82 1.91 -15.64
C ARG C 35 -18.61 1.43 -16.43
N GLN C 36 -18.01 2.30 -17.24
CA GLN C 36 -16.81 1.94 -17.99
C GLN C 36 -15.65 1.58 -17.07
N GLU C 37 -15.51 2.30 -15.95
CA GLU C 37 -14.49 1.93 -14.98
C GLU C 37 -14.75 0.53 -14.43
N ALA C 38 -16.01 0.23 -14.10
CA ALA C 38 -16.33 -1.08 -13.55
C ALA C 38 -16.03 -2.19 -14.56
N ILE C 39 -16.35 -1.96 -15.83
CA ILE C 39 -15.98 -2.93 -16.87
C ILE C 39 -14.47 -3.06 -16.94
N PHE C 40 -13.77 -1.93 -17.00
CA PHE C 40 -12.30 -1.95 -17.16
C PHE C 40 -11.64 -2.67 -15.99
N GLU C 41 -12.18 -2.53 -14.77
CA GLU C 41 -11.51 -3.17 -13.64
C GLU C 41 -11.64 -4.70 -13.69
N ILE C 42 -12.72 -5.24 -14.24
CA ILE C 42 -12.77 -6.69 -14.42
C ILE C 42 -11.68 -7.11 -15.41
N LEU C 43 -11.47 -6.31 -16.45
CA LEU C 43 -10.46 -6.63 -17.45
C LEU C 43 -9.05 -6.54 -16.87
N THR C 44 -8.71 -5.43 -16.20
CA THR C 44 -7.34 -5.27 -15.74
C THR C 44 -7.02 -6.23 -14.61
N SER C 45 -7.98 -6.48 -13.72
CA SER C 45 -7.72 -7.40 -12.63
C SER C 45 -7.64 -8.83 -13.13
N GLU C 46 -8.28 -9.14 -14.27
CA GLU C 46 -8.12 -10.48 -14.82
C GLU C 46 -6.75 -10.65 -15.47
N PHE C 47 -6.23 -9.60 -16.07
CA PHE C 47 -4.90 -9.72 -16.69
C PHE C 47 -3.81 -9.91 -15.64
N SER C 48 -3.82 -9.10 -14.57
CA SER C 48 -2.87 -9.26 -13.48
C SER C 48 -2.89 -10.69 -12.94
N TYR C 49 -4.09 -11.21 -12.70
CA TYR C 49 -4.25 -12.59 -12.26
C TYR C 49 -3.69 -13.57 -13.29
N LEU C 50 -4.11 -13.45 -14.54
CA LEU C 50 -3.60 -14.33 -15.58
C LEU C 50 -2.08 -14.28 -15.65
N HIS C 51 -1.49 -13.09 -15.52
CA HIS C 51 -0.03 -12.99 -15.61
C HIS C 51 0.63 -13.67 -14.43
N SER C 52 0.09 -13.50 -13.22
CA SER C 52 0.60 -14.24 -12.07
C SER C 52 0.50 -15.75 -12.29
N LEU C 53 -0.60 -16.24 -12.86
CA LEU C 53 -0.69 -17.65 -13.20
C LEU C 53 0.42 -18.06 -14.16
N SER C 54 0.74 -17.18 -15.10
CA SER C 54 1.80 -17.48 -16.07
C SER C 54 3.12 -17.73 -15.36
N ILE C 55 3.40 -16.95 -14.32
CA ILE C 55 4.62 -17.12 -13.55
C ILE C 55 4.59 -18.43 -12.78
N LEU C 56 3.44 -18.76 -12.20
CA LEU C 56 3.30 -20.02 -11.48
C LEU C 56 3.58 -21.21 -12.39
N VAL C 57 3.00 -21.19 -13.60
CA VAL C 57 3.17 -22.28 -14.55
C VAL C 57 4.62 -22.32 -15.04
N THR C 58 5.16 -21.15 -15.37
CA THR C 58 6.48 -21.10 -15.98
C THR C 58 7.59 -21.43 -14.99
N GLU C 59 7.51 -20.89 -13.77
CA GLU C 59 8.63 -21.00 -12.85
C GLU C 59 8.53 -22.23 -11.97
N PHE C 60 7.32 -22.65 -11.61
CA PHE C 60 7.14 -23.74 -10.66
C PHE C 60 6.64 -25.01 -11.33
N LEU C 61 5.48 -24.97 -11.97
CA LEU C 61 4.93 -26.18 -12.58
C LEU C 61 5.89 -26.78 -13.58
N GLN C 62 6.57 -25.94 -14.36
CA GLN C 62 7.40 -26.42 -15.45
C GLN C 62 8.87 -26.55 -15.04
N SER C 63 9.18 -26.41 -13.75
CA SER C 63 10.56 -26.62 -13.30
C SER C 63 10.89 -28.11 -13.37
N ARG C 64 11.88 -28.49 -14.18
CA ARG C 64 12.30 -29.88 -14.19
C ARG C 64 12.92 -30.24 -12.86
N GLU C 65 13.68 -29.31 -12.29
CA GLU C 65 14.41 -29.58 -11.07
C GLU C 65 13.47 -29.78 -9.89
N LEU C 66 12.36 -29.05 -9.80
CA LEU C 66 11.34 -29.27 -8.72
C LEU C 66 10.59 -30.60 -8.92
N ARG C 67 10.28 -30.97 -10.15
CA ARG C 67 9.61 -32.25 -10.47
C ARG C 67 10.46 -33.45 -10.04
N ALA C 68 11.78 -33.35 -10.19
CA ALA C 68 12.69 -34.45 -9.85
C ALA C 68 12.75 -34.73 -8.34
N THR C 69 12.29 -33.80 -7.52
CA THR C 69 12.30 -33.96 -6.04
C THR C 69 11.12 -34.78 -5.59
N MET C 70 10.11 -34.89 -6.45
CA MET C 70 8.88 -35.55 -6.01
C MET C 70 8.39 -36.62 -6.98
N THR C 71 7.25 -37.20 -6.66
CA THR C 71 6.57 -38.22 -7.48
C THR C 71 5.55 -37.53 -8.39
N GLN C 72 5.08 -38.27 -9.37
CA GLN C 72 4.06 -37.77 -10.32
C GLN C 72 2.75 -37.54 -9.56
N THR C 73 2.49 -38.33 -8.55
CA THR C 73 1.25 -38.05 -7.85
C THR C 73 1.38 -36.87 -6.90
N GLU C 74 2.54 -36.66 -6.31
CA GLU C 74 2.75 -35.45 -5.48
C GLU C 74 2.67 -34.20 -6.36
N HIS C 75 3.24 -34.27 -7.54
CA HIS C 75 3.19 -33.15 -8.48
C HIS C 75 1.72 -32.86 -8.86
N HIS C 76 0.93 -33.92 -9.05
CA HIS C 76 -0.47 -33.67 -9.35
C HIS C 76 -1.20 -33.04 -8.17
N HIS C 77 -0.91 -33.47 -6.93
CA HIS C 77 -1.59 -32.86 -5.82
C HIS C 77 -1.13 -31.43 -5.61
N LEU C 78 0.15 -31.15 -5.89
CA LEU C 78 0.72 -29.79 -5.64
C LEU C 78 0.18 -28.77 -6.63
N PHE C 79 0.07 -29.13 -7.88
CA PHE C 79 -0.36 -28.20 -8.91
C PHE C 79 -1.74 -28.49 -9.48
N SER C 80 -2.26 -29.68 -9.31
CA SER C 80 -3.67 -29.93 -9.63
C SER C 80 -3.90 -29.54 -11.10
N ASN C 81 -5.06 -29.00 -11.43
CA ASN C 81 -5.40 -28.68 -12.81
C ASN C 81 -5.14 -27.20 -13.10
N ILE C 82 -4.01 -26.67 -12.62
CA ILE C 82 -3.71 -25.25 -12.84
C ILE C 82 -3.67 -24.92 -14.33
N LEU C 83 -3.28 -25.88 -15.18
CA LEU C 83 -3.24 -25.56 -16.61
C LEU C 83 -4.64 -25.30 -17.14
N ASP C 84 -5.62 -26.05 -16.65
CA ASP C 84 -7.03 -25.87 -17.11
C ASP C 84 -7.59 -24.58 -16.52
N VAL C 85 -7.19 -24.24 -15.30
CA VAL C 85 -7.58 -22.95 -14.74
C VAL C 85 -7.00 -21.81 -15.58
N MET C 86 -5.69 -21.86 -15.86
CA MET C 86 -5.05 -20.77 -16.62
C MET C 86 -5.71 -20.64 -17.98
N SER C 87 -6.04 -21.76 -18.60
CA SER C 87 -6.63 -21.73 -19.92
C SER C 87 -8.05 -21.15 -19.88
N ALA C 88 -8.81 -21.46 -18.84
CA ALA C 88 -10.13 -20.85 -18.68
C ALA C 88 -10.02 -19.35 -18.46
N SER C 89 -9.10 -18.93 -17.60
CA SER C 89 -8.87 -17.50 -17.40
C SER C 89 -8.44 -16.82 -18.68
N GLN C 90 -7.57 -17.48 -19.45
CA GLN C 90 -7.11 -16.91 -20.70
C GLN C 90 -8.27 -16.70 -21.68
N LYS C 91 -9.10 -17.72 -21.88
CA LYS C 91 -10.21 -17.57 -22.82
C LYS C 91 -11.17 -16.49 -22.33
N PHE C 92 -11.35 -16.41 -21.01
CA PHE C 92 -12.19 -15.40 -20.41
C PHE C 92 -11.62 -14.00 -20.65
N PHE C 93 -10.33 -13.84 -20.39
CA PHE C 93 -9.69 -12.56 -20.63
C PHE C 93 -9.79 -12.16 -22.09
N GLU C 94 -9.58 -13.08 -23.01
CA GLU C 94 -9.55 -12.74 -24.46
C GLU C 94 -10.90 -12.23 -24.95
N ALA C 95 -11.98 -12.77 -24.42
CA ALA C 95 -13.33 -12.34 -24.82
C ALA C 95 -13.59 -10.92 -24.34
N LEU C 96 -13.18 -10.63 -23.13
CA LEU C 96 -13.32 -9.27 -22.58
C LEU C 96 -12.46 -8.29 -23.36
N GLU C 97 -11.27 -8.69 -23.75
CA GLU C 97 -10.30 -7.81 -24.46
C GLU C 97 -10.84 -7.48 -25.85
N GLN C 98 -11.55 -8.41 -26.45
CA GLN C 98 -12.12 -8.17 -27.78
C GLN C 98 -13.16 -7.06 -27.67
N ARG C 99 -13.94 -7.05 -26.61
CA ARG C 99 -14.91 -5.95 -26.39
C ARG C 99 -14.21 -4.64 -26.10
N HIS C 100 -13.17 -4.65 -25.28
CA HIS C 100 -12.42 -3.43 -24.90
C HIS C 100 -11.75 -2.80 -26.10
N LYS C 101 -11.21 -3.61 -26.98
CA LYS C 101 -10.44 -3.09 -28.13
C LYS C 101 -11.35 -2.53 -29.19
N ALA C 102 -12.56 -3.05 -29.32
CA ALA C 102 -13.43 -2.63 -30.42
C ALA C 102 -14.04 -1.25 -30.23
N GLN C 103 -14.24 -0.81 -29.00
CA GLN C 103 -14.96 0.43 -28.81
C GLN C 103 -14.33 1.26 -27.69
N VAL C 104 -14.39 2.58 -27.83
CA VAL C 104 -13.99 3.46 -26.73
C VAL C 104 -14.86 3.20 -25.51
N CYS C 105 -16.18 3.25 -25.68
CA CYS C 105 -17.12 2.88 -24.63
C CYS C 105 -17.66 1.48 -24.89
N VAL C 106 -17.41 0.58 -23.95
CA VAL C 106 -17.81 -0.80 -24.12
C VAL C 106 -19.31 -0.91 -23.86
N GLU C 107 -20.04 -1.51 -24.80
CA GLU C 107 -21.49 -1.64 -24.64
C GLU C 107 -21.85 -2.56 -23.48
N ASP C 108 -21.27 -3.77 -23.46
CA ASP C 108 -21.64 -4.77 -22.47
C ASP C 108 -20.59 -5.88 -22.39
N ILE C 109 -20.45 -6.45 -21.18
CA ILE C 109 -19.69 -7.68 -20.99
C ILE C 109 -20.47 -8.73 -20.21
N SER C 110 -21.71 -8.45 -19.82
CA SER C 110 -22.41 -9.34 -18.91
C SER C 110 -22.68 -10.71 -19.53
N ASP C 111 -22.99 -10.75 -20.83
CA ASP C 111 -23.14 -12.04 -21.51
C ASP C 111 -21.88 -12.88 -21.37
N ILE C 112 -20.70 -12.25 -21.40
CA ILE C 112 -19.46 -13.01 -21.25
C ILE C 112 -19.31 -13.51 -19.81
N LEU C 113 -19.62 -12.65 -18.83
CA LEU C 113 -19.54 -13.08 -17.44
C LEU C 113 -20.47 -14.26 -17.19
N GLU C 114 -21.70 -14.16 -17.68
CA GLU C 114 -22.66 -15.22 -17.44
C GLU C 114 -22.26 -16.50 -18.15
N ASP C 115 -21.85 -16.40 -19.41
CA ASP C 115 -21.52 -17.59 -20.19
C ASP C 115 -20.35 -18.36 -19.58
N HIS C 116 -19.28 -17.65 -19.23
CA HIS C 116 -18.11 -18.35 -18.69
C HIS C 116 -18.37 -18.89 -17.29
N ALA C 117 -19.12 -18.16 -16.46
CA ALA C 117 -19.44 -18.69 -15.14
C ALA C 117 -20.26 -19.97 -15.24
N GLN C 118 -21.16 -20.04 -16.22
CA GLN C 118 -22.02 -21.21 -16.32
C GLN C 118 -21.35 -22.37 -17.03
N HIS C 119 -20.43 -22.10 -17.95
CA HIS C 119 -20.02 -23.12 -18.92
C HIS C 119 -18.53 -23.35 -19.00
N HIS C 120 -17.70 -22.44 -18.51
CA HIS C 120 -16.26 -22.57 -18.73
C HIS C 120 -15.43 -22.54 -17.46
N PHE C 121 -16.05 -22.35 -16.29
CA PHE C 121 -15.29 -22.18 -15.06
C PHE C 121 -15.31 -23.45 -14.19
N HIS C 122 -15.74 -24.58 -14.74
CA HIS C 122 -15.63 -25.82 -13.98
C HIS C 122 -14.20 -26.15 -13.52
N PRO C 123 -13.13 -25.76 -14.20
CA PRO C 123 -11.81 -25.97 -13.60
C PRO C 123 -11.67 -25.35 -12.23
N TYR C 124 -12.37 -24.24 -11.95
CA TYR C 124 -12.26 -23.64 -10.64
C TYR C 124 -12.82 -24.56 -9.56
N ILE C 125 -13.91 -25.27 -9.86
CA ILE C 125 -14.50 -26.17 -8.88
C ILE C 125 -13.51 -27.27 -8.51
N ALA C 126 -12.87 -27.87 -9.52
CA ALA C 126 -11.91 -28.94 -9.22
C ALA C 126 -10.67 -28.39 -8.51
N TYR C 127 -10.16 -27.24 -8.95
CA TYR C 127 -8.98 -26.68 -8.28
C TYR C 127 -9.27 -26.33 -6.83
N CYS C 128 -10.37 -25.64 -6.57
CA CYS C 128 -10.74 -25.36 -5.19
C CYS C 128 -10.98 -26.64 -4.39
N SER C 129 -11.59 -27.64 -5.02
CA SER C 129 -11.86 -28.86 -4.27
C SER C 129 -10.57 -29.56 -3.85
N ASN C 130 -9.51 -29.44 -4.64
CA ASN C 130 -8.23 -30.10 -4.39
C ASN C 130 -7.44 -29.45 -3.24
N GLU C 131 -7.95 -28.39 -2.62
CA GLU C 131 -7.12 -27.60 -1.71
C GLU C 131 -6.55 -28.43 -0.56
N VAL C 132 -7.36 -29.28 0.06
CA VAL C 132 -6.86 -30.10 1.17
C VAL C 132 -5.62 -30.90 0.74
N TYR C 133 -5.65 -31.44 -0.48
CA TYR C 133 -4.55 -32.27 -0.93
C TYR C 133 -3.32 -31.44 -1.25
N GLN C 134 -3.53 -30.28 -1.88
CA GLN C 134 -2.42 -29.37 -2.14
C GLN C 134 -1.74 -28.96 -0.85
N GLN C 135 -2.52 -28.58 0.16
CA GLN C 135 -1.93 -28.14 1.42
C GLN C 135 -1.17 -29.28 2.09
N ARG C 136 -1.74 -30.50 2.09
CA ARG C 136 -1.08 -31.62 2.73
C ARG C 136 0.18 -32.03 1.99
N THR C 137 0.14 -31.99 0.66
CA THR C 137 1.30 -32.39 -0.10
C THR C 137 2.43 -31.39 0.07
N LEU C 138 2.10 -30.10 0.04
CA LEU C 138 3.11 -29.06 0.26
C LEU C 138 3.69 -29.18 1.66
N GLN C 139 2.84 -29.47 2.65
CA GLN C 139 3.30 -29.57 4.02
C GLN C 139 4.26 -30.73 4.19
N LYS C 140 3.96 -31.88 3.57
CA LYS C 140 4.87 -33.02 3.71
C LYS C 140 6.17 -32.77 2.96
N LEU C 141 6.10 -32.16 1.79
CA LEU C 141 7.32 -31.86 1.03
C LEU C 141 8.19 -30.89 1.84
N SER C 142 7.59 -29.88 2.44
CA SER C 142 8.36 -28.91 3.19
C SER C 142 9.00 -29.54 4.42
N ASN C 143 8.30 -30.47 5.07
CA ASN C 143 8.79 -31.04 6.33
C ASN C 143 9.85 -32.10 6.12
N SER C 144 9.81 -32.83 5.00
CA SER C 144 10.56 -34.07 4.91
C SER C 144 11.40 -34.21 3.66
N ASN C 145 11.28 -33.32 2.68
CA ASN C 145 11.98 -33.45 1.42
C ASN C 145 13.02 -32.33 1.32
N ALA C 146 14.26 -32.66 1.70
CA ALA C 146 15.32 -31.63 1.72
C ALA C 146 15.58 -31.09 0.33
N ALA C 147 15.65 -31.96 -0.68
CA ALA C 147 15.94 -31.48 -2.03
C ALA C 147 14.84 -30.56 -2.53
N PHE C 148 13.59 -30.85 -2.17
CA PHE C 148 12.47 -29.94 -2.54
C PHE C 148 12.70 -28.56 -1.94
N ARG C 149 13.06 -28.52 -0.66
CA ARG C 149 13.23 -27.23 -0.01
C ARG C 149 14.28 -26.38 -0.73
N ASP C 150 15.38 -27.02 -1.15
CA ASP C 150 16.50 -26.30 -1.76
C ASP C 150 16.16 -25.81 -3.16
N VAL C 151 15.51 -26.65 -3.98
CA VAL C 151 15.10 -26.21 -5.31
C VAL C 151 14.10 -25.07 -5.21
N LEU C 152 13.11 -25.23 -4.34
CA LEU C 152 12.09 -24.20 -4.19
C LEU C 152 12.71 -22.86 -3.77
N LYS C 153 13.64 -22.91 -2.82
CA LYS C 153 14.29 -21.69 -2.35
C LYS C 153 15.03 -20.99 -3.48
N GLU C 154 15.63 -21.75 -4.41
CA GLU C 154 16.35 -21.14 -5.53
C GLU C 154 15.37 -20.54 -6.54
N ILE C 155 14.26 -21.22 -6.82
CA ILE C 155 13.27 -20.64 -7.72
C ILE C 155 12.73 -19.34 -7.15
N GLU C 156 12.43 -19.34 -5.85
CA GLU C 156 11.83 -18.15 -5.26
C GLU C 156 12.78 -16.96 -5.28
N LYS C 157 14.10 -17.18 -5.33
CA LYS C 157 15.07 -16.10 -5.51
C LYS C 157 15.02 -15.48 -6.90
N ARG C 158 14.37 -16.12 -7.88
CA ARG C 158 14.41 -15.61 -9.24
C ARG C 158 13.55 -14.35 -9.35
N PRO C 159 14.02 -13.32 -10.06
CA PRO C 159 13.24 -12.09 -10.22
C PRO C 159 11.83 -12.30 -10.73
N ALA C 160 11.58 -13.30 -11.57
CA ALA C 160 10.24 -13.51 -12.10
C ALA C 160 9.21 -13.68 -10.98
N CYS C 161 9.61 -14.18 -9.82
CA CYS C 161 8.68 -14.36 -8.71
C CYS C 161 8.28 -13.06 -8.03
N GLY C 162 9.05 -11.99 -8.24
CA GLY C 162 8.71 -10.73 -7.61
C GLY C 162 8.79 -10.77 -6.10
N GLY C 163 9.62 -11.65 -5.55
CA GLY C 163 9.71 -11.80 -4.11
C GLY C 163 8.54 -12.52 -3.45
N LEU C 164 7.70 -13.22 -4.21
CA LEU C 164 6.57 -13.87 -3.56
C LEU C 164 6.75 -15.39 -3.52
N PRO C 165 6.28 -16.05 -2.47
CA PRO C 165 6.48 -17.51 -2.35
C PRO C 165 5.54 -18.28 -3.28
N MET C 166 5.92 -19.55 -3.56
CA MET C 166 5.08 -20.42 -4.38
C MET C 166 3.64 -20.45 -3.87
N ILE C 167 3.46 -20.52 -2.53
CA ILE C 167 2.12 -20.75 -2.01
C ILE C 167 1.19 -19.57 -2.33
N SER C 168 1.74 -18.36 -2.40
CA SER C 168 0.88 -17.21 -2.72
C SER C 168 0.39 -17.26 -4.16
N PHE C 169 1.13 -17.89 -5.06
CA PHE C 169 0.62 -18.15 -6.41
C PHE C 169 -0.42 -19.27 -6.38
N LEU C 170 -0.17 -20.33 -5.61
CA LEU C 170 -1.04 -21.50 -5.66
C LEU C 170 -2.47 -21.16 -5.25
N ILE C 171 -2.65 -20.19 -4.35
CA ILE C 171 -3.98 -19.83 -3.88
C ILE C 171 -4.65 -18.74 -4.72
N LEU C 172 -3.98 -18.23 -5.76
CA LEU C 172 -4.58 -17.16 -6.57
C LEU C 172 -5.93 -17.55 -7.14
N PRO C 173 -6.15 -18.77 -7.68
CA PRO C 173 -7.48 -19.06 -8.20
C PRO C 173 -8.56 -19.01 -7.15
N MET C 174 -8.30 -19.39 -5.88
CA MET C 174 -9.36 -19.31 -4.89
C MET C 174 -9.70 -17.86 -4.59
N GLN C 175 -8.69 -17.00 -4.53
CA GLN C 175 -8.94 -15.59 -4.25
C GLN C 175 -9.57 -14.89 -5.45
N ARG C 176 -9.15 -15.26 -6.68
CA ARG C 176 -9.74 -14.64 -7.86
C ARG C 176 -11.23 -14.95 -7.97
N VAL C 177 -11.61 -16.21 -7.75
CA VAL C 177 -12.98 -16.57 -8.07
C VAL C 177 -13.94 -15.94 -7.05
N THR C 178 -13.50 -15.75 -5.80
CA THR C 178 -14.36 -15.12 -4.80
C THR C 178 -14.41 -13.61 -4.96
N ARG C 179 -13.49 -13.02 -5.72
CA ARG C 179 -13.59 -11.59 -6.01
C ARG C 179 -14.57 -11.30 -7.15
N LEU C 180 -14.74 -12.24 -8.07
CA LEU C 180 -15.60 -11.98 -9.24
C LEU C 180 -17.02 -11.58 -8.88
N PRO C 181 -17.68 -12.15 -7.87
CA PRO C 181 -19.02 -11.65 -7.55
C PRO C 181 -19.01 -10.22 -7.04
N LEU C 182 -17.97 -9.81 -6.30
CA LEU C 182 -17.93 -8.43 -5.83
C LEU C 182 -17.77 -7.47 -7.01
N LEU C 183 -16.92 -7.82 -7.98
CA LEU C 183 -16.73 -6.97 -9.16
C LEU C 183 -17.99 -6.94 -10.02
N THR C 184 -18.70 -8.06 -10.11
CA THR C 184 -19.92 -8.06 -10.90
C THR C 184 -21.04 -7.32 -10.20
N ASP C 185 -21.11 -7.40 -8.86
CA ASP C 185 -22.06 -6.58 -8.12
C ASP C 185 -21.82 -5.10 -8.37
N THR C 186 -20.56 -4.66 -8.31
CA THR C 186 -20.25 -3.27 -8.65
C THR C 186 -20.72 -2.93 -10.05
N LEU C 187 -20.49 -3.84 -11.00
CA LEU C 187 -20.94 -3.59 -12.36
C LEU C 187 -22.45 -3.44 -12.41
N CYS C 188 -23.19 -4.30 -11.68
CA CYS C 188 -24.65 -4.15 -11.60
C CYS C 188 -25.04 -2.77 -11.13
N LEU C 189 -24.51 -2.37 -9.97
CA LEU C 189 -24.88 -1.07 -9.41
C LEU C 189 -24.61 0.05 -10.40
N LYS C 190 -23.50 -0.02 -11.15
CA LYS C 190 -23.18 1.02 -12.10
C LYS C 190 -23.93 0.87 -13.42
N THR C 191 -24.76 -0.16 -13.57
CA THR C 191 -25.58 -0.35 -14.76
C THR C 191 -27.06 -0.07 -14.51
N GLN C 192 -27.43 0.33 -13.30
CA GLN C 192 -28.80 0.81 -13.08
C GLN C 192 -29.08 1.98 -14.02
N GLY C 193 -30.30 2.04 -14.51
CA GLY C 193 -30.60 3.03 -15.53
C GLY C 193 -30.22 2.63 -16.92
N HIS C 194 -29.89 1.37 -17.11
CA HIS C 194 -29.73 0.81 -18.47
C HIS C 194 -30.50 -0.49 -18.31
N PRO C 195 -31.84 -0.46 -18.32
CA PRO C 195 -32.65 -1.62 -17.97
C PRO C 195 -32.32 -3.01 -18.50
N GLU C 196 -32.16 -3.18 -19.80
CA GLU C 196 -31.96 -4.54 -20.32
C GLU C 196 -30.59 -5.05 -19.91
N ARG C 197 -29.64 -4.15 -19.74
CA ARG C 197 -28.27 -4.57 -19.40
C ARG C 197 -28.19 -4.80 -17.89
N TYR C 198 -29.06 -4.15 -17.12
CA TYR C 198 -29.07 -4.39 -15.66
C TYR C 198 -29.55 -5.81 -15.41
N LYS C 199 -30.55 -6.23 -16.16
CA LYS C 199 -31.05 -7.61 -16.03
C LYS C 199 -29.89 -8.56 -16.32
N ALA C 200 -29.20 -8.33 -17.43
CA ALA C 200 -28.10 -9.24 -17.84
C ALA C 200 -26.98 -9.18 -16.81
N ALA C 201 -26.67 -7.98 -16.35
CA ALA C 201 -25.68 -7.91 -15.28
C ALA C 201 -26.11 -8.75 -14.08
N SER C 202 -27.38 -8.67 -13.69
CA SER C 202 -27.86 -9.37 -12.50
C SER C 202 -27.86 -10.88 -12.70
N GLN C 203 -28.13 -11.32 -13.93
CA GLN C 203 -28.04 -12.74 -14.24
C GLN C 203 -26.61 -13.23 -14.18
N ALA C 204 -25.67 -12.45 -14.73
CA ALA C 204 -24.26 -12.74 -14.56
C ALA C 204 -23.90 -12.88 -13.08
N LEU C 205 -24.38 -11.95 -12.24
CA LEU C 205 -24.01 -12.01 -10.82
C LEU C 205 -24.54 -13.28 -10.15
N LYS C 206 -25.80 -13.65 -10.45
CA LYS C 206 -26.32 -14.89 -9.90
C LYS C 206 -25.51 -16.09 -10.39
N ALA C 207 -25.17 -16.11 -11.68
CA ALA C 207 -24.40 -17.22 -12.22
C ALA C 207 -23.03 -17.34 -11.54
N ILE C 208 -22.30 -16.24 -11.41
CA ILE C 208 -20.97 -16.31 -10.80
C ILE C 208 -21.10 -16.67 -9.32
N SER C 209 -22.15 -16.19 -8.65
CA SER C 209 -22.32 -16.54 -7.24
C SER C 209 -22.61 -18.03 -7.07
N LYS C 210 -23.39 -18.63 -7.97
CA LYS C 210 -23.59 -20.07 -7.89
C LYS C 210 -22.27 -20.82 -8.11
N LEU C 211 -21.44 -20.37 -9.06
CA LEU C 211 -20.16 -21.05 -9.29
C LEU C 211 -19.29 -21.02 -8.04
N VAL C 212 -19.13 -19.83 -7.45
CA VAL C 212 -18.32 -19.70 -6.24
C VAL C 212 -18.81 -20.63 -5.15
N LYS C 213 -20.13 -20.73 -5.00
CA LYS C 213 -20.68 -21.59 -3.95
C LYS C 213 -20.38 -23.05 -4.21
N GLN C 214 -20.46 -23.49 -5.47
CA GLN C 214 -20.09 -24.89 -5.68
C GLN C 214 -18.58 -25.09 -5.56
N CYS C 215 -17.77 -24.04 -5.72
CA CYS C 215 -16.36 -24.13 -5.36
C CYS C 215 -16.18 -24.31 -3.86
N ASN C 216 -16.97 -23.59 -3.08
CA ASN C 216 -16.84 -23.63 -1.63
C ASN C 216 -17.34 -24.96 -1.07
N GLU C 217 -18.45 -25.46 -1.61
CA GLU C 217 -18.98 -26.75 -1.17
C GLU C 217 -18.02 -27.88 -1.53
N GLY C 218 -17.42 -27.82 -2.72
CA GLY C 218 -16.45 -28.83 -3.10
C GLY C 218 -15.24 -28.86 -2.17
N ALA C 219 -14.70 -27.68 -1.85
CA ALA C 219 -13.50 -27.65 -1.01
C ALA C 219 -13.80 -28.20 0.37
N HIS C 220 -14.97 -27.84 0.92
CA HIS C 220 -15.37 -28.34 2.24
C HIS C 220 -15.59 -29.85 2.21
N LYS C 221 -16.21 -30.36 1.14
CA LYS C 221 -16.49 -31.78 1.06
C LYS C 221 -15.21 -32.60 1.10
N MET C 222 -14.24 -32.26 0.24
CA MET C 222 -12.97 -32.97 0.24
C MET C 222 -12.27 -32.83 1.56
N GLU C 223 -12.23 -31.61 2.10
CA GLU C 223 -11.49 -31.41 3.33
C GLU C 223 -12.09 -32.21 4.47
N ARG C 224 -13.42 -32.22 4.57
CA ARG C 224 -14.05 -32.91 5.68
C ARG C 224 -13.90 -34.42 5.53
N THR C 225 -13.92 -34.94 4.30
CA THR C 225 -13.70 -36.37 4.10
C THR C 225 -12.29 -36.77 4.53
N GLU C 226 -11.27 -36.03 4.08
CA GLU C 226 -9.89 -36.43 4.36
C GLU C 226 -9.59 -36.34 5.85
N GLN C 227 -10.16 -35.37 6.55
CA GLN C 227 -9.94 -35.25 7.99
C GLN C 227 -10.40 -36.50 8.71
N ILE C 228 -11.56 -37.03 8.31
CA ILE C 228 -12.07 -38.23 8.97
C ILE C 228 -11.24 -39.46 8.58
N TYR C 229 -10.80 -39.57 7.32
CA TYR C 229 -9.90 -40.68 6.98
C TYR C 229 -8.67 -40.68 7.86
N THR C 230 -8.11 -39.49 8.13
CA THR C 230 -6.94 -39.40 8.99
C THR C 230 -7.30 -39.73 10.44
N LEU C 231 -8.38 -39.13 10.96
CA LEU C 231 -8.70 -39.33 12.39
C LEU C 231 -9.16 -40.75 12.66
N ASN C 232 -9.71 -41.42 11.64
CA ASN C 232 -10.05 -42.84 11.77
C ASN C 232 -8.81 -43.69 12.06
N MET C 233 -7.64 -43.32 11.53
CA MET C 233 -6.41 -44.00 11.93
C MET C 233 -5.99 -43.66 13.35
N GLN C 234 -6.28 -42.44 13.82
CA GLN C 234 -5.64 -41.97 15.05
C GLN C 234 -6.49 -42.14 16.31
N LEU C 235 -7.81 -42.26 16.18
CA LEU C 235 -8.67 -42.43 17.34
C LEU C 235 -8.80 -43.92 17.65
N ASP C 236 -8.34 -44.31 18.84
CA ASP C 236 -8.31 -45.70 19.26
C ASP C 236 -9.53 -45.98 20.15
N PHE C 237 -10.51 -46.69 19.58
CA PHE C 237 -11.71 -47.08 20.30
C PHE C 237 -11.55 -48.44 21.00
N GLY C 238 -10.31 -48.88 21.20
CA GLY C 238 -10.08 -50.22 21.71
C GLY C 238 -10.71 -50.48 23.07
N LYS C 239 -10.77 -49.46 23.91
CA LYS C 239 -11.16 -49.65 25.31
C LYS C 239 -12.54 -49.12 25.63
N VAL C 240 -13.35 -48.87 24.61
CA VAL C 240 -14.76 -48.56 24.75
C VAL C 240 -15.51 -49.36 23.68
N LYS C 241 -16.84 -49.27 23.70
CA LYS C 241 -17.63 -49.92 22.66
C LYS C 241 -17.36 -49.23 21.34
N SER C 242 -17.15 -50.02 20.29
CA SER C 242 -16.69 -49.50 19.01
C SER C 242 -17.71 -48.54 18.40
N LEU C 243 -17.19 -47.48 17.78
CA LEU C 243 -17.97 -46.53 17.00
C LEU C 243 -17.25 -46.23 15.68
N PRO C 244 -17.82 -46.62 14.55
CA PRO C 244 -17.18 -46.30 13.27
C PRO C 244 -17.10 -44.79 13.07
N LEU C 245 -15.89 -44.30 12.81
CA LEU C 245 -15.73 -42.87 12.64
C LEU C 245 -16.12 -42.42 11.24
N ILE C 246 -15.90 -43.25 10.22
CA ILE C 246 -16.26 -42.89 8.85
C ILE C 246 -17.77 -42.88 8.71
N SER C 247 -18.30 -41.80 8.16
CA SER C 247 -19.74 -41.58 7.99
C SER C 247 -19.93 -40.33 7.17
N ALA C 248 -20.68 -40.42 6.06
CA ALA C 248 -20.63 -39.39 5.02
C ALA C 248 -21.24 -38.07 5.46
N SER C 249 -22.06 -38.07 6.50
CA SER C 249 -22.66 -36.84 7.02
C SER C 249 -21.86 -36.19 8.15
N ARG C 250 -20.76 -36.79 8.58
CA ARG C 250 -20.00 -36.33 9.74
C ARG C 250 -18.85 -35.43 9.31
N TRP C 251 -18.59 -34.41 10.13
CA TRP C 251 -17.41 -33.56 9.95
C TRP C 251 -17.02 -32.96 11.30
N LEU C 252 -15.74 -32.59 11.40
CA LEU C 252 -15.15 -32.09 12.62
C LEU C 252 -15.48 -30.63 12.85
N LEU C 253 -15.97 -30.29 14.05
CA LEU C 253 -16.24 -28.91 14.44
C LEU C 253 -15.05 -28.25 15.11
N LYS C 254 -14.42 -28.93 16.06
CA LYS C 254 -13.33 -28.37 16.86
C LYS C 254 -12.58 -29.53 17.50
N ARG C 255 -11.25 -29.42 17.56
CA ARG C 255 -10.43 -30.33 18.34
C ARG C 255 -9.47 -29.54 19.22
N GLY C 256 -9.10 -30.12 20.36
CA GLY C 256 -8.13 -29.45 21.21
C GLY C 256 -8.02 -30.07 22.59
N GLU C 257 -6.97 -29.62 23.28
CA GLU C 257 -6.67 -30.06 24.63
C GLU C 257 -7.30 -29.11 25.64
N LEU C 258 -7.66 -29.67 26.78
CA LEU C 258 -8.26 -28.95 27.90
C LEU C 258 -7.76 -29.60 29.18
N PHE C 259 -7.69 -28.80 30.24
CA PHE C 259 -7.29 -29.32 31.54
C PHE C 259 -8.50 -29.97 32.20
N LEU C 260 -8.27 -31.09 32.87
CA LEU C 260 -9.35 -31.79 33.61
C LEU C 260 -9.41 -31.27 35.05
N LEU C 261 -10.53 -30.68 35.44
CA LEU C 261 -10.72 -30.10 36.79
C LEU C 261 -11.14 -31.19 37.76
N GLU C 262 -10.53 -31.23 38.92
CA GLU C 262 -10.96 -32.18 39.97
C GLU C 262 -11.44 -31.36 41.17
N GLU C 263 -12.50 -31.82 41.83
CA GLU C 263 -13.10 -31.04 42.94
C GLU C 263 -12.76 -31.67 44.29
N SER C 264 -11.92 -32.71 44.28
CA SER C 264 -11.53 -33.42 45.52
C SER C 264 -10.64 -32.56 46.41
N SER C 265 -9.89 -31.65 45.82
CA SER C 265 -9.02 -30.74 46.59
C SER C 265 -9.03 -29.38 45.95
N ILE C 266 -9.10 -28.34 46.76
CA ILE C 266 -9.05 -26.98 46.22
C ILE C 266 -7.63 -26.49 46.01
N PHE C 267 -6.63 -27.25 46.45
CA PHE C 267 -5.23 -26.81 46.39
C PHE C 267 -4.59 -27.32 45.10
N ARG C 268 -4.98 -26.67 44.02
CA ARG C 268 -4.55 -27.09 42.68
C ARG C 268 -3.25 -26.43 42.28
N LYS C 269 -2.49 -27.10 41.45
CA LYS C 269 -1.24 -26.59 40.92
C LYS C 269 -1.38 -26.28 39.44
N ILE C 270 -0.39 -25.59 38.89
CA ILE C 270 -0.34 -25.35 37.45
C ILE C 270 0.76 -26.15 36.79
N ALA C 271 1.45 -27.00 37.54
CA ALA C 271 2.39 -27.95 36.95
C ALA C 271 1.75 -29.33 36.89
N SER C 272 2.11 -30.09 35.85
CA SER C 272 1.66 -31.48 35.65
C SER C 272 0.14 -31.62 35.77
N ARG C 273 -0.60 -30.68 35.19
CA ARG C 273 -2.06 -30.78 35.27
C ARG C 273 -2.56 -31.87 34.32
N PRO C 274 -3.50 -32.71 34.78
CA PRO C 274 -4.09 -33.72 33.90
C PRO C 274 -4.92 -33.09 32.80
N THR C 275 -4.87 -33.69 31.62
CA THR C 275 -5.57 -33.13 30.47
C THR C 275 -6.47 -34.18 29.85
N CYS C 276 -7.40 -33.72 29.03
CA CYS C 276 -8.10 -34.56 28.08
C CYS C 276 -8.15 -33.84 26.74
N TYR C 277 -8.34 -34.61 25.68
CA TYR C 277 -8.28 -34.08 24.32
C TYR C 277 -9.59 -34.39 23.61
N LEU C 278 -10.28 -33.34 23.16
CA LEU C 278 -11.62 -33.46 22.61
C LEU C 278 -11.61 -33.43 21.09
N PHE C 279 -12.42 -34.31 20.48
CA PHE C 279 -12.75 -34.28 19.06
C PHE C 279 -14.26 -34.09 19.01
N LEU C 280 -14.67 -32.89 18.66
CA LEU C 280 -16.08 -32.55 18.56
C LEU C 280 -16.48 -32.58 17.09
N PHE C 281 -17.36 -33.52 16.73
CA PHE C 281 -17.92 -33.60 15.40
C PHE C 281 -19.33 -33.02 15.39
N ASN C 282 -19.90 -32.88 14.19
CA ASN C 282 -21.23 -32.29 14.10
C ASN C 282 -22.31 -33.18 14.73
N ASP C 283 -22.04 -34.47 14.92
CA ASP C 283 -23.03 -35.38 15.49
C ASP C 283 -22.53 -36.20 16.68
N VAL C 284 -21.29 -35.99 17.14
CA VAL C 284 -20.78 -36.79 18.25
C VAL C 284 -19.59 -36.06 18.87
N LEU C 285 -19.53 -36.10 20.20
CA LEU C 285 -18.37 -35.63 20.96
C LEU C 285 -17.58 -36.84 21.41
N VAL C 286 -16.29 -36.87 21.10
CA VAL C 286 -15.43 -37.98 21.47
C VAL C 286 -14.39 -37.46 22.44
N VAL C 287 -14.29 -38.10 23.61
CA VAL C 287 -13.37 -37.69 24.66
C VAL C 287 -12.19 -38.65 24.68
N THR C 288 -10.98 -38.11 24.66
CA THR C 288 -9.79 -38.94 24.48
C THR C 288 -8.68 -38.46 25.40
N LYS C 289 -7.68 -39.32 25.56
CA LYS C 289 -6.39 -38.97 26.12
C LYS C 289 -5.36 -39.07 25.00
N LYS C 290 -4.57 -38.00 24.83
CA LYS C 290 -3.56 -37.99 23.77
C LYS C 290 -2.37 -38.84 24.19
N LYS C 291 -2.11 -39.92 23.44
CA LYS C 291 -0.99 -40.80 23.72
C LYS C 291 0.27 -40.45 22.93
N SER C 292 0.13 -40.13 21.65
CA SER C 292 1.21 -39.58 20.84
C SER C 292 0.63 -38.51 19.94
N GLU C 293 1.49 -37.91 19.10
CA GLU C 293 1.00 -36.85 18.24
C GLU C 293 0.01 -37.36 17.20
N GLU C 294 0.04 -38.67 16.91
CA GLU C 294 -0.86 -39.28 15.95
C GLU C 294 -1.70 -40.39 16.58
N SER C 295 -1.91 -40.38 17.89
CA SER C 295 -2.65 -41.45 18.56
C SER C 295 -3.43 -40.91 19.75
N TYR C 296 -4.75 -41.09 19.75
CA TYR C 296 -5.64 -40.59 20.79
C TYR C 296 -6.51 -41.72 21.31
N LEU C 297 -6.33 -42.07 22.59
CA LEU C 297 -7.08 -43.19 23.16
C LEU C 297 -8.44 -42.68 23.63
N VAL C 298 -9.50 -43.23 23.04
CA VAL C 298 -10.86 -42.80 23.37
C VAL C 298 -11.20 -43.24 24.78
N GLN C 299 -11.71 -42.30 25.59
CA GLN C 299 -12.17 -42.56 26.95
C GLN C 299 -13.68 -42.67 27.04
N ASP C 300 -14.40 -41.89 26.24
CA ASP C 300 -15.86 -41.86 26.25
C ASP C 300 -16.32 -41.06 25.04
N TYR C 301 -17.60 -41.18 24.73
CA TYR C 301 -18.17 -40.39 23.64
C TYR C 301 -19.67 -40.32 23.85
N ALA C 302 -20.30 -39.36 23.16
CA ALA C 302 -21.75 -39.21 23.19
C ALA C 302 -22.21 -38.47 21.94
N GLN C 303 -23.37 -38.88 21.43
CA GLN C 303 -24.13 -38.08 20.46
C GLN C 303 -24.29 -36.65 20.93
N LEU C 304 -24.08 -35.70 20.02
CA LEU C 304 -24.13 -34.28 20.37
C LEU C 304 -25.51 -33.86 20.83
N ASP C 305 -26.55 -34.52 20.33
CA ASP C 305 -27.90 -34.33 20.86
C ASP C 305 -27.91 -34.50 22.38
N HIS C 306 -27.13 -35.44 22.89
CA HIS C 306 -27.09 -35.77 24.31
C HIS C 306 -25.92 -35.12 25.02
N VAL C 307 -25.53 -33.93 24.59
CA VAL C 307 -24.43 -33.19 25.21
C VAL C 307 -24.95 -31.84 25.64
N GLN C 308 -24.63 -31.49 26.89
CA GLN C 308 -25.01 -30.17 27.42
C GLN C 308 -23.76 -29.52 28.00
N VAL C 309 -23.60 -28.22 27.80
CA VAL C 309 -22.45 -27.48 28.36
C VAL C 309 -23.00 -26.49 29.38
N ARG C 310 -22.39 -26.42 30.56
CA ARG C 310 -22.93 -25.56 31.63
C ARG C 310 -21.80 -24.81 32.34
N LYS C 311 -22.13 -23.72 33.00
CA LYS C 311 -21.13 -22.95 33.78
C LYS C 311 -20.64 -23.73 34.99
N LEU C 312 -19.36 -23.56 35.33
CA LEU C 312 -18.77 -24.25 36.49
C LEU C 312 -18.07 -23.21 37.36
N GLU C 313 -18.41 -23.15 38.64
CA GLU C 313 -17.75 -22.30 39.62
C GLU C 313 -17.04 -23.23 40.59
N PRO C 314 -15.76 -23.53 40.36
CA PRO C 314 -15.06 -24.49 41.23
C PRO C 314 -14.64 -23.85 42.53
N SER C 315 -14.58 -24.69 43.57
CA SER C 315 -14.11 -24.21 44.87
C SER C 315 -12.60 -23.95 44.82
N GLU C 316 -12.20 -22.85 45.41
CA GLU C 316 -10.79 -22.40 45.30
C GLU C 316 -10.40 -21.83 46.62
N PRO C 317 -9.08 -21.71 46.89
CA PRO C 317 -8.64 -21.04 48.12
C PRO C 317 -8.94 -19.54 48.05
N LEU C 318 -10.12 -19.13 48.53
CA LEU C 318 -10.62 -17.75 48.46
C LEU C 318 -9.63 -16.71 49.02
N ARG C 325 -7.89 -12.92 42.00
CA ARG C 325 -8.16 -14.13 41.23
C ARG C 325 -6.96 -14.57 40.38
N SER C 326 -6.05 -15.34 40.99
CA SER C 326 -4.91 -15.96 40.30
C SER C 326 -5.08 -17.47 40.31
N SER C 327 -6.07 -17.95 39.56
CA SER C 327 -6.57 -19.31 39.70
C SER C 327 -5.69 -20.32 38.99
N SER C 328 -5.65 -21.54 39.53
CA SER C 328 -5.13 -22.65 38.76
C SER C 328 -6.12 -23.09 37.68
N VAL C 329 -7.39 -22.72 37.82
CA VAL C 329 -8.42 -23.11 36.86
C VAL C 329 -9.15 -21.84 36.41
N PRO C 330 -8.48 -21.00 35.61
CA PRO C 330 -9.02 -19.64 35.38
C PRO C 330 -10.32 -19.60 34.60
N TYR C 331 -10.54 -20.48 33.63
CA TYR C 331 -11.75 -20.45 32.81
C TYR C 331 -12.38 -21.84 32.78
N PRO C 332 -13.12 -22.19 33.82
CA PRO C 332 -13.74 -23.50 33.91
C PRO C 332 -15.11 -23.54 33.25
N PHE C 333 -15.55 -24.78 33.01
CA PHE C 333 -16.87 -25.04 32.39
C PHE C 333 -17.16 -26.52 32.54
N GLN C 334 -18.41 -26.91 32.35
CA GLN C 334 -18.79 -28.32 32.57
C GLN C 334 -19.49 -28.88 31.34
N VAL C 335 -19.21 -30.12 31.01
CA VAL C 335 -19.90 -30.77 29.87
C VAL C 335 -20.59 -32.00 30.42
N ASN C 336 -21.87 -32.11 30.15
CA ASN C 336 -22.65 -33.26 30.65
C ASN C 336 -23.00 -34.20 29.51
N LEU C 337 -22.55 -35.44 29.60
CA LEU C 337 -22.95 -36.42 28.59
C LEU C 337 -24.21 -37.05 29.19
N LEU C 338 -25.35 -36.90 28.54
CA LEU C 338 -26.63 -37.39 29.08
C LEU C 338 -26.73 -38.87 28.76
N HIS C 339 -26.30 -39.26 27.55
CA HIS C 339 -26.25 -40.68 27.20
C HIS C 339 -24.88 -40.95 26.60
N ASN C 340 -24.01 -41.50 27.43
CA ASN C 340 -22.61 -41.73 27.04
C ASN C 340 -22.44 -43.06 26.32
N SER C 341 -21.20 -43.42 26.04
CA SER C 341 -20.94 -44.62 25.27
C SER C 341 -21.51 -45.87 25.91
N GLU C 342 -21.77 -45.83 27.22
CA GLU C 342 -22.35 -46.94 27.96
C GLU C 342 -23.83 -46.74 28.23
N GLY C 343 -24.40 -45.60 27.85
CA GLY C 343 -25.82 -45.39 28.23
C GLY C 343 -25.94 -44.47 29.43
N ARG C 344 -24.99 -44.53 30.36
CA ARG C 344 -25.06 -43.78 31.64
C ARG C 344 -24.81 -42.28 31.45
N GLN C 345 -24.98 -41.50 32.53
CA GLN C 345 -24.69 -40.06 32.48
C GLN C 345 -23.33 -39.82 33.14
N GLU C 346 -22.44 -39.09 32.47
CA GLU C 346 -21.14 -38.74 33.05
C GLU C 346 -21.00 -37.25 32.92
N GLN C 347 -20.22 -36.63 33.79
CA GLN C 347 -20.06 -35.17 33.74
C GLN C 347 -18.58 -34.89 33.61
N ILE C 348 -18.23 -33.96 32.74
CA ILE C 348 -16.81 -33.65 32.51
C ILE C 348 -16.53 -32.25 33.04
N LEU C 349 -15.60 -32.16 33.98
CA LEU C 349 -15.24 -30.85 34.56
C LEU C 349 -14.00 -30.37 33.85
N LEU C 350 -14.10 -29.23 33.19
CA LEU C 350 -13.02 -28.79 32.33
C LEU C 350 -12.59 -27.37 32.69
N SER C 351 -11.39 -27.01 32.23
CA SER C 351 -10.92 -25.64 32.34
C SER C 351 -9.92 -25.37 31.23
N SER C 352 -9.83 -24.10 30.86
CA SER C 352 -8.89 -23.62 29.86
C SER C 352 -8.10 -22.46 30.44
N ASP C 353 -6.89 -22.25 29.94
CA ASP C 353 -6.09 -21.12 30.38
C ASP C 353 -6.41 -19.84 29.62
N SER C 354 -7.41 -19.89 28.74
CA SER C 354 -7.75 -18.83 27.81
C SER C 354 -9.27 -18.64 27.81
N ALA C 355 -9.72 -17.42 28.01
CA ALA C 355 -11.17 -17.15 27.85
C ALA C 355 -11.64 -17.42 26.42
N SER C 356 -10.89 -16.92 25.44
CA SER C 356 -11.11 -17.15 23.99
C SER C 356 -11.36 -18.62 23.75
N ASP C 357 -10.47 -19.46 24.24
CA ASP C 357 -10.60 -20.89 23.99
C ASP C 357 -11.87 -21.45 24.64
N ARG C 358 -12.16 -21.05 25.87
CA ARG C 358 -13.39 -21.53 26.50
C ARG C 358 -14.61 -21.12 25.70
N ALA C 359 -14.69 -19.85 25.33
CA ALA C 359 -15.80 -19.35 24.50
C ALA C 359 -15.90 -20.17 23.20
N ARG C 360 -14.76 -20.44 22.58
CA ARG C 360 -14.79 -21.20 21.32
C ARG C 360 -15.30 -22.61 21.55
N TRP C 361 -14.94 -23.22 22.69
CA TRP C 361 -15.46 -24.56 22.96
C TRP C 361 -16.96 -24.52 23.24
N ILE C 362 -17.43 -23.46 23.89
CA ILE C 362 -18.84 -23.35 24.23
C ILE C 362 -19.67 -23.16 22.96
N THR C 363 -19.20 -22.29 22.06
CA THR C 363 -19.87 -22.07 20.79
C THR C 363 -20.00 -23.37 19.99
N ALA C 364 -18.90 -24.13 19.88
CA ALA C 364 -18.92 -25.38 19.12
C ALA C 364 -19.79 -26.43 19.80
N LEU C 365 -19.75 -26.53 21.13
CA LEU C 365 -20.53 -27.54 21.79
C LEU C 365 -22.02 -27.23 21.75
N THR C 366 -22.39 -25.97 21.50
CA THR C 366 -23.77 -25.54 21.32
C THR C 366 -24.11 -25.35 19.85
N TYR C 367 -23.36 -26.02 18.96
CA TYR C 367 -23.57 -25.94 17.53
C TYR C 367 -25.03 -26.19 17.15
N LYS C 368 -25.63 -27.24 17.71
CA LYS C 368 -26.98 -27.65 17.30
C LYS C 368 -28.04 -26.65 17.74
N GLU C 369 -27.92 -26.09 18.96
CA GLU C 369 -28.85 -25.05 19.41
C GLU C 369 -28.86 -23.87 18.44
N ARG C 370 -27.69 -23.51 17.91
CA ARG C 370 -27.57 -22.46 16.90
C ARG C 370 -27.83 -23.01 15.48
N THR C 376 -31.68 -14.20 14.54
CA THR C 376 -32.63 -13.09 14.50
C THR C 376 -32.27 -12.11 13.37
N ASN C 377 -32.62 -10.84 13.55
CA ASN C 377 -32.40 -9.83 12.50
C ASN C 377 -30.93 -9.44 12.44
N LYS C 378 -30.33 -9.59 11.26
CA LYS C 378 -28.89 -9.42 11.08
C LYS C 378 -28.47 -7.99 10.82
N GLY C 379 -29.40 -7.09 10.53
CA GLY C 379 -29.06 -5.69 10.35
C GLY C 379 -28.64 -4.99 11.63
N GLU C 380 -29.01 -5.56 12.78
CA GLU C 380 -28.58 -5.03 14.07
C GLU C 380 -27.25 -5.62 14.53
N LEU C 381 -26.65 -6.48 13.72
CA LEU C 381 -25.38 -7.07 14.10
C LEU C 381 -24.23 -6.13 13.78
N PRO C 382 -23.24 -6.02 14.66
CA PRO C 382 -22.06 -5.17 14.37
C PRO C 382 -21.27 -5.72 13.18
N GLN C 383 -20.60 -4.80 12.48
CA GLN C 383 -19.87 -5.15 11.27
C GLN C 383 -18.40 -4.74 11.39
N VAL C 384 -17.50 -5.60 10.94
CA VAL C 384 -16.08 -5.26 10.86
C VAL C 384 -15.58 -5.53 9.46
N GLU C 385 -14.54 -4.81 9.09
CA GLU C 385 -13.89 -4.95 7.81
C GLU C 385 -12.49 -5.53 8.02
N VAL C 386 -12.16 -6.55 7.24
CA VAL C 386 -10.87 -7.21 7.39
C VAL C 386 -9.77 -6.31 6.86
N THR C 387 -8.75 -6.06 7.69
CA THR C 387 -7.65 -5.18 7.34
C THR C 387 -6.44 -5.92 6.77
N LYS C 388 -6.21 -7.17 7.17
CA LYS C 388 -5.16 -7.97 6.57
C LYS C 388 -5.67 -9.41 6.49
N ALA C 389 -5.15 -10.16 5.51
CA ALA C 389 -5.61 -11.53 5.30
C ALA C 389 -5.34 -12.37 6.54
N TYR C 390 -6.29 -13.23 6.86
CA TYR C 390 -6.14 -14.22 7.93
C TYR C 390 -6.43 -15.60 7.35
N PHE C 391 -5.54 -16.55 7.63
CA PHE C 391 -5.68 -17.93 7.14
C PHE C 391 -5.99 -18.83 8.33
N ALA C 392 -7.10 -19.55 8.24
CA ALA C 392 -7.58 -20.37 9.35
C ALA C 392 -6.53 -21.40 9.76
N LYS C 393 -6.35 -21.55 11.05
CA LYS C 393 -5.40 -22.51 11.61
C LYS C 393 -6.07 -23.67 12.32
N GLN C 394 -7.37 -23.58 12.59
CA GLN C 394 -8.11 -24.62 13.30
C GLN C 394 -9.46 -24.79 12.65
N ALA C 395 -10.09 -25.94 12.90
CA ALA C 395 -11.35 -26.28 12.25
C ALA C 395 -12.47 -25.27 12.52
N ASP C 396 -12.39 -24.50 13.60
CA ASP C 396 -13.46 -23.57 13.94
C ASP C 396 -13.13 -22.12 13.51
N GLU C 397 -12.07 -21.92 12.74
CA GLU C 397 -11.68 -20.60 12.27
C GLU C 397 -12.10 -20.40 10.82
N ILE C 398 -12.18 -19.12 10.42
CA ILE C 398 -12.56 -18.75 9.07
C ILE C 398 -11.38 -18.08 8.38
N THR C 399 -11.10 -18.49 7.16
CA THR C 399 -10.06 -17.83 6.37
C THR C 399 -10.63 -16.59 5.72
N LEU C 400 -9.97 -15.45 5.91
CA LEU C 400 -10.53 -14.17 5.53
C LEU C 400 -9.57 -13.44 4.62
N GLN C 401 -10.12 -12.83 3.59
CA GLN C 401 -9.34 -12.08 2.64
C GLN C 401 -9.53 -10.59 2.95
N GLN C 402 -8.54 -9.78 2.58
CA GLN C 402 -8.63 -8.36 2.92
C GLN C 402 -9.86 -7.72 2.27
N ALA C 403 -10.43 -6.74 2.96
CA ALA C 403 -11.66 -6.01 2.61
C ALA C 403 -12.93 -6.86 2.69
N ASP C 404 -12.84 -8.12 3.10
CA ASP C 404 -14.05 -8.86 3.46
C ASP C 404 -14.80 -8.11 4.56
N ILE C 405 -16.14 -8.17 4.50
CA ILE C 405 -17.01 -7.63 5.54
C ILE C 405 -17.56 -8.78 6.36
N VAL C 406 -17.43 -8.70 7.68
CA VAL C 406 -17.86 -9.75 8.58
C VAL C 406 -18.87 -9.19 9.57
N LEU C 407 -19.94 -9.95 9.81
CA LEU C 407 -20.93 -9.65 10.85
C LEU C 407 -20.49 -10.32 12.14
N VAL C 408 -20.26 -9.53 13.19
CA VAL C 408 -19.75 -10.07 14.44
C VAL C 408 -20.90 -10.66 15.24
N LEU C 409 -20.80 -11.94 15.56
CA LEU C 409 -21.77 -12.67 16.35
C LEU C 409 -21.39 -12.77 17.81
N GLN C 410 -20.09 -12.75 18.09
CA GLN C 410 -19.55 -12.95 19.45
C GLN C 410 -18.13 -12.39 19.51
N GLU C 411 -17.74 -11.89 20.68
CA GLU C 411 -16.43 -11.25 20.95
C GLU C 411 -15.94 -11.75 22.31
N GLU C 412 -14.69 -12.15 22.37
CA GLU C 412 -14.12 -12.76 23.58
C GLU C 412 -12.61 -12.76 23.45
N ASP C 413 -11.96 -11.92 24.24
CA ASP C 413 -10.51 -12.05 24.54
C ASP C 413 -9.76 -11.96 23.21
N GLY C 414 -10.17 -11.00 22.39
CA GLY C 414 -9.41 -10.64 21.18
C GLY C 414 -9.65 -11.63 20.06
N TRP C 415 -10.67 -12.45 20.20
CA TRP C 415 -11.16 -13.29 19.09
C TRP C 415 -12.60 -12.90 18.76
N LEU C 416 -12.90 -12.79 17.47
CA LEU C 416 -14.23 -12.53 16.97
C LEU C 416 -14.83 -13.77 16.33
N HIS C 417 -16.12 -13.98 16.54
CA HIS C 417 -16.88 -15.02 15.87
C HIS C 417 -17.84 -14.34 14.89
N GLY C 418 -17.69 -14.62 13.60
CA GLY C 418 -18.37 -13.82 12.61
C GLY C 418 -18.93 -14.61 11.45
N GLU C 419 -19.87 -13.99 10.77
CA GLU C 419 -20.41 -14.47 9.50
C GLU C 419 -19.93 -13.55 8.39
N ARG C 420 -19.28 -14.11 7.38
CA ARG C 420 -18.83 -13.27 6.28
C ARG C 420 -20.01 -12.83 5.42
N LEU C 421 -20.00 -11.56 5.05
CA LEU C 421 -21.13 -10.96 4.33
C LEU C 421 -21.35 -11.64 2.98
N ARG C 422 -20.29 -11.90 2.22
CA ARG C 422 -20.45 -12.36 0.84
C ARG C 422 -21.11 -13.73 0.78
N ASP C 423 -20.62 -14.69 1.59
CA ASP C 423 -20.96 -16.08 1.39
C ASP C 423 -21.52 -16.77 2.63
N GLY C 424 -21.63 -16.08 3.76
CA GLY C 424 -22.17 -16.68 4.96
C GLY C 424 -21.25 -17.63 5.69
N GLU C 425 -20.00 -17.80 5.26
CA GLU C 425 -19.05 -18.60 6.03
C GLU C 425 -18.85 -17.99 7.41
N THR C 426 -18.78 -18.86 8.42
CA THR C 426 -18.67 -18.44 9.81
C THR C 426 -17.51 -19.15 10.49
N GLY C 427 -16.92 -18.46 11.45
CA GLY C 427 -15.84 -19.02 12.24
C GLY C 427 -15.15 -17.93 13.03
N TRP C 428 -14.14 -18.34 13.78
CA TRP C 428 -13.39 -17.43 14.62
C TRP C 428 -12.17 -16.88 13.88
N PHE C 429 -11.77 -15.66 14.25
CA PHE C 429 -10.55 -15.02 13.74
C PHE C 429 -10.13 -13.96 14.75
N PRO C 430 -8.84 -13.62 14.78
CA PRO C 430 -8.36 -12.62 15.75
C PRO C 430 -8.89 -11.24 15.45
N GLU C 431 -9.35 -10.55 16.51
CA GLU C 431 -9.86 -9.19 16.40
C GLU C 431 -8.81 -8.24 15.84
N SER C 432 -7.53 -8.51 16.12
CA SER C 432 -6.41 -7.82 15.50
C SER C 432 -6.59 -7.58 14.00
N PHE C 433 -7.28 -8.49 13.30
CA PHE C 433 -7.28 -8.50 11.85
C PHE C 433 -8.43 -7.72 11.23
N ALA C 434 -9.12 -6.87 11.99
CA ALA C 434 -10.32 -6.23 11.46
C ALA C 434 -10.55 -4.88 12.13
N HIS C 435 -11.01 -3.90 11.34
CA HIS C 435 -11.38 -2.58 11.82
C HIS C 435 -12.91 -2.46 11.81
N SER C 436 -13.45 -1.85 12.86
CA SER C 436 -14.89 -1.77 13.03
C SER C 436 -15.49 -0.75 12.06
N ILE C 437 -16.75 -0.98 11.68
CA ILE C 437 -17.46 -0.13 10.72
C ILE C 437 -18.55 0.62 11.46
N THR C 438 -18.37 1.94 11.60
CA THR C 438 -19.25 2.80 12.37
C THR C 438 -20.24 3.58 11.52
N SER C 439 -19.89 3.87 10.26
CA SER C 439 -20.76 4.64 9.40
C SER C 439 -22.07 3.90 9.15
N ARG C 440 -23.19 4.54 9.50
CA ARG C 440 -24.48 3.88 9.40
C ARG C 440 -24.87 3.66 7.93
N VAL C 441 -24.69 4.68 7.09
CA VAL C 441 -24.90 4.52 5.65
C VAL C 441 -24.09 3.35 5.11
N ALA C 442 -22.84 3.21 5.54
CA ALA C 442 -22.05 2.05 5.14
C ALA C 442 -22.66 0.77 5.67
N VAL C 443 -23.28 0.83 6.86
CA VAL C 443 -23.68 -0.40 7.54
C VAL C 443 -24.89 -1.04 6.86
N GLU C 444 -25.98 -0.29 6.67
CA GLU C 444 -27.07 -0.97 5.98
C GLU C 444 -26.92 -0.93 4.48
N GLY C 445 -25.96 -0.18 3.95
CA GLY C 445 -25.56 -0.40 2.57
C GLY C 445 -24.97 -1.78 2.37
N ASN C 446 -24.18 -2.24 3.35
CA ASN C 446 -23.65 -3.60 3.31
C ASN C 446 -24.75 -4.63 3.47
N VAL C 447 -25.78 -4.31 4.26
CA VAL C 447 -26.89 -5.23 4.46
C VAL C 447 -27.60 -5.49 3.15
N ARG C 448 -27.93 -4.42 2.41
CA ARG C 448 -28.53 -4.56 1.09
C ARG C 448 -27.64 -5.39 0.17
N ARG C 449 -26.33 -5.15 0.20
CA ARG C 449 -25.42 -5.89 -0.67
C ARG C 449 -25.37 -7.37 -0.29
N MET C 450 -25.46 -7.70 1.00
CA MET C 450 -25.58 -9.09 1.41
C MET C 450 -26.72 -9.79 0.68
N GLU C 451 -27.88 -9.13 0.56
CA GLU C 451 -29.02 -9.77 -0.09
C GLU C 451 -28.71 -10.02 -1.56
N ARG C 452 -28.07 -9.06 -2.24
CA ARG C 452 -27.76 -9.25 -3.65
C ARG C 452 -26.77 -10.38 -3.86
N LEU C 453 -25.85 -10.59 -2.90
CA LEU C 453 -24.74 -11.52 -3.11
C LEU C 453 -25.06 -12.95 -2.71
N ARG C 454 -26.15 -13.19 -1.99
CA ARG C 454 -26.42 -14.51 -1.43
C ARG C 454 -27.18 -15.37 -2.44
N VAL C 455 -26.68 -16.60 -2.61
CA VAL C 455 -27.37 -17.57 -3.45
C VAL C 455 -28.70 -17.96 -2.81
N GLU C 456 -29.66 -18.31 -3.65
CA GLU C 456 -31.02 -18.65 -3.22
C GLU C 456 -31.06 -20.02 -2.54
N THR C 457 -32.10 -20.23 -1.75
CA THR C 457 -32.35 -21.53 -1.11
C THR C 457 -32.86 -22.56 -2.12
N GLN D 10 -30.57 -63.82 -12.09
CA GLN D 10 -30.99 -65.19 -12.38
C GLN D 10 -32.32 -65.26 -13.18
N LEU D 11 -33.43 -64.90 -12.54
CA LEU D 11 -34.70 -64.81 -13.25
C LEU D 11 -34.64 -63.76 -14.35
N THR D 12 -35.20 -64.10 -15.51
CA THR D 12 -35.43 -63.11 -16.53
C THR D 12 -36.78 -62.41 -16.31
N TRP D 13 -36.98 -61.33 -17.06
CA TRP D 13 -38.21 -60.56 -16.99
C TRP D 13 -39.43 -61.46 -17.11
N SER D 14 -39.42 -62.37 -18.10
CA SER D 14 -40.61 -63.17 -18.34
C SER D 14 -40.81 -64.24 -17.28
N GLN D 15 -39.88 -64.41 -16.35
CA GLN D 15 -40.08 -65.31 -15.22
C GLN D 15 -40.36 -64.57 -13.92
N LEU D 16 -40.39 -63.25 -13.92
CA LEU D 16 -40.72 -62.54 -12.69
C LEU D 16 -42.12 -62.94 -12.25
N PRO D 17 -42.34 -63.17 -10.95
CA PRO D 17 -43.68 -63.62 -10.49
C PRO D 17 -44.81 -62.70 -10.90
N GLU D 18 -44.62 -61.37 -10.85
CA GLU D 18 -45.69 -60.46 -11.25
C GLU D 18 -45.94 -60.52 -12.75
N VAL D 19 -44.90 -60.72 -13.55
CA VAL D 19 -45.10 -60.89 -14.99
C VAL D 19 -45.91 -62.15 -15.27
N LEU D 20 -45.61 -63.25 -14.58
CA LEU D 20 -46.41 -64.46 -14.78
C LEU D 20 -47.83 -64.27 -14.29
N GLU D 21 -47.99 -63.64 -13.12
CA GLU D 21 -49.32 -63.44 -12.55
C GLU D 21 -50.21 -62.61 -13.48
N SER D 22 -49.64 -61.63 -14.18
CA SER D 22 -50.45 -60.71 -14.98
C SER D 22 -51.08 -61.39 -16.18
N GLY D 23 -50.53 -62.50 -16.63
CA GLY D 23 -51.05 -63.13 -17.83
C GLY D 23 -50.66 -62.43 -19.11
N VAL D 24 -49.87 -61.36 -19.04
CA VAL D 24 -49.50 -60.60 -20.22
C VAL D 24 -48.72 -61.45 -21.21
N LEU D 25 -48.08 -62.54 -20.77
CA LEU D 25 -47.26 -63.33 -21.68
C LEU D 25 -48.09 -64.07 -22.72
N ASP D 26 -49.39 -64.26 -22.48
CA ASP D 26 -50.23 -65.02 -23.40
C ASP D 26 -50.45 -64.30 -24.73
N THR D 27 -50.36 -62.97 -24.77
CA THR D 27 -50.67 -62.21 -25.96
C THR D 27 -49.59 -61.20 -26.32
N LEU D 28 -48.53 -61.13 -25.55
CA LEU D 28 -47.52 -60.12 -25.81
C LEU D 28 -46.70 -60.53 -27.01
N SER D 29 -46.44 -59.58 -27.91
CA SER D 29 -45.65 -59.89 -29.09
C SER D 29 -44.21 -60.23 -28.68
N THR D 30 -43.51 -60.90 -29.59
CA THR D 30 -42.12 -61.24 -29.35
C THR D 30 -41.26 -60.00 -29.22
N GLU D 31 -41.51 -59.00 -30.09
CA GLU D 31 -40.72 -57.79 -30.05
C GLU D 31 -40.88 -57.05 -28.71
N GLU D 32 -42.10 -56.97 -28.19
CA GLU D 32 -42.31 -56.24 -26.95
C GLU D 32 -41.71 -56.98 -25.76
N ARG D 33 -41.80 -58.32 -25.76
CA ARG D 33 -41.07 -59.09 -24.75
C ARG D 33 -39.58 -58.77 -24.79
N LYS D 34 -38.98 -58.76 -25.98
CA LYS D 34 -37.55 -58.50 -26.07
C LYS D 34 -37.22 -57.07 -25.68
N ARG D 35 -38.14 -56.13 -25.91
CA ARG D 35 -37.92 -54.77 -25.42
C ARG D 35 -37.97 -54.71 -23.88
N GLN D 36 -38.90 -55.45 -23.26
CA GLN D 36 -38.94 -55.47 -21.79
C GLN D 36 -37.66 -56.10 -21.23
N GLU D 37 -37.14 -57.11 -21.89
CA GLU D 37 -35.93 -57.80 -21.39
C GLU D 37 -34.71 -56.88 -21.47
N ALA D 38 -34.72 -55.95 -22.41
CA ALA D 38 -33.59 -55.01 -22.57
C ALA D 38 -33.63 -53.92 -21.49
N ILE D 39 -34.82 -53.49 -21.10
CA ILE D 39 -34.95 -52.52 -19.98
C ILE D 39 -34.53 -53.22 -18.70
N PHE D 40 -34.93 -54.48 -18.50
CA PHE D 40 -34.63 -55.22 -17.26
C PHE D 40 -33.13 -55.49 -17.15
N GLU D 41 -32.47 -55.67 -18.28
CA GLU D 41 -31.02 -55.97 -18.28
C GLU D 41 -30.24 -54.76 -17.81
N ILE D 42 -30.67 -53.56 -18.18
CA ILE D 42 -30.04 -52.32 -17.70
C ILE D 42 -30.18 -52.23 -16.19
N LEU D 43 -31.34 -52.57 -15.65
CA LEU D 43 -31.60 -52.47 -14.20
C LEU D 43 -30.81 -53.51 -13.41
N THR D 44 -30.81 -54.75 -13.84
CA THR D 44 -30.14 -55.84 -13.12
C THR D 44 -28.64 -55.66 -13.18
N SER D 45 -28.15 -55.22 -14.32
CA SER D 45 -26.70 -55.00 -14.52
C SER D 45 -26.30 -53.79 -13.69
N GLU D 46 -27.17 -52.80 -13.65
CA GLU D 46 -26.85 -51.66 -12.80
C GLU D 46 -26.83 -52.06 -11.32
N PHE D 47 -27.73 -52.96 -10.93
CA PHE D 47 -27.80 -53.31 -9.52
C PHE D 47 -26.60 -54.13 -9.08
N SER D 48 -26.20 -55.14 -9.87
CA SER D 48 -25.05 -55.94 -9.45
C SER D 48 -23.77 -55.12 -9.48
N TYR D 49 -23.69 -54.16 -10.40
CA TYR D 49 -22.59 -53.21 -10.43
C TYR D 49 -22.56 -52.37 -9.15
N LEU D 50 -23.71 -51.79 -8.79
CA LEU D 50 -23.81 -50.98 -7.58
C LEU D 50 -23.42 -51.78 -6.36
N HIS D 51 -23.86 -53.03 -6.28
CA HIS D 51 -23.50 -53.87 -5.14
C HIS D 51 -22.00 -54.15 -5.10
N SER D 52 -21.37 -54.30 -6.27
CA SER D 52 -19.92 -54.47 -6.30
C SER D 52 -19.21 -53.20 -5.83
N LEU D 53 -19.74 -52.02 -6.14
CA LEU D 53 -19.14 -50.79 -5.65
C LEU D 53 -19.24 -50.70 -4.13
N SER D 54 -20.34 -51.15 -3.53
CA SER D 54 -20.44 -51.22 -2.07
C SER D 54 -19.34 -52.04 -1.46
N ILE D 55 -19.00 -53.16 -2.09
CA ILE D 55 -17.91 -53.99 -1.61
C ILE D 55 -16.60 -53.22 -1.68
N LEU D 56 -16.36 -52.53 -2.80
CA LEU D 56 -15.14 -51.75 -2.93
C LEU D 56 -15.06 -50.68 -1.86
N VAL D 57 -16.17 -50.00 -1.62
CA VAL D 57 -16.20 -48.92 -0.63
C VAL D 57 -16.02 -49.47 0.77
N THR D 58 -16.82 -50.47 1.13
CA THR D 58 -16.81 -51.00 2.49
C THR D 58 -15.49 -51.68 2.83
N GLU D 59 -14.96 -52.49 1.92
CA GLU D 59 -13.83 -53.34 2.29
C GLU D 59 -12.48 -52.69 2.05
N PHE D 60 -12.38 -51.80 1.06
CA PHE D 60 -11.09 -51.25 0.69
C PHE D 60 -10.99 -49.76 0.99
N LEU D 61 -11.87 -48.94 0.41
CA LEU D 61 -11.76 -47.48 0.61
C LEU D 61 -11.81 -47.15 2.09
N GLN D 62 -12.67 -47.83 2.83
CA GLN D 62 -12.90 -47.54 4.23
C GLN D 62 -12.17 -48.49 5.15
N SER D 63 -11.14 -49.17 4.65
CA SER D 63 -10.28 -49.97 5.52
C SER D 63 -9.30 -49.05 6.24
N ARG D 64 -9.34 -49.09 7.58
CA ARG D 64 -8.42 -48.30 8.38
C ARG D 64 -6.99 -48.80 8.25
N GLU D 65 -6.81 -50.12 8.36
CA GLU D 65 -5.47 -50.71 8.21
C GLU D 65 -4.89 -50.44 6.83
N LEU D 66 -5.72 -50.50 5.79
CA LEU D 66 -5.21 -50.24 4.45
C LEU D 66 -4.77 -48.79 4.32
N ARG D 67 -5.56 -47.87 4.85
CA ARG D 67 -5.18 -46.46 4.80
C ARG D 67 -3.84 -46.25 5.50
N ALA D 68 -3.63 -46.92 6.63
CA ALA D 68 -2.43 -46.71 7.42
C ALA D 68 -1.17 -47.20 6.72
N THR D 69 -1.27 -47.98 5.65
CA THR D 69 -0.06 -48.39 4.97
C THR D 69 0.44 -47.37 3.96
N MET D 70 -0.32 -46.32 3.67
CA MET D 70 -0.04 -45.47 2.52
C MET D 70 -0.19 -44.00 2.88
N THR D 71 0.22 -43.13 1.94
CA THR D 71 0.01 -41.69 2.09
C THR D 71 -1.37 -41.29 1.59
N GLN D 72 -1.77 -40.08 1.99
CA GLN D 72 -2.99 -39.48 1.46
C GLN D 72 -2.92 -39.31 -0.05
N THR D 73 -1.80 -38.82 -0.55
CA THR D 73 -1.62 -38.79 -2.01
C THR D 73 -1.87 -40.15 -2.63
N GLU D 74 -1.41 -41.23 -1.98
CA GLU D 74 -1.64 -42.54 -2.57
C GLU D 74 -3.11 -42.94 -2.43
N HIS D 75 -3.70 -42.71 -1.26
CA HIS D 75 -5.09 -43.12 -1.03
C HIS D 75 -6.03 -42.43 -2.01
N HIS D 76 -5.83 -41.13 -2.20
CA HIS D 76 -6.73 -40.36 -3.06
C HIS D 76 -6.58 -40.79 -4.52
N HIS D 77 -5.37 -41.06 -4.98
CA HIS D 77 -5.27 -41.48 -6.37
C HIS D 77 -5.66 -42.93 -6.55
N LEU D 78 -5.53 -43.75 -5.51
CA LEU D 78 -5.96 -45.15 -5.61
C LEU D 78 -7.49 -45.23 -5.72
N PHE D 79 -8.22 -44.46 -4.93
CA PHE D 79 -9.68 -44.56 -4.88
C PHE D 79 -10.42 -43.39 -5.50
N SER D 80 -9.79 -42.22 -5.61
CA SER D 80 -10.35 -41.11 -6.40
C SER D 80 -11.76 -40.79 -5.86
N ASN D 81 -12.69 -40.40 -6.73
CA ASN D 81 -14.05 -40.03 -6.33
C ASN D 81 -15.01 -41.21 -6.39
N ILE D 82 -14.59 -42.39 -5.94
CA ILE D 82 -15.45 -43.58 -6.04
C ILE D 82 -16.78 -43.36 -5.32
N LEU D 83 -16.78 -42.60 -4.22
CA LEU D 83 -18.02 -42.32 -3.50
C LEU D 83 -19.00 -41.54 -4.37
N ASP D 84 -18.51 -40.57 -5.14
CA ASP D 84 -19.39 -39.84 -6.05
C ASP D 84 -19.87 -40.74 -7.17
N VAL D 85 -19.01 -41.65 -7.63
CA VAL D 85 -19.44 -42.59 -8.65
C VAL D 85 -20.56 -43.46 -8.10
N MET D 86 -20.37 -44.01 -6.90
CA MET D 86 -21.39 -44.88 -6.30
C MET D 86 -22.71 -44.15 -6.13
N SER D 87 -22.64 -42.90 -5.68
CA SER D 87 -23.86 -42.13 -5.46
C SER D 87 -24.60 -41.87 -6.76
N ALA D 88 -23.87 -41.59 -7.85
CA ALA D 88 -24.52 -41.39 -9.14
C ALA D 88 -25.16 -42.69 -9.63
N SER D 89 -24.47 -43.80 -9.42
CA SER D 89 -25.06 -45.07 -9.82
C SER D 89 -26.30 -45.36 -8.99
N GLN D 90 -26.33 -44.91 -7.73
CA GLN D 90 -27.45 -45.30 -6.90
C GLN D 90 -28.69 -44.50 -7.32
N LYS D 91 -28.53 -43.20 -7.60
CA LYS D 91 -29.64 -42.36 -8.05
C LYS D 91 -30.18 -42.85 -9.39
N PHE D 92 -29.29 -43.26 -10.28
CA PHE D 92 -29.64 -43.84 -11.56
C PHE D 92 -30.42 -45.14 -11.38
N PHE D 93 -29.88 -46.06 -10.56
CA PHE D 93 -30.58 -47.30 -10.29
C PHE D 93 -31.97 -47.04 -9.73
N GLU D 94 -32.07 -46.10 -8.79
CA GLU D 94 -33.34 -45.85 -8.14
C GLU D 94 -34.38 -45.30 -9.11
N ALA D 95 -33.95 -44.46 -10.04
CA ALA D 95 -34.89 -43.96 -11.04
C ALA D 95 -35.38 -45.09 -11.93
N LEU D 96 -34.47 -45.94 -12.40
CA LEU D 96 -34.87 -47.10 -13.19
C LEU D 96 -35.80 -48.01 -12.38
N GLU D 97 -35.45 -48.27 -11.12
CA GLU D 97 -36.24 -49.18 -10.32
C GLU D 97 -37.66 -48.66 -10.10
N GLN D 98 -37.83 -47.34 -9.97
CA GLN D 98 -39.17 -46.80 -9.86
C GLN D 98 -40.02 -47.11 -11.10
N ARG D 99 -39.45 -46.94 -12.29
CA ARG D 99 -40.18 -47.33 -13.51
C ARG D 99 -40.48 -48.82 -13.50
N HIS D 100 -39.50 -49.63 -13.10
CA HIS D 100 -39.70 -51.08 -13.08
C HIS D 100 -40.80 -51.47 -12.11
N LYS D 101 -40.88 -50.75 -10.99
CA LYS D 101 -41.81 -51.09 -9.92
C LYS D 101 -43.26 -50.81 -10.32
N ALA D 102 -43.49 -49.76 -11.11
CA ALA D 102 -44.82 -49.20 -11.32
C ALA D 102 -45.71 -50.05 -12.21
N GLN D 103 -45.17 -50.68 -13.25
CA GLN D 103 -45.99 -51.38 -14.25
C GLN D 103 -45.39 -52.73 -14.55
N VAL D 104 -46.23 -53.67 -14.99
CA VAL D 104 -45.71 -54.95 -15.45
C VAL D 104 -44.83 -54.75 -16.67
N CYS D 105 -45.33 -53.98 -17.65
CA CYS D 105 -44.58 -53.62 -18.85
C CYS D 105 -44.16 -52.16 -18.72
N VAL D 106 -42.87 -51.93 -18.58
CA VAL D 106 -42.34 -50.57 -18.48
C VAL D 106 -42.53 -49.89 -19.82
N GLU D 107 -43.16 -48.70 -19.84
CA GLU D 107 -43.30 -48.10 -21.17
C GLU D 107 -41.99 -47.46 -21.64
N ASP D 108 -41.20 -46.86 -20.72
CA ASP D 108 -40.01 -46.14 -21.18
C ASP D 108 -39.03 -45.85 -20.04
N ILE D 109 -37.73 -45.96 -20.35
CA ILE D 109 -36.65 -45.46 -19.50
C ILE D 109 -35.70 -44.53 -20.24
N SER D 110 -35.94 -44.28 -21.54
CA SER D 110 -34.98 -43.54 -22.35
C SER D 110 -34.75 -42.13 -21.82
N ASP D 111 -35.78 -41.50 -21.26
CA ASP D 111 -35.60 -40.17 -20.66
C ASP D 111 -34.63 -40.24 -19.49
N ILE D 112 -34.71 -41.29 -18.67
CA ILE D 112 -33.77 -41.46 -17.57
C ILE D 112 -32.35 -41.63 -18.11
N LEU D 113 -32.18 -42.47 -19.12
CA LEU D 113 -30.85 -42.72 -19.66
C LEU D 113 -30.23 -41.43 -20.19
N GLU D 114 -31.02 -40.66 -20.95
CA GLU D 114 -30.48 -39.44 -21.55
C GLU D 114 -30.20 -38.40 -20.47
N ASP D 115 -31.11 -38.28 -19.50
CA ASP D 115 -30.96 -37.25 -18.48
C ASP D 115 -29.71 -37.48 -17.63
N HIS D 116 -29.48 -38.72 -17.19
CA HIS D 116 -28.33 -38.98 -16.32
C HIS D 116 -27.03 -38.91 -17.10
N ALA D 117 -27.04 -39.26 -18.36
CA ALA D 117 -25.81 -39.18 -19.19
C ALA D 117 -25.42 -37.72 -19.36
N GLN D 118 -26.41 -36.86 -19.42
CA GLN D 118 -26.14 -35.45 -19.65
C GLN D 118 -25.84 -34.69 -18.36
N HIS D 119 -26.47 -35.06 -17.25
CA HIS D 119 -26.53 -34.17 -16.11
C HIS D 119 -26.01 -34.76 -14.81
N HIS D 120 -25.87 -36.09 -14.71
CA HIS D 120 -25.56 -36.72 -13.45
C HIS D 120 -24.33 -37.63 -13.50
N PHE D 121 -23.70 -37.76 -14.64
CA PHE D 121 -22.60 -38.74 -14.79
C PHE D 121 -21.25 -38.07 -14.90
N HIS D 122 -21.16 -36.79 -14.58
CA HIS D 122 -19.84 -36.17 -14.50
C HIS D 122 -18.89 -36.90 -13.56
N PRO D 123 -19.35 -37.51 -12.45
CA PRO D 123 -18.41 -38.29 -11.62
C PRO D 123 -17.63 -39.34 -12.41
N TYR D 124 -18.23 -39.95 -13.43
CA TYR D 124 -17.48 -40.90 -14.24
C TYR D 124 -16.33 -40.23 -14.98
N ILE D 125 -16.47 -38.98 -15.39
CA ILE D 125 -15.37 -38.33 -16.18
C ILE D 125 -14.18 -38.18 -15.24
N ALA D 126 -14.40 -37.70 -14.02
CA ALA D 126 -13.24 -37.52 -13.16
C ALA D 126 -12.66 -38.86 -12.75
N TYR D 127 -13.50 -39.88 -12.57
CA TYR D 127 -12.95 -41.17 -12.16
C TYR D 127 -12.10 -41.75 -13.29
N CYS D 128 -12.62 -41.74 -14.53
CA CYS D 128 -11.84 -42.24 -15.66
C CYS D 128 -10.60 -41.39 -15.92
N SER D 129 -10.69 -40.06 -15.73
CA SER D 129 -9.51 -39.23 -15.98
C SER D 129 -8.37 -39.56 -15.02
N ASN D 130 -8.68 -40.03 -13.83
CA ASN D 130 -7.68 -40.39 -12.83
C ASN D 130 -7.01 -41.73 -13.10
N GLU D 131 -7.41 -42.43 -14.16
CA GLU D 131 -6.90 -43.78 -14.40
C GLU D 131 -5.36 -43.85 -14.38
N VAL D 132 -4.68 -42.91 -15.05
CA VAL D 132 -3.22 -42.93 -15.10
C VAL D 132 -2.63 -42.95 -13.69
N TYR D 133 -3.20 -42.19 -12.78
CA TYR D 133 -2.64 -42.13 -11.43
C TYR D 133 -3.04 -43.34 -10.61
N GLN D 134 -4.27 -43.82 -10.78
CA GLN D 134 -4.70 -45.04 -10.11
C GLN D 134 -3.80 -46.20 -10.48
N GLN D 135 -3.57 -46.41 -11.78
CA GLN D 135 -2.69 -47.48 -12.23
C GLN D 135 -1.28 -47.32 -11.64
N ARG D 136 -0.69 -46.13 -11.73
CA ARG D 136 0.70 -45.94 -11.21
C ARG D 136 0.74 -46.20 -9.71
N THR D 137 -0.24 -45.68 -8.98
CA THR D 137 -0.19 -45.88 -7.53
C THR D 137 -0.26 -47.36 -7.17
N LEU D 138 -1.20 -48.09 -7.78
CA LEU D 138 -1.30 -49.51 -7.49
C LEU D 138 -0.02 -50.25 -7.85
N GLN D 139 0.58 -49.92 -9.01
CA GLN D 139 1.81 -50.58 -9.41
C GLN D 139 2.92 -50.31 -8.40
N LYS D 140 2.99 -49.09 -7.88
CA LYS D 140 4.07 -48.74 -6.94
C LYS D 140 3.83 -49.42 -5.60
N LEU D 141 2.62 -49.32 -5.10
CA LEU D 141 2.28 -50.00 -3.84
C LEU D 141 2.60 -51.50 -3.90
N SER D 142 2.21 -52.16 -5.00
CA SER D 142 2.44 -53.60 -5.12
C SER D 142 3.92 -53.94 -5.13
N ASN D 143 4.74 -53.14 -5.81
CA ASN D 143 6.16 -53.43 -5.93
C ASN D 143 6.93 -53.09 -4.66
N SER D 144 6.62 -51.96 -4.04
CA SER D 144 7.53 -51.30 -3.11
C SER D 144 7.01 -51.20 -1.68
N ASN D 145 5.77 -51.61 -1.41
CA ASN D 145 5.13 -51.38 -0.12
C ASN D 145 4.72 -52.72 0.47
N ALA D 146 5.57 -53.26 1.34
CA ALA D 146 5.33 -54.60 1.88
C ALA D 146 4.13 -54.63 2.81
N ALA D 147 3.91 -53.58 3.60
CA ALA D 147 2.75 -53.59 4.50
C ALA D 147 1.45 -53.53 3.71
N PHE D 148 1.40 -52.67 2.69
CA PHE D 148 0.21 -52.59 1.84
C PHE D 148 -0.17 -53.96 1.31
N ARG D 149 0.81 -54.71 0.77
CA ARG D 149 0.40 -55.97 0.15
C ARG D 149 0.00 -57.01 1.19
N ASP D 150 0.47 -56.89 2.43
CA ASP D 150 0.03 -57.83 3.46
C ASP D 150 -1.40 -57.54 3.94
N VAL D 151 -1.73 -56.27 4.17
CA VAL D 151 -3.12 -55.94 4.50
C VAL D 151 -4.04 -56.28 3.33
N LEU D 152 -3.62 -55.94 2.11
CA LEU D 152 -4.45 -56.20 0.94
C LEU D 152 -4.75 -57.67 0.78
N LYS D 153 -3.75 -58.53 0.96
CA LYS D 153 -4.01 -59.95 0.75
C LYS D 153 -4.98 -60.50 1.79
N GLU D 154 -4.96 -59.97 3.03
CA GLU D 154 -5.91 -60.42 4.05
C GLU D 154 -7.33 -59.97 3.73
N ILE D 155 -7.50 -58.73 3.26
CA ILE D 155 -8.84 -58.28 2.86
C ILE D 155 -9.37 -59.13 1.72
N GLU D 156 -8.51 -59.49 0.76
CA GLU D 156 -8.99 -60.22 -0.39
C GLU D 156 -9.32 -61.68 -0.06
N LYS D 157 -8.81 -62.20 1.05
CA LYS D 157 -9.27 -63.51 1.48
C LYS D 157 -10.69 -63.48 2.01
N ARG D 158 -11.22 -62.31 2.38
CA ARG D 158 -12.56 -62.27 2.94
C ARG D 158 -13.59 -62.72 1.92
N PRO D 159 -14.61 -63.47 2.32
CA PRO D 159 -15.62 -63.92 1.36
C PRO D 159 -16.43 -62.80 0.75
N ALA D 160 -16.54 -61.66 1.43
CA ALA D 160 -17.23 -60.53 0.82
C ALA D 160 -16.65 -60.17 -0.55
N CYS D 161 -15.37 -60.45 -0.77
CA CYS D 161 -14.74 -60.06 -2.04
C CYS D 161 -15.09 -61.00 -3.19
N GLY D 162 -15.64 -62.18 -2.91
CA GLY D 162 -16.06 -63.05 -3.99
C GLY D 162 -14.94 -63.68 -4.80
N GLY D 163 -13.74 -63.77 -4.23
CA GLY D 163 -12.58 -64.17 -4.98
C GLY D 163 -11.95 -63.11 -5.86
N LEU D 164 -12.56 -61.92 -5.98
CA LEU D 164 -12.02 -60.95 -6.92
C LEU D 164 -11.04 -60.01 -6.22
N PRO D 165 -9.92 -59.69 -6.86
CA PRO D 165 -8.94 -58.78 -6.24
C PRO D 165 -9.41 -57.34 -6.32
N MET D 166 -8.73 -56.47 -5.54
CA MET D 166 -9.13 -55.07 -5.48
C MET D 166 -9.13 -54.45 -6.87
N ILE D 167 -8.15 -54.81 -7.71
CA ILE D 167 -8.00 -54.14 -8.99
C ILE D 167 -9.24 -54.34 -9.86
N SER D 168 -9.84 -55.52 -9.76
CA SER D 168 -11.00 -55.78 -10.60
C SER D 168 -12.19 -54.94 -10.13
N PHE D 169 -12.25 -54.58 -8.84
CA PHE D 169 -13.28 -53.66 -8.38
C PHE D 169 -13.00 -52.23 -8.86
N LEU D 170 -11.73 -51.82 -8.84
CA LEU D 170 -11.39 -50.43 -9.14
C LEU D 170 -11.75 -50.05 -10.57
N ILE D 171 -11.72 -51.01 -11.50
CA ILE D 171 -11.99 -50.69 -12.90
C ILE D 171 -13.46 -50.87 -13.28
N LEU D 172 -14.32 -51.31 -12.36
CA LEU D 172 -15.73 -51.48 -12.69
C LEU D 172 -16.39 -50.22 -13.24
N PRO D 173 -16.14 -49.01 -12.72
CA PRO D 173 -16.78 -47.85 -13.33
C PRO D 173 -16.38 -47.66 -14.78
N MET D 174 -15.12 -47.92 -15.15
CA MET D 174 -14.78 -47.80 -16.57
C MET D 174 -15.50 -48.86 -17.39
N GLN D 175 -15.55 -50.10 -16.91
CA GLN D 175 -16.27 -51.18 -17.61
C GLN D 175 -17.78 -50.89 -17.70
N ARG D 176 -18.34 -50.32 -16.65
CA ARG D 176 -19.78 -50.05 -16.67
C ARG D 176 -20.11 -48.98 -17.70
N VAL D 177 -19.41 -47.86 -17.65
CA VAL D 177 -19.75 -46.70 -18.53
C VAL D 177 -19.59 -47.09 -19.99
N THR D 178 -18.58 -47.85 -20.32
CA THR D 178 -18.42 -48.26 -21.71
C THR D 178 -19.37 -49.37 -22.11
N ARG D 179 -20.08 -49.99 -21.18
CA ARG D 179 -21.11 -51.00 -21.53
C ARG D 179 -22.46 -50.34 -21.76
N LEU D 180 -22.67 -49.15 -21.18
CA LEU D 180 -23.99 -48.52 -21.27
C LEU D 180 -24.42 -48.20 -22.70
N PRO D 181 -23.53 -47.75 -23.60
CA PRO D 181 -23.99 -47.56 -25.00
C PRO D 181 -24.36 -48.86 -25.69
N LEU D 182 -23.71 -49.98 -25.37
CA LEU D 182 -24.13 -51.25 -25.97
C LEU D 182 -25.52 -51.65 -25.49
N LEU D 183 -25.79 -51.46 -24.21
CA LEU D 183 -27.11 -51.83 -23.66
C LEU D 183 -28.16 -50.86 -24.18
N THR D 184 -27.78 -49.62 -24.43
CA THR D 184 -28.74 -48.69 -24.97
C THR D 184 -28.97 -48.93 -26.45
N ASP D 185 -27.93 -49.32 -27.18
CA ASP D 185 -28.13 -49.63 -28.60
C ASP D 185 -29.05 -50.83 -28.75
N THR D 186 -28.88 -51.85 -27.90
CA THR D 186 -29.80 -52.98 -27.91
C THR D 186 -31.23 -52.54 -27.66
N LEU D 187 -31.43 -51.70 -26.64
CA LEU D 187 -32.75 -51.18 -26.34
C LEU D 187 -33.36 -50.49 -27.55
N CYS D 188 -32.55 -49.66 -28.24
CA CYS D 188 -32.97 -49.01 -29.48
C CYS D 188 -33.43 -50.03 -30.50
N LEU D 189 -32.61 -51.06 -30.74
CA LEU D 189 -33.00 -52.09 -31.71
C LEU D 189 -34.35 -52.68 -31.36
N LYS D 190 -34.62 -52.91 -30.08
CA LYS D 190 -35.87 -53.56 -29.71
C LYS D 190 -37.03 -52.58 -29.54
N THR D 191 -36.82 -51.30 -29.84
CA THR D 191 -37.86 -50.28 -29.76
C THR D 191 -38.32 -49.84 -31.15
N GLN D 192 -37.91 -50.58 -32.19
CA GLN D 192 -38.19 -50.18 -33.56
C GLN D 192 -39.67 -50.25 -33.89
N GLY D 193 -40.50 -50.83 -33.03
CA GLY D 193 -41.93 -50.86 -33.30
C GLY D 193 -42.65 -49.57 -32.93
N HIS D 194 -42.12 -48.82 -31.98
CA HIS D 194 -42.78 -47.64 -31.44
C HIS D 194 -42.02 -46.39 -31.87
N PRO D 195 -42.55 -45.62 -32.84
CA PRO D 195 -41.73 -44.55 -33.44
C PRO D 195 -41.30 -43.45 -32.48
N GLU D 196 -42.19 -42.97 -31.61
CA GLU D 196 -41.81 -41.90 -30.70
C GLU D 196 -40.75 -42.35 -29.71
N ARG D 197 -40.94 -43.54 -29.10
CA ARG D 197 -39.94 -44.02 -28.15
C ARG D 197 -38.66 -44.45 -28.85
N TYR D 198 -38.73 -44.83 -30.13
CA TYR D 198 -37.51 -45.10 -30.87
C TYR D 198 -36.64 -43.86 -30.97
N LYS D 199 -37.24 -42.73 -31.35
CA LYS D 199 -36.50 -41.48 -31.37
C LYS D 199 -35.91 -41.19 -30.00
N ALA D 200 -36.67 -41.42 -28.93
CA ALA D 200 -36.17 -41.06 -27.62
C ALA D 200 -35.05 -42.00 -27.18
N ALA D 201 -35.14 -43.28 -27.53
CA ALA D 201 -34.04 -44.19 -27.24
C ALA D 201 -32.79 -43.80 -28.03
N SER D 202 -32.97 -43.37 -29.29
CA SER D 202 -31.84 -42.91 -30.11
C SER D 202 -31.16 -41.69 -29.51
N GLN D 203 -31.94 -40.76 -28.96
CA GLN D 203 -31.34 -39.61 -28.28
C GLN D 203 -30.56 -40.06 -27.04
N ALA D 204 -31.11 -41.02 -26.29
CA ALA D 204 -30.38 -41.53 -25.14
C ALA D 204 -29.07 -42.19 -25.56
N LEU D 205 -29.09 -42.95 -26.66
CA LEU D 205 -27.85 -43.56 -27.15
C LEU D 205 -26.83 -42.50 -27.53
N LYS D 206 -27.27 -41.42 -28.21
CA LYS D 206 -26.36 -40.33 -28.52
C LYS D 206 -25.81 -39.69 -27.24
N ALA D 207 -26.61 -39.54 -26.22
CA ALA D 207 -26.11 -38.87 -25.00
C ALA D 207 -25.08 -39.74 -24.26
N ILE D 208 -25.32 -41.03 -24.15
CA ILE D 208 -24.42 -41.93 -23.38
C ILE D 208 -23.08 -42.03 -24.11
N SER D 209 -23.11 -42.01 -25.43
CA SER D 209 -21.89 -42.16 -26.25
C SER D 209 -21.01 -40.92 -26.11
N LYS D 210 -21.63 -39.75 -25.97
CA LYS D 210 -20.89 -38.49 -25.75
C LYS D 210 -20.24 -38.50 -24.36
N LEU D 211 -20.94 -39.00 -23.35
CA LEU D 211 -20.36 -39.10 -21.99
C LEU D 211 -19.16 -40.03 -21.99
N VAL D 212 -19.25 -41.15 -22.69
CA VAL D 212 -18.12 -42.10 -22.78
C VAL D 212 -16.91 -41.43 -23.45
N LYS D 213 -17.16 -40.61 -24.46
CA LYS D 213 -16.08 -39.91 -25.17
C LYS D 213 -15.45 -38.86 -24.25
N GLN D 214 -16.26 -38.19 -23.46
CA GLN D 214 -15.73 -37.19 -22.53
C GLN D 214 -14.89 -37.89 -21.45
N CYS D 215 -15.22 -39.13 -21.13
CA CYS D 215 -14.43 -39.92 -20.17
C CYS D 215 -13.13 -40.35 -20.85
N ASN D 216 -13.19 -40.77 -22.09
CA ASN D 216 -12.01 -41.28 -22.82
C ASN D 216 -11.05 -40.14 -23.15
N GLU D 217 -11.58 -38.96 -23.40
CA GLU D 217 -10.76 -37.77 -23.69
C GLU D 217 -10.11 -37.23 -22.42
N GLY D 218 -10.79 -37.32 -21.28
CA GLY D 218 -10.21 -36.88 -20.01
C GLY D 218 -9.09 -37.79 -19.57
N ALA D 219 -9.24 -39.07 -19.77
CA ALA D 219 -8.18 -40.04 -19.44
C ALA D 219 -6.96 -39.81 -20.31
N HIS D 220 -7.19 -39.56 -21.58
CA HIS D 220 -6.12 -39.26 -22.56
C HIS D 220 -5.40 -37.97 -22.16
N LYS D 221 -6.14 -36.92 -21.83
CA LYS D 221 -5.52 -35.62 -21.52
C LYS D 221 -4.66 -35.74 -20.27
N MET D 222 -5.20 -36.39 -19.25
CA MET D 222 -4.49 -36.53 -17.97
C MET D 222 -3.23 -37.37 -18.14
N GLU D 223 -3.31 -38.44 -18.92
CA GLU D 223 -2.14 -39.31 -19.19
C GLU D 223 -1.06 -38.58 -19.99
N ARG D 224 -1.48 -37.84 -21.00
CA ARG D 224 -0.56 -37.06 -21.86
C ARG D 224 0.15 -35.99 -21.04
N THR D 225 -0.59 -35.31 -20.19
CA THR D 225 -0.03 -34.26 -19.33
C THR D 225 0.98 -34.84 -18.35
N GLU D 226 0.65 -35.95 -17.71
CA GLU D 226 1.57 -36.55 -16.72
C GLU D 226 2.86 -36.97 -17.42
N GLN D 227 2.72 -37.62 -18.57
CA GLN D 227 3.83 -38.19 -19.35
C GLN D 227 4.77 -37.08 -19.85
N ILE D 228 4.19 -35.99 -20.31
CA ILE D 228 4.97 -34.92 -20.99
C ILE D 228 5.84 -34.29 -19.90
N TYR D 229 5.25 -34.17 -18.72
CA TYR D 229 5.91 -33.50 -17.59
C TYR D 229 6.91 -34.45 -16.96
N THR D 230 6.60 -35.73 -16.85
CA THR D 230 7.52 -36.73 -16.29
C THR D 230 8.74 -36.88 -17.21
N LEU D 231 8.50 -36.93 -18.51
CA LEU D 231 9.59 -37.15 -19.49
C LEU D 231 10.37 -35.87 -19.72
N ASN D 232 9.72 -34.71 -19.63
CA ASN D 232 10.46 -33.43 -19.69
C ASN D 232 11.46 -33.42 -18.54
N MET D 233 11.07 -33.96 -17.40
CA MET D 233 12.04 -34.00 -16.30
C MET D 233 13.10 -35.08 -16.55
N GLN D 234 12.70 -36.24 -17.07
CA GLN D 234 13.66 -37.34 -17.18
C GLN D 234 14.61 -37.19 -18.35
N LEU D 235 14.22 -36.49 -19.41
CA LEU D 235 15.04 -36.45 -20.61
C LEU D 235 15.99 -35.27 -20.52
N ASP D 236 17.27 -35.55 -20.56
CA ASP D 236 18.32 -34.57 -20.36
C ASP D 236 18.86 -34.18 -21.74
N PHE D 237 18.58 -32.94 -22.16
CA PHE D 237 19.04 -32.40 -23.43
C PHE D 237 20.39 -31.69 -23.32
N GLY D 238 21.15 -31.96 -22.26
CA GLY D 238 22.30 -31.13 -21.93
C GLY D 238 23.39 -31.11 -22.99
N LYS D 239 23.51 -32.16 -23.79
CA LYS D 239 24.62 -32.26 -24.72
C LYS D 239 24.20 -32.09 -26.18
N VAL D 240 22.95 -31.69 -26.44
CA VAL D 240 22.47 -31.43 -27.79
C VAL D 240 21.78 -30.07 -27.79
N LYS D 241 21.43 -29.60 -28.99
CA LYS D 241 20.62 -28.40 -29.12
C LYS D 241 19.31 -28.55 -28.34
N SER D 242 18.96 -27.52 -27.58
CA SER D 242 17.86 -27.67 -26.63
C SER D 242 16.54 -27.86 -27.38
N LEU D 243 15.66 -28.63 -26.78
CA LEU D 243 14.37 -28.84 -27.42
C LEU D 243 13.31 -28.82 -26.34
N PRO D 244 12.36 -27.88 -26.39
CA PRO D 244 11.31 -27.84 -25.37
C PRO D 244 10.36 -29.01 -25.60
N LEU D 245 10.32 -29.93 -24.64
CA LEU D 245 9.47 -31.10 -24.77
C LEU D 245 8.01 -30.80 -24.41
N ILE D 246 7.78 -29.90 -23.46
CA ILE D 246 6.42 -29.64 -23.00
C ILE D 246 5.62 -28.98 -24.11
N SER D 247 4.37 -29.38 -24.23
CA SER D 247 3.44 -28.93 -25.26
C SER D 247 2.07 -29.46 -24.85
N ALA D 248 1.01 -28.82 -25.30
CA ALA D 248 -0.34 -29.24 -24.88
C ALA D 248 -0.88 -30.28 -25.85
N SER D 249 -0.13 -30.51 -26.92
CA SER D 249 -0.61 -31.44 -27.94
C SER D 249 0.33 -32.60 -28.19
N ARG D 250 1.46 -32.65 -27.51
CA ARG D 250 2.44 -33.74 -27.73
C ARG D 250 2.11 -34.98 -26.90
N TRP D 251 2.15 -36.14 -27.52
CA TRP D 251 1.88 -37.42 -26.84
C TRP D 251 2.88 -38.49 -27.27
N LEU D 252 3.08 -39.45 -26.39
CA LEU D 252 4.02 -40.56 -26.63
C LEU D 252 3.36 -41.67 -27.44
N LEU D 253 3.94 -41.95 -28.60
CA LEU D 253 3.49 -43.08 -29.40
C LEU D 253 4.07 -44.39 -28.89
N LYS D 254 5.37 -44.40 -28.59
CA LYS D 254 6.04 -45.63 -28.21
C LYS D 254 7.38 -45.27 -27.58
N ARG D 255 7.80 -46.08 -26.62
CA ARG D 255 9.12 -45.96 -26.03
C ARG D 255 9.69 -47.35 -25.85
N GLY D 256 11.02 -47.46 -25.83
CA GLY D 256 11.64 -48.74 -25.57
C GLY D 256 13.10 -48.76 -25.96
N GLU D 257 13.79 -49.76 -25.43
CA GLU D 257 15.20 -50.00 -25.67
C GLU D 257 15.37 -50.81 -26.95
N LEU D 258 16.47 -50.56 -27.66
CA LEU D 258 16.83 -51.34 -28.82
C LEU D 258 18.33 -51.55 -28.80
N PHE D 259 18.73 -52.64 -29.42
CA PHE D 259 20.16 -52.99 -29.55
C PHE D 259 20.73 -52.22 -30.72
N LEU D 260 21.91 -51.66 -30.51
CA LEU D 260 22.62 -51.00 -31.61
C LEU D 260 23.23 -52.09 -32.48
N LEU D 261 22.90 -52.07 -33.77
CA LEU D 261 23.50 -53.00 -34.73
C LEU D 261 24.82 -52.36 -35.09
N GLU D 262 25.91 -53.03 -34.79
CA GLU D 262 27.25 -52.49 -35.06
C GLU D 262 27.76 -53.13 -36.34
N GLU D 263 27.67 -52.43 -37.46
CA GLU D 263 28.02 -53.01 -38.78
C GLU D 263 29.50 -53.41 -38.85
N SER D 264 30.39 -52.67 -38.18
CA SER D 264 31.84 -52.96 -38.18
C SER D 264 32.15 -54.33 -37.57
N SER D 265 31.41 -54.74 -36.55
CA SER D 265 31.76 -56.02 -35.88
C SER D 265 30.91 -57.15 -36.45
N ILE D 266 31.58 -58.17 -37.00
CA ILE D 266 30.87 -59.34 -37.57
C ILE D 266 30.66 -60.32 -36.44
N PHE D 267 31.61 -60.35 -35.51
CA PHE D 267 31.57 -61.35 -34.42
C PHE D 267 30.84 -60.74 -33.22
N ARG D 268 29.54 -60.64 -33.33
CA ARG D 268 28.75 -60.00 -32.27
C ARG D 268 28.45 -60.97 -31.13
N LYS D 269 28.40 -60.45 -29.91
CA LYS D 269 28.13 -61.26 -28.72
C LYS D 269 26.71 -60.97 -28.23
N ILE D 270 26.11 -61.91 -27.49
CA ILE D 270 24.79 -61.70 -26.86
C ILE D 270 24.93 -61.17 -25.44
N ALA D 271 26.15 -60.91 -24.97
CA ALA D 271 26.35 -60.36 -23.64
C ALA D 271 26.80 -58.90 -23.77
N SER D 272 26.30 -58.05 -22.87
CA SER D 272 26.69 -56.64 -22.84
C SER D 272 26.51 -55.94 -24.18
N ARG D 273 25.43 -56.25 -24.87
CA ARG D 273 25.15 -55.59 -26.17
C ARG D 273 24.89 -54.10 -25.99
N PRO D 274 25.57 -53.16 -26.69
CA PRO D 274 25.23 -51.76 -26.61
C PRO D 274 23.77 -51.48 -26.99
N THR D 275 23.12 -50.59 -26.27
CA THR D 275 21.73 -50.25 -26.54
C THR D 275 21.58 -48.75 -26.74
N CYS D 276 20.43 -48.36 -27.28
CA CYS D 276 19.94 -47.00 -27.14
C CYS D 276 18.47 -47.08 -26.74
N TYR D 277 17.90 -45.97 -26.33
CA TYR D 277 16.54 -45.95 -25.81
C TYR D 277 15.77 -44.85 -26.51
N LEU D 278 14.64 -45.23 -27.09
CA LEU D 278 13.87 -44.39 -28.01
C LEU D 278 12.62 -43.86 -27.32
N PHE D 279 12.39 -42.56 -27.44
CA PHE D 279 11.12 -41.95 -27.08
C PHE D 279 10.51 -41.37 -28.35
N LEU D 280 9.44 -42.00 -28.84
CA LEU D 280 8.80 -41.58 -30.07
C LEU D 280 7.49 -40.88 -29.73
N PHE D 281 7.45 -39.58 -29.97
CA PHE D 281 6.26 -38.79 -29.80
C PHE D 281 5.55 -38.64 -31.14
N ASN D 282 4.31 -38.13 -31.08
CA ASN D 282 3.53 -37.95 -32.29
C ASN D 282 4.21 -37.04 -33.31
N ASP D 283 5.10 -36.14 -32.86
CA ASP D 283 5.70 -35.23 -33.81
C ASP D 283 7.22 -35.23 -33.80
N VAL D 284 7.88 -35.99 -32.93
CA VAL D 284 9.34 -35.97 -32.82
C VAL D 284 9.83 -37.30 -32.26
N LEU D 285 10.90 -37.83 -32.86
CA LEU D 285 11.61 -38.99 -32.34
C LEU D 285 12.82 -38.50 -31.55
N VAL D 286 12.97 -38.99 -30.32
CA VAL D 286 14.10 -38.63 -29.48
C VAL D 286 14.90 -39.89 -29.17
N VAL D 287 16.21 -39.82 -29.42
CA VAL D 287 17.14 -40.94 -29.27
C VAL D 287 17.97 -40.69 -28.04
N THR D 288 17.95 -41.62 -27.09
CA THR D 288 18.63 -41.41 -25.82
C THR D 288 19.46 -42.62 -25.44
N LYS D 289 20.27 -42.46 -24.40
CA LYS D 289 20.89 -43.55 -23.68
C LYS D 289 20.36 -43.51 -22.27
N LYS D 290 19.81 -44.63 -21.80
CA LYS D 290 19.33 -44.73 -20.43
C LYS D 290 20.52 -44.65 -19.47
N LYS D 291 20.49 -43.70 -18.56
CA LYS D 291 21.51 -43.59 -17.51
C LYS D 291 21.02 -44.04 -16.15
N SER D 292 19.70 -44.20 -15.97
CA SER D 292 19.06 -44.31 -14.66
C SER D 292 17.58 -44.54 -14.89
N GLU D 293 16.88 -44.90 -13.82
CA GLU D 293 15.45 -45.13 -13.98
C GLU D 293 14.69 -43.85 -14.31
N GLU D 294 15.20 -42.69 -13.90
CA GLU D 294 14.55 -41.43 -14.21
C GLU D 294 15.50 -40.46 -14.89
N SER D 295 16.43 -40.99 -15.70
CA SER D 295 17.35 -40.13 -16.43
C SER D 295 17.71 -40.79 -17.75
N TYR D 296 17.46 -40.06 -18.83
CA TYR D 296 17.79 -40.51 -20.18
C TYR D 296 18.54 -39.37 -20.83
N LEU D 297 19.76 -39.64 -21.30
CA LEU D 297 20.60 -38.61 -21.90
C LEU D 297 20.32 -38.56 -23.41
N VAL D 298 19.84 -37.41 -23.89
CA VAL D 298 19.49 -37.31 -25.31
C VAL D 298 20.74 -37.33 -26.16
N GLN D 299 20.75 -38.18 -27.17
CA GLN D 299 21.82 -38.22 -28.17
C GLN D 299 21.46 -37.45 -29.44
N ASP D 300 20.21 -37.49 -29.86
CA ASP D 300 19.78 -36.82 -31.08
C ASP D 300 18.27 -36.83 -31.11
N TYR D 301 17.71 -36.18 -32.11
CA TYR D 301 16.26 -36.16 -32.30
C TYR D 301 15.98 -35.60 -33.67
N ALA D 302 14.76 -35.86 -34.14
CA ALA D 302 14.29 -35.38 -35.43
C ALA D 302 12.78 -35.32 -35.42
N GLN D 303 12.24 -34.26 -36.04
CA GLN D 303 10.81 -34.20 -36.32
C GLN D 303 10.37 -35.48 -37.03
N LEU D 304 9.19 -35.99 -36.66
CA LEU D 304 8.81 -37.28 -37.19
C LEU D 304 8.63 -37.24 -38.70
N ASP D 305 8.21 -36.10 -39.26
CA ASP D 305 8.10 -36.08 -40.72
C ASP D 305 9.45 -35.93 -41.42
N HIS D 306 10.56 -35.95 -40.70
CA HIS D 306 11.89 -36.05 -41.28
C HIS D 306 12.57 -37.36 -40.85
N VAL D 307 11.78 -38.39 -40.55
CA VAL D 307 12.28 -39.69 -40.18
C VAL D 307 11.83 -40.71 -41.22
N GLN D 308 12.78 -41.52 -41.71
CA GLN D 308 12.50 -42.66 -42.57
C GLN D 308 12.91 -43.93 -41.85
N VAL D 309 12.13 -44.98 -42.06
CA VAL D 309 12.44 -46.30 -41.47
C VAL D 309 12.42 -47.37 -42.57
N ARG D 310 13.31 -48.34 -42.46
CA ARG D 310 13.41 -49.46 -43.41
C ARG D 310 13.88 -50.68 -42.62
N LYS D 311 13.36 -51.85 -42.94
CA LYS D 311 13.89 -53.10 -42.36
C LYS D 311 15.24 -53.35 -43.01
N LEU D 312 16.16 -53.99 -42.31
CA LEU D 312 17.44 -54.39 -42.93
C LEU D 312 17.41 -55.90 -43.17
N GLU D 313 18.13 -56.34 -44.19
CA GLU D 313 18.15 -57.77 -44.54
C GLU D 313 19.11 -58.48 -43.61
N PRO D 314 18.89 -59.76 -43.32
CA PRO D 314 19.83 -60.52 -42.52
C PRO D 314 21.14 -60.64 -43.31
N SER D 315 22.26 -60.80 -42.62
CA SER D 315 23.58 -60.97 -43.27
C SER D 315 23.62 -62.26 -44.09
N GLU D 316 24.38 -62.25 -45.19
CA GLU D 316 24.30 -63.32 -46.23
C GLU D 316 24.94 -64.62 -45.73
N PRO D 317 24.32 -65.79 -45.98
CA PRO D 317 24.84 -67.09 -45.52
C PRO D 317 26.04 -67.61 -46.33
N LEU D 318 26.66 -68.69 -45.85
CA LEU D 318 27.80 -69.26 -46.56
C LEU D 318 27.39 -70.52 -47.33
N SER D 327 20.37 -64.22 -35.62
CA SER D 327 21.71 -64.16 -34.99
C SER D 327 21.68 -63.55 -33.60
N SER D 328 22.65 -62.68 -33.33
CA SER D 328 22.68 -61.90 -32.07
C SER D 328 21.94 -60.61 -32.38
N VAL D 329 21.68 -60.37 -33.66
CA VAL D 329 20.90 -59.18 -34.10
C VAL D 329 19.83 -59.74 -35.04
N PRO D 330 18.85 -60.49 -34.50
CA PRO D 330 17.88 -61.19 -35.34
C PRO D 330 16.92 -60.40 -36.23
N TYR D 331 16.42 -59.27 -35.76
CA TYR D 331 15.41 -58.50 -36.53
C TYR D 331 15.90 -57.08 -36.68
N PRO D 332 16.83 -56.84 -37.63
CA PRO D 332 17.40 -55.51 -37.81
C PRO D 332 16.59 -54.47 -38.59
N PHE D 333 16.81 -53.19 -38.29
CA PHE D 333 16.09 -52.11 -38.96
C PHE D 333 16.94 -50.84 -38.93
N GLN D 334 16.68 -49.94 -39.85
CA GLN D 334 17.45 -48.69 -39.94
C GLN D 334 16.51 -47.49 -39.85
N VAL D 335 16.90 -46.52 -39.06
CA VAL D 335 16.16 -45.26 -38.94
C VAL D 335 17.03 -44.16 -39.50
N ASN D 336 16.50 -43.47 -40.49
CA ASN D 336 17.22 -42.35 -41.10
C ASN D 336 16.65 -41.05 -40.58
N LEU D 337 17.49 -40.25 -39.93
CA LEU D 337 17.09 -38.90 -39.56
C LEU D 337 17.46 -37.99 -40.73
N LEU D 338 16.46 -37.53 -41.47
CA LEU D 338 16.77 -36.69 -42.62
C LEU D 338 17.18 -35.29 -42.20
N HIS D 339 16.77 -34.86 -41.01
CA HIS D 339 17.09 -33.52 -40.55
C HIS D 339 17.12 -33.61 -39.02
N ASN D 340 18.32 -33.74 -38.47
CA ASN D 340 18.47 -34.09 -37.06
C ASN D 340 18.61 -32.82 -36.21
N SER D 341 19.02 -33.01 -34.95
CA SER D 341 19.08 -31.90 -34.01
C SER D 341 20.02 -30.81 -34.48
N GLU D 342 21.04 -31.18 -35.25
CA GLU D 342 21.99 -30.24 -35.83
C GLU D 342 21.66 -29.88 -37.27
N GLY D 343 20.44 -30.14 -37.72
CA GLY D 343 20.05 -29.83 -39.07
C GLY D 343 20.72 -30.70 -40.11
N ARG D 344 21.14 -31.90 -39.74
CA ARG D 344 22.00 -32.68 -40.61
C ARG D 344 21.44 -34.10 -40.66
N GLN D 345 21.99 -34.94 -41.54
CA GLN D 345 21.45 -36.28 -41.74
C GLN D 345 22.19 -37.30 -40.88
N GLU D 346 21.45 -38.24 -40.29
CA GLU D 346 22.06 -39.36 -39.59
C GLU D 346 21.30 -40.63 -39.91
N GLN D 347 21.99 -41.75 -39.77
CA GLN D 347 21.39 -43.07 -39.93
C GLN D 347 21.67 -43.82 -38.65
N ILE D 348 20.63 -44.44 -38.08
CA ILE D 348 20.75 -45.22 -36.86
C ILE D 348 20.38 -46.66 -37.19
N LEU D 349 21.27 -47.56 -36.86
CA LEU D 349 21.11 -49.01 -37.17
C LEU D 349 20.91 -49.78 -35.87
N LEU D 350 19.87 -50.59 -35.87
CA LEU D 350 19.13 -51.06 -34.69
C LEU D 350 18.69 -52.50 -34.93
N SER D 351 18.40 -53.19 -33.83
CA SER D 351 17.84 -54.56 -33.89
C SER D 351 16.96 -54.84 -32.68
N SER D 352 15.87 -55.56 -32.87
CA SER D 352 15.04 -56.10 -31.81
C SER D 352 15.35 -57.58 -31.66
N ASP D 353 14.85 -58.18 -30.59
CA ASP D 353 14.93 -59.63 -30.41
C ASP D 353 13.65 -60.32 -30.83
N SER D 354 12.69 -59.56 -31.34
CA SER D 354 11.32 -59.96 -31.61
C SER D 354 10.90 -59.41 -32.96
N ALA D 355 10.34 -60.27 -33.82
CA ALA D 355 9.78 -59.78 -35.08
C ALA D 355 8.64 -58.80 -34.84
N SER D 356 7.81 -59.07 -33.83
CA SER D 356 6.70 -58.16 -33.57
C SER D 356 7.19 -56.86 -32.94
N ASP D 357 8.23 -56.90 -32.13
CA ASP D 357 8.77 -55.63 -31.64
C ASP D 357 9.21 -54.76 -32.79
N ARG D 358 9.91 -55.33 -33.77
CA ARG D 358 10.36 -54.51 -34.90
C ARG D 358 9.16 -53.93 -35.64
N ALA D 359 8.17 -54.78 -35.94
CA ALA D 359 7.00 -54.30 -36.66
C ALA D 359 6.29 -53.21 -35.88
N ARG D 360 6.23 -53.34 -34.56
CA ARG D 360 5.58 -52.30 -33.77
C ARG D 360 6.38 -50.99 -33.83
N TRP D 361 7.72 -51.07 -33.85
CA TRP D 361 8.51 -49.86 -34.03
C TRP D 361 8.31 -49.27 -35.42
N ILE D 362 8.28 -50.11 -36.46
CA ILE D 362 8.14 -49.58 -37.81
C ILE D 362 6.76 -48.95 -38.00
N THR D 363 5.72 -49.59 -37.47
CA THR D 363 4.37 -49.02 -37.52
C THR D 363 4.29 -47.68 -36.77
N ALA D 364 4.89 -47.58 -35.59
CA ALA D 364 4.85 -46.30 -34.87
C ALA D 364 5.67 -45.24 -35.59
N LEU D 365 6.82 -45.62 -36.15
CA LEU D 365 7.66 -44.66 -36.84
C LEU D 365 7.05 -44.16 -38.15
N THR D 366 6.07 -44.87 -38.70
CA THR D 366 5.40 -44.42 -39.91
C THR D 366 4.02 -43.88 -39.61
N TYR D 367 3.80 -43.44 -38.37
CA TYR D 367 2.52 -42.92 -37.92
C TYR D 367 1.99 -41.79 -38.82
N LYS D 368 2.88 -40.86 -39.21
CA LYS D 368 2.43 -39.75 -40.05
C LYS D 368 1.99 -40.25 -41.43
N GLU D 369 2.79 -41.10 -42.07
CA GLU D 369 2.51 -41.57 -43.42
C GLU D 369 1.21 -42.35 -43.53
N ARG D 370 0.57 -42.68 -42.41
CA ARG D 370 -0.69 -43.43 -42.44
C ARG D 370 -1.91 -42.51 -42.37
N GLN D 371 -1.81 -41.31 -42.94
CA GLN D 371 -2.92 -40.34 -42.95
C GLN D 371 -2.62 -39.19 -43.89
N THR D 376 -10.15 -44.74 -45.55
CA THR D 376 -9.99 -46.09 -46.09
C THR D 376 -11.29 -46.88 -45.98
N ASN D 377 -11.35 -48.06 -46.59
CA ASN D 377 -12.59 -48.84 -46.69
C ASN D 377 -12.70 -49.79 -45.50
N LYS D 378 -13.23 -49.26 -44.40
CA LYS D 378 -13.24 -50.03 -43.15
C LYS D 378 -14.18 -51.22 -43.20
N GLY D 379 -15.23 -51.17 -44.04
CA GLY D 379 -16.21 -52.23 -44.07
C GLY D 379 -15.66 -53.58 -44.52
N GLU D 380 -14.50 -53.59 -45.19
CA GLU D 380 -13.89 -54.83 -45.66
C GLU D 380 -12.63 -55.17 -44.87
N LEU D 381 -12.45 -54.59 -43.68
CA LEU D 381 -11.34 -55.04 -42.86
C LEU D 381 -11.72 -56.33 -42.13
N PRO D 382 -10.76 -57.21 -41.86
CA PRO D 382 -11.06 -58.40 -41.04
C PRO D 382 -11.47 -57.99 -39.64
N GLN D 383 -12.51 -58.65 -39.13
CA GLN D 383 -13.04 -58.40 -37.79
C GLN D 383 -12.67 -59.55 -36.86
N VAL D 384 -12.38 -59.20 -35.61
CA VAL D 384 -12.02 -60.19 -34.61
C VAL D 384 -12.83 -59.83 -33.36
N GLU D 385 -13.07 -60.82 -32.51
CA GLU D 385 -13.85 -60.58 -31.30
C GLU D 385 -13.02 -61.01 -30.10
N VAL D 386 -12.97 -60.13 -29.09
CA VAL D 386 -12.09 -60.37 -27.92
C VAL D 386 -12.67 -61.46 -27.03
N THR D 387 -11.83 -62.45 -26.76
CA THR D 387 -12.29 -63.58 -25.93
C THR D 387 -11.97 -63.38 -24.46
N LYS D 388 -10.90 -62.66 -24.14
CA LYS D 388 -10.50 -62.42 -22.77
C LYS D 388 -9.97 -61.00 -22.69
N ALA D 389 -10.26 -60.30 -21.61
CA ALA D 389 -9.82 -58.92 -21.45
C ALA D 389 -8.30 -58.81 -21.53
N TYR D 390 -7.84 -57.80 -22.25
CA TYR D 390 -6.41 -57.55 -22.33
C TYR D 390 -6.14 -56.14 -21.85
N PHE D 391 -5.18 -56.00 -20.93
CA PHE D 391 -4.80 -54.72 -20.34
C PHE D 391 -3.46 -54.27 -20.92
N ALA D 392 -3.48 -53.08 -21.54
CA ALA D 392 -2.31 -52.55 -22.22
C ALA D 392 -1.14 -52.42 -21.26
N LYS D 393 0.04 -52.78 -21.76
CA LYS D 393 1.27 -52.65 -21.01
C LYS D 393 2.21 -51.60 -21.58
N GLN D 394 1.92 -51.08 -22.77
CA GLN D 394 2.79 -50.12 -23.45
C GLN D 394 1.89 -49.10 -24.12
N ALA D 395 2.49 -47.93 -24.41
CA ALA D 395 1.75 -46.83 -25.04
C ALA D 395 1.19 -47.20 -26.40
N ASP D 396 1.79 -48.15 -27.12
CA ASP D 396 1.22 -48.52 -28.40
C ASP D 396 0.25 -49.70 -28.32
N GLU D 397 -0.20 -50.09 -27.13
CA GLU D 397 -1.13 -51.20 -27.01
C GLU D 397 -2.51 -50.67 -26.63
N ILE D 398 -3.55 -51.48 -26.87
CA ILE D 398 -4.91 -51.06 -26.55
C ILE D 398 -5.47 -51.98 -25.48
N THR D 399 -6.15 -51.39 -24.50
CA THR D 399 -6.84 -52.16 -23.45
C THR D 399 -8.18 -52.60 -24.03
N LEU D 400 -8.44 -53.90 -23.96
CA LEU D 400 -9.67 -54.43 -24.61
C LEU D 400 -10.50 -55.22 -23.62
N GLN D 401 -11.79 -54.96 -23.59
CA GLN D 401 -12.71 -55.73 -22.75
C GLN D 401 -13.21 -56.95 -23.53
N GLN D 402 -13.69 -57.97 -22.83
CA GLN D 402 -14.23 -59.18 -23.49
C GLN D 402 -15.46 -58.82 -24.33
N ALA D 403 -15.61 -59.44 -25.49
CA ALA D 403 -16.76 -59.22 -26.39
C ALA D 403 -16.59 -57.94 -27.19
N ASP D 404 -15.39 -57.39 -27.16
CA ASP D 404 -15.12 -56.16 -27.93
C ASP D 404 -14.82 -56.58 -29.36
N ILE D 405 -15.30 -55.79 -30.30
CA ILE D 405 -15.08 -56.08 -31.71
C ILE D 405 -13.96 -55.18 -32.21
N VAL D 406 -12.96 -55.78 -32.86
CA VAL D 406 -11.79 -55.05 -33.33
C VAL D 406 -11.64 -55.29 -34.83
N LEU D 407 -11.41 -54.21 -35.58
CA LEU D 407 -11.04 -54.27 -36.98
C LEU D 407 -9.53 -54.41 -37.11
N VAL D 408 -9.08 -55.48 -37.75
CA VAL D 408 -7.66 -55.80 -37.80
C VAL D 408 -6.99 -55.00 -38.93
N LEU D 409 -5.97 -54.21 -38.57
CA LEU D 409 -5.19 -53.46 -39.55
C LEU D 409 -3.88 -54.13 -39.92
N GLN D 410 -3.32 -54.94 -39.03
CA GLN D 410 -2.01 -55.51 -39.25
C GLN D 410 -1.83 -56.72 -38.33
N GLU D 411 -1.22 -57.78 -38.86
CA GLU D 411 -0.86 -58.95 -38.08
C GLU D 411 0.62 -59.23 -38.23
N GLU D 412 1.27 -59.58 -37.13
CA GLU D 412 2.71 -59.84 -37.12
C GLU D 412 3.08 -60.68 -35.91
N ASP D 413 3.59 -61.89 -36.13
CA ASP D 413 4.28 -62.68 -35.09
C ASP D 413 3.51 -62.69 -33.77
N GLY D 414 2.23 -63.04 -33.86
CA GLY D 414 1.43 -63.18 -32.67
C GLY D 414 0.79 -61.92 -32.17
N TRP D 415 0.88 -60.80 -32.89
CA TRP D 415 0.32 -59.55 -32.41
C TRP D 415 -0.56 -58.94 -33.49
N LEU D 416 -1.68 -58.36 -33.06
CA LEU D 416 -2.59 -57.66 -33.94
C LEU D 416 -2.56 -56.16 -33.67
N HIS D 417 -2.66 -55.39 -34.75
CA HIS D 417 -2.84 -53.95 -34.69
C HIS D 417 -4.27 -53.68 -35.14
N GLY D 418 -5.09 -53.14 -34.25
CA GLY D 418 -6.51 -53.05 -34.52
C GLY D 418 -7.12 -51.73 -34.11
N GLU D 419 -8.31 -51.48 -34.64
CA GLU D 419 -9.17 -50.37 -34.26
C GLU D 419 -10.46 -50.90 -33.67
N ARG D 420 -10.81 -50.45 -32.46
CA ARG D 420 -12.04 -50.92 -31.77
C ARG D 420 -13.27 -50.35 -32.44
N LEU D 421 -14.31 -51.17 -32.51
CA LEU D 421 -15.52 -50.80 -33.23
C LEU D 421 -16.29 -49.69 -32.51
N ARG D 422 -16.47 -49.81 -31.19
CA ARG D 422 -17.33 -48.90 -30.45
C ARG D 422 -16.78 -47.48 -30.47
N ASP D 423 -15.47 -47.31 -30.23
CA ASP D 423 -14.92 -45.99 -30.00
C ASP D 423 -13.72 -45.62 -30.87
N GLY D 424 -13.26 -46.50 -31.78
CA GLY D 424 -12.15 -46.12 -32.63
C GLY D 424 -10.78 -46.13 -32.00
N GLU D 425 -10.66 -46.55 -30.74
CA GLU D 425 -9.32 -46.68 -30.16
C GLU D 425 -8.51 -47.71 -30.93
N THR D 426 -7.21 -47.47 -31.00
CA THR D 426 -6.27 -48.20 -31.84
C THR D 426 -5.09 -48.68 -31.00
N GLY D 427 -4.58 -49.87 -31.30
CA GLY D 427 -3.37 -50.31 -30.64
C GLY D 427 -3.11 -51.77 -30.93
N TRP D 428 -1.96 -52.22 -30.41
CA TRP D 428 -1.51 -53.58 -30.56
C TRP D 428 -2.04 -54.42 -29.41
N PHE D 429 -2.33 -55.69 -29.68
CA PHE D 429 -2.70 -56.65 -28.65
C PHE D 429 -2.40 -58.05 -29.18
N PRO D 430 -2.22 -59.03 -28.28
CA PRO D 430 -1.87 -60.38 -28.75
C PRO D 430 -3.05 -61.05 -29.46
N GLU D 431 -2.76 -61.77 -30.56
CA GLU D 431 -3.88 -62.41 -31.24
C GLU D 431 -4.43 -63.55 -30.42
N SER D 432 -3.63 -64.07 -29.47
CA SER D 432 -4.09 -65.05 -28.51
C SER D 432 -5.42 -64.67 -27.86
N PHE D 433 -5.75 -63.38 -27.83
CA PHE D 433 -6.88 -62.85 -27.08
C PHE D 433 -8.11 -62.59 -27.93
N ALA D 434 -8.13 -63.03 -29.19
CA ALA D 434 -9.30 -62.79 -30.01
C ALA D 434 -9.53 -63.94 -30.98
N HIS D 435 -10.73 -63.98 -31.55
CA HIS D 435 -11.10 -64.97 -32.55
C HIS D 435 -11.79 -64.30 -33.73
N SER D 436 -11.64 -64.91 -34.90
CA SER D 436 -12.12 -64.28 -36.12
C SER D 436 -13.64 -64.32 -36.19
N ILE D 437 -14.19 -63.36 -36.91
CA ILE D 437 -15.61 -63.29 -37.19
C ILE D 437 -15.75 -63.47 -38.69
N THR D 438 -16.33 -64.60 -39.08
CA THR D 438 -16.36 -64.98 -40.48
C THR D 438 -17.76 -64.90 -41.07
N SER D 439 -18.79 -64.83 -40.24
CA SER D 439 -20.15 -64.71 -40.74
C SER D 439 -20.32 -63.37 -41.43
N ARG D 440 -20.67 -63.41 -42.72
CA ARG D 440 -20.88 -62.17 -43.47
C ARG D 440 -22.00 -61.34 -42.86
N VAL D 441 -23.03 -61.98 -42.32
CA VAL D 441 -24.12 -61.22 -41.72
C VAL D 441 -23.66 -60.57 -40.42
N ALA D 442 -22.75 -61.23 -39.69
CA ALA D 442 -22.21 -60.64 -38.48
C ALA D 442 -21.30 -59.47 -38.81
N VAL D 443 -20.44 -59.63 -39.83
CA VAL D 443 -19.52 -58.56 -40.21
C VAL D 443 -20.30 -57.33 -40.66
N GLU D 444 -21.30 -57.51 -41.52
CA GLU D 444 -22.05 -56.36 -42.02
C GLU D 444 -22.87 -55.71 -40.91
N GLY D 445 -23.48 -56.53 -40.04
CA GLY D 445 -24.18 -55.99 -38.88
C GLY D 445 -23.25 -55.18 -37.97
N ASN D 446 -22.02 -55.66 -37.77
CA ASN D 446 -21.07 -54.90 -36.96
C ASN D 446 -20.75 -53.56 -37.60
N VAL D 447 -20.67 -53.51 -38.93
CA VAL D 447 -20.35 -52.25 -39.60
C VAL D 447 -21.47 -51.24 -39.36
N ARG D 448 -22.73 -51.69 -39.50
CA ARG D 448 -23.85 -50.80 -39.24
C ARG D 448 -23.86 -50.35 -37.78
N ARG D 449 -23.62 -51.28 -36.85
CA ARG D 449 -23.57 -50.92 -35.43
C ARG D 449 -22.47 -49.91 -35.16
N MET D 450 -21.32 -50.04 -35.82
CA MET D 450 -20.26 -49.06 -35.65
C MET D 450 -20.77 -47.66 -35.95
N GLU D 451 -21.60 -47.52 -36.99
CA GLU D 451 -22.15 -46.21 -37.33
C GLU D 451 -23.05 -45.67 -36.22
N ARG D 452 -23.89 -46.53 -35.63
CA ARG D 452 -24.79 -46.05 -34.59
C ARG D 452 -24.01 -45.64 -33.34
N LEU D 453 -22.85 -46.24 -33.11
CA LEU D 453 -22.12 -46.07 -31.86
C LEU D 453 -21.13 -44.91 -31.88
N ARG D 454 -20.78 -44.38 -33.05
CA ARG D 454 -19.68 -43.42 -33.13
C ARG D 454 -20.17 -41.99 -32.96
N VAL D 455 -19.27 -41.14 -32.47
CA VAL D 455 -19.61 -39.76 -32.15
C VAL D 455 -18.88 -38.83 -33.14
S SO4 E . -7.20 50.77 21.12
O1 SO4 E . -6.15 49.75 21.25
O2 SO4 E . -8.46 50.28 21.71
O3 SO4 E . -7.40 51.13 19.70
O4 SO4 E . -6.76 51.93 21.89
S SO4 F . 8.02 62.41 -23.97
O1 SO4 F . 7.65 61.04 -23.63
O2 SO4 F . 9.11 62.38 -24.96
O3 SO4 F . 8.48 63.12 -22.78
O4 SO4 F . 6.83 63.08 -24.50
S SO4 G . 43.02 42.78 33.97
O1 SO4 G . 44.25 42.19 33.55
O2 SO4 G . 42.34 41.89 34.86
O3 SO4 G . 42.20 43.00 32.83
O4 SO4 G . 43.27 44.02 34.63
S SO4 H . 5.01 29.65 -15.75
O1 SO4 H . 5.03 28.21 -16.00
O2 SO4 H . 3.68 30.07 -15.27
O3 SO4 H . 6.03 29.95 -14.75
O4 SO4 H . 5.34 30.37 -16.99
S SO4 I . -32.10 28.47 14.30
O1 SO4 I . -31.82 27.07 13.94
O2 SO4 I . -33.03 29.03 13.30
O3 SO4 I . -30.87 29.25 14.30
O4 SO4 I . -32.62 28.45 15.68
S SO4 J . 30.65 -0.81 18.34
O1 SO4 J . 30.68 -2.06 17.65
O2 SO4 J . 30.71 -1.03 19.74
O3 SO4 J . 31.78 -0.02 17.94
O4 SO4 J . 29.46 -0.11 18.01
S SO4 K . -0.39 -38.67 5.01
O1 SO4 K . 0.01 -38.68 3.59
O2 SO4 K . -0.99 -39.95 5.32
O3 SO4 K . 0.79 -38.48 5.85
O4 SO4 K . -1.30 -37.57 5.25
S SO4 L . 14.74 -26.58 -14.95
O1 SO4 L . 13.44 -26.84 -15.57
O2 SO4 L . 15.76 -27.12 -15.86
O3 SO4 L . 14.90 -27.21 -13.62
O4 SO4 L . 14.82 -25.13 -14.79
S SO4 M . -30.54 -0.91 -22.33
O1 SO4 M . -30.49 -1.66 -23.54
O2 SO4 M . -31.87 -0.92 -21.82
O3 SO4 M . -30.15 0.45 -22.59
O4 SO4 M . -29.67 -1.48 -21.38
S SO4 N . 22.24 -46.32 -46.17
O1 SO4 N . 23.08 -45.93 -47.26
O2 SO4 N . 21.91 -47.70 -46.28
O3 SO4 N . 22.94 -46.09 -44.95
O4 SO4 N . 21.05 -45.55 -46.19
S SO4 O . 6.62 -42.13 -9.46
O1 SO4 O . 6.84 -42.94 -10.62
O2 SO4 O . 5.26 -42.25 -9.05
O3 SO4 O . 7.47 -42.58 -8.41
O4 SO4 O . 6.92 -40.78 -9.77
S SO4 P . -10.56 -51.88 9.49
O1 SO4 P . -11.15 -53.01 8.78
O2 SO4 P . -10.83 -52.03 10.93
O3 SO4 P . -11.20 -50.65 9.03
O4 SO4 P . -9.11 -51.89 9.25
S SO4 Q . -44.93 -44.56 -29.56
O1 SO4 Q . -44.83 -44.34 -30.99
O2 SO4 Q . -45.73 -45.75 -29.30
O3 SO4 Q . -43.57 -44.79 -29.07
O4 SO4 Q . -45.47 -43.38 -28.89
#